data_8PK7
# 
_entry.id   8PK7 
# 
_audit_conform.dict_name       mmcif_pdbx.dic 
_audit_conform.dict_version    5.401 
_audit_conform.dict_location   http://mmcif.pdb.org/dictionaries/ascii/mmcif_pdbx.dic 
# 
loop_
_database_2.database_id 
_database_2.database_code 
_database_2.pdbx_database_accession 
_database_2.pdbx_DOI 
PDB   8PK7         pdb_00008pk7 10.2210/pdb8pk7/pdb 
WWPDB D_1292131481 ?            ?                   
EMDB  EMD-17729    ?            ?                   
# 
loop_
_pdbx_audit_revision_history.ordinal 
_pdbx_audit_revision_history.data_content_type 
_pdbx_audit_revision_history.major_revision 
_pdbx_audit_revision_history.minor_revision 
_pdbx_audit_revision_history.revision_date 
1 'Structure model' 1 0 2024-08-14 
2 'Structure model' 1 1 2025-01-22 
# 
_pdbx_audit_revision_details.ordinal             1 
_pdbx_audit_revision_details.revision_ordinal    1 
_pdbx_audit_revision_details.data_content_type   'Structure model' 
_pdbx_audit_revision_details.provider            repository 
_pdbx_audit_revision_details.type                'Initial release' 
_pdbx_audit_revision_details.description         ? 
_pdbx_audit_revision_details.details             ? 
# 
loop_
_pdbx_audit_revision_group.ordinal 
_pdbx_audit_revision_group.revision_ordinal 
_pdbx_audit_revision_group.data_content_type 
_pdbx_audit_revision_group.group 
1 2 'Structure model' 'Data collection'     
2 2 'Structure model' 'Database references' 
3 2 'Structure model' 'Structure summary'   
# 
loop_
_pdbx_audit_revision_category.ordinal 
_pdbx_audit_revision_category.revision_ordinal 
_pdbx_audit_revision_category.data_content_type 
_pdbx_audit_revision_category.category 
1 2 'Structure model' citation           
2 2 'Structure model' citation_author    
3 2 'Structure model' em_admin           
4 2 'Structure model' pdbx_entry_details 
# 
loop_
_pdbx_audit_revision_item.ordinal 
_pdbx_audit_revision_item.revision_ordinal 
_pdbx_audit_revision_item.data_content_type 
_pdbx_audit_revision_item.item 
1  2 'Structure model' '_citation.country'                            
2  2 'Structure model' '_citation.journal_abbrev'                     
3  2 'Structure model' '_citation.journal_id_CSD'                     
4  2 'Structure model' '_citation.journal_id_ISSN'                    
5  2 'Structure model' '_citation.journal_volume'                     
6  2 'Structure model' '_citation.page_first'                         
7  2 'Structure model' '_citation.page_last'                          
8  2 'Structure model' '_citation.pdbx_database_id_DOI'               
9  2 'Structure model' '_citation.pdbx_database_id_PubMed'            
10 2 'Structure model' '_citation.title'                              
11 2 'Structure model' '_citation.year'                               
12 2 'Structure model' '_em_admin.last_update'                        
13 2 'Structure model' '_pdbx_entry_details.has_protein_modification' 
# 
_pdbx_database_status.status_code                     REL 
_pdbx_database_status.status_code_sf                  ? 
_pdbx_database_status.status_code_mr                  ? 
_pdbx_database_status.entry_id                        8PK7 
_pdbx_database_status.recvd_initial_deposition_date   2023-06-25 
_pdbx_database_status.SG_entry                        N 
_pdbx_database_status.deposit_site                    PDBE 
_pdbx_database_status.process_site                    PDBE 
_pdbx_database_status.status_code_cs                  ? 
_pdbx_database_status.status_code_nmr_data            ? 
_pdbx_database_status.methods_development_category    ? 
_pdbx_database_status.pdb_format_compatible           Y 
# 
loop_
_pdbx_database_related.db_name 
_pdbx_database_related.details 
_pdbx_database_related.db_id 
_pdbx_database_related.content_type 
EMDB .                                                        EMD-17678 'other EM volume'      
EMDB 'Helical reconstruction of CHIKV nsP3 helical scaffolds' EMD-17729 'associated EM volume' 
# 
_pdbx_contact_author.id                 2 
_pdbx_contact_author.email              juan.reguera@inserm.fr 
_pdbx_contact_author.name_first         Juan 
_pdbx_contact_author.name_last          Reguera 
_pdbx_contact_author.name_mi            ? 
_pdbx_contact_author.role               'principal investigator/group leader' 
_pdbx_contact_author.identifier_ORCID   0000-0003-4977-7948 
# 
loop_
_audit_author.name 
_audit_author.pdbx_ordinal 
_audit_author.identifier_ORCID 
'Reguera, J.'    1 0000-0003-4977-7948 
'Hons, M.'       2 0000-0002-8317-7631 
'Zimberger, C.'  3 0000-0002-2499-9176 
'Ptchelkine, D.' 4 0000-0001-8821-3200 
'Jones, R.'      5 0000-0001-5513-5939 
'Desfosses, A.'  6 0000-0002-6525-5042 
# 
_citation.abstract                  ? 
_citation.abstract_id_CAS           ? 
_citation.book_id_ISBN              ? 
_citation.book_publisher            ? 
_citation.book_publisher_city       ? 
_citation.book_title                ? 
_citation.coordinate_linkage        ? 
_citation.country                   UK 
_citation.database_id_Medline       ? 
_citation.details                   ? 
_citation.id                        primary 
_citation.journal_abbrev            'Nat Commun' 
_citation.journal_id_ASTM           ? 
_citation.journal_id_CSD            ? 
_citation.journal_id_ISSN           2041-1723 
_citation.journal_full              ? 
_citation.journal_issue             ? 
_citation.journal_volume            15 
_citation.language                  ? 
_citation.page_first                8106 
_citation.page_last                 8106 
_citation.title                     
'Alphavirus nsP3 organizes into tubular scaffolds essential for infection and the cytoplasmic granule architecture.' 
_citation.year                      2024 
_citation.database_id_CSD           ? 
_citation.pdbx_database_id_DOI      10.1038/s41467-024-51952-z 
_citation.pdbx_database_id_PubMed   39285216 
_citation.pdbx_database_id_patent   ? 
_citation.unpublished_flag          ? 
# 
loop_
_citation_author.citation_id 
_citation_author.name 
_citation_author.ordinal 
_citation_author.identifier_ORCID 
primary 'Kril, V.'             1  ?                   
primary 'Hons, M.'             2  0000-0002-8317-7631 
primary 'Amadori, C.'          3  ?                   
primary 'Zimberger, C.'        4  0000-0002-2499-9176 
primary 'Couture, L.'          5  ?                   
primary 'Bouery, Y.'           6  ?                   
primary 'Burlaud-Gaillard, J.' 7  ?                   
primary 'Karpov, A.'           8  ?                   
primary 'Ptchelkine, D.'       9  ?                   
primary 'Thienel, A.L.'        10 0009-0009-1698-5290 
primary 'Kummerer, B.M.'       11 0000-0002-9011-2764 
primary 'Desfosses, A.'        12 0000-0002-6525-5042 
primary 'Jones, R.'            13 0000-0001-5513-5939 
primary 'Roingeard, P.'        14 0000-0001-9131-3341 
primary 'Meertens, L.'         15 0000-0003-2811-3675 
primary 'Amara, A.'            16 0000-0002-0283-1815 
primary 'Reguera, J.'          17 0000-0003-4977-7948 
# 
loop_
_entity.id 
_entity.type 
_entity.src_method 
_entity.pdbx_description 
_entity.formula_weight 
_entity.pdbx_number_of_molecules 
_entity.pdbx_ec 
_entity.pdbx_mutation 
_entity.pdbx_fragment 
_entity.details 
1 polymer     man 'Non-structural protein 3' 57418.207 1 3.1.3.84 ? ? ? 
2 non-polymer syn 'ZINC ION'                 65.409    1 ?        ? ? ? 
# 
_entity_name_com.entity_id   1 
_entity_name_com.name        nsP3 
# 
_entity_poly.entity_id                      1 
_entity_poly.type                           'polypeptide(L)' 
_entity_poly.nstd_linkage                   no 
_entity_poly.nstd_monomer                   no 
_entity_poly.pdbx_seq_one_letter_code       
;APSYRVKRMDIAKNDEECVVNAANPRGLPGDGVCKAVYKKWPESFKNSATPVGTAKTVMCGTYPVIHAVGPNFSNYSESE
GDRELAAAYREVAKEVTRLGVNSVAIPLLSTGVYSGGKDRLTQSLNHLFTAMDSTDADVVIYCRDKEWEKKISEAIQMRT
QVELLDEHISIDCDVVRVHPDSSLAGRKGYSTTEGALYSYLEGTRFHQTAVDMAEIYTMWPKQTEANEQVCLYALGESIE
SIRQKCPVDDADASSPPKTVPCLCRYAMTPERVTRLRMNHVTSIIVCSSFPLPKYKIEGVQKVKCSKVMLFDHNVPSRVS
PREYRPSQESVQEASTTTSLTHSQFDLSVDGKILPVPSDLDADAPALEPALDDGAIHTLPSATGNLAAVSDWVMSTVPVA
PPRRRRGRNLTVTCDEREGNITPMASVRFFRAELCPVVQETAETRDTAMSLQAPPSTATELSHPPISFGAPSETFPITFG
DFNEGEIESLSSELLTFGDFLPGEVDDLTDSDWSTCSDTDDEL
;
_entity_poly.pdbx_seq_one_letter_code_can   
;APSYRVKRMDIAKNDEECVVNAANPRGLPGDGVCKAVYKKWPESFKNSATPVGTAKTVMCGTYPVIHAVGPNFSNYSESE
GDRELAAAYREVAKEVTRLGVNSVAIPLLSTGVYSGGKDRLTQSLNHLFTAMDSTDADVVIYCRDKEWEKKISEAIQMRT
QVELLDEHISIDCDVVRVHPDSSLAGRKGYSTTEGALYSYLEGTRFHQTAVDMAEIYTMWPKQTEANEQVCLYALGESIE
SIRQKCPVDDADASSPPKTVPCLCRYAMTPERVTRLRMNHVTSIIVCSSFPLPKYKIEGVQKVKCSKVMLFDHNVPSRVS
PREYRPSQESVQEASTTTSLTHSQFDLSVDGKILPVPSDLDADAPALEPALDDGAIHTLPSATGNLAAVSDWVMSTVPVA
PPRRRRGRNLTVTCDEREGNITPMASVRFFRAELCPVVQETAETRDTAMSLQAPPSTATELSHPPISFGAPSETFPITFG
DFNEGEIESLSSELLTFGDFLPGEVDDLTDSDWSTCSDTDDEL
;
_entity_poly.pdbx_strand_id                 A 
_entity_poly.pdbx_target_identifier         ? 
# 
_pdbx_entity_nonpoly.entity_id   2 
_pdbx_entity_nonpoly.name        'ZINC ION' 
_pdbx_entity_nonpoly.comp_id     ZN 
# 
loop_
_entity_poly_seq.entity_id 
_entity_poly_seq.num 
_entity_poly_seq.mon_id 
_entity_poly_seq.hetero 
1 1   ALA n 
1 2   PRO n 
1 3   SER n 
1 4   TYR n 
1 5   ARG n 
1 6   VAL n 
1 7   LYS n 
1 8   ARG n 
1 9   MET n 
1 10  ASP n 
1 11  ILE n 
1 12  ALA n 
1 13  LYS n 
1 14  ASN n 
1 15  ASP n 
1 16  GLU n 
1 17  GLU n 
1 18  CYS n 
1 19  VAL n 
1 20  VAL n 
1 21  ASN n 
1 22  ALA n 
1 23  ALA n 
1 24  ASN n 
1 25  PRO n 
1 26  ARG n 
1 27  GLY n 
1 28  LEU n 
1 29  PRO n 
1 30  GLY n 
1 31  ASP n 
1 32  GLY n 
1 33  VAL n 
1 34  CYS n 
1 35  LYS n 
1 36  ALA n 
1 37  VAL n 
1 38  TYR n 
1 39  LYS n 
1 40  LYS n 
1 41  TRP n 
1 42  PRO n 
1 43  GLU n 
1 44  SER n 
1 45  PHE n 
1 46  LYS n 
1 47  ASN n 
1 48  SER n 
1 49  ALA n 
1 50  THR n 
1 51  PRO n 
1 52  VAL n 
1 53  GLY n 
1 54  THR n 
1 55  ALA n 
1 56  LYS n 
1 57  THR n 
1 58  VAL n 
1 59  MET n 
1 60  CYS n 
1 61  GLY n 
1 62  THR n 
1 63  TYR n 
1 64  PRO n 
1 65  VAL n 
1 66  ILE n 
1 67  HIS n 
1 68  ALA n 
1 69  VAL n 
1 70  GLY n 
1 71  PRO n 
1 72  ASN n 
1 73  PHE n 
1 74  SER n 
1 75  ASN n 
1 76  TYR n 
1 77  SER n 
1 78  GLU n 
1 79  SER n 
1 80  GLU n 
1 81  GLY n 
1 82  ASP n 
1 83  ARG n 
1 84  GLU n 
1 85  LEU n 
1 86  ALA n 
1 87  ALA n 
1 88  ALA n 
1 89  TYR n 
1 90  ARG n 
1 91  GLU n 
1 92  VAL n 
1 93  ALA n 
1 94  LYS n 
1 95  GLU n 
1 96  VAL n 
1 97  THR n 
1 98  ARG n 
1 99  LEU n 
1 100 GLY n 
1 101 VAL n 
1 102 ASN n 
1 103 SER n 
1 104 VAL n 
1 105 ALA n 
1 106 ILE n 
1 107 PRO n 
1 108 LEU n 
1 109 LEU n 
1 110 SER n 
1 111 THR n 
1 112 GLY n 
1 113 VAL n 
1 114 TYR n 
1 115 SER n 
1 116 GLY n 
1 117 GLY n 
1 118 LYS n 
1 119 ASP n 
1 120 ARG n 
1 121 LEU n 
1 122 THR n 
1 123 GLN n 
1 124 SER n 
1 125 LEU n 
1 126 ASN n 
1 127 HIS n 
1 128 LEU n 
1 129 PHE n 
1 130 THR n 
1 131 ALA n 
1 132 MET n 
1 133 ASP n 
1 134 SER n 
1 135 THR n 
1 136 ASP n 
1 137 ALA n 
1 138 ASP n 
1 139 VAL n 
1 140 VAL n 
1 141 ILE n 
1 142 TYR n 
1 143 CYS n 
1 144 ARG n 
1 145 ASP n 
1 146 LYS n 
1 147 GLU n 
1 148 TRP n 
1 149 GLU n 
1 150 LYS n 
1 151 LYS n 
1 152 ILE n 
1 153 SER n 
1 154 GLU n 
1 155 ALA n 
1 156 ILE n 
1 157 GLN n 
1 158 MET n 
1 159 ARG n 
1 160 THR n 
1 161 GLN n 
1 162 VAL n 
1 163 GLU n 
1 164 LEU n 
1 165 LEU n 
1 166 ASP n 
1 167 GLU n 
1 168 HIS n 
1 169 ILE n 
1 170 SER n 
1 171 ILE n 
1 172 ASP n 
1 173 CYS n 
1 174 ASP n 
1 175 VAL n 
1 176 VAL n 
1 177 ARG n 
1 178 VAL n 
1 179 HIS n 
1 180 PRO n 
1 181 ASP n 
1 182 SER n 
1 183 SER n 
1 184 LEU n 
1 185 ALA n 
1 186 GLY n 
1 187 ARG n 
1 188 LYS n 
1 189 GLY n 
1 190 TYR n 
1 191 SER n 
1 192 THR n 
1 193 THR n 
1 194 GLU n 
1 195 GLY n 
1 196 ALA n 
1 197 LEU n 
1 198 TYR n 
1 199 SER n 
1 200 TYR n 
1 201 LEU n 
1 202 GLU n 
1 203 GLY n 
1 204 THR n 
1 205 ARG n 
1 206 PHE n 
1 207 HIS n 
1 208 GLN n 
1 209 THR n 
1 210 ALA n 
1 211 VAL n 
1 212 ASP n 
1 213 MET n 
1 214 ALA n 
1 215 GLU n 
1 216 ILE n 
1 217 TYR n 
1 218 THR n 
1 219 MET n 
1 220 TRP n 
1 221 PRO n 
1 222 LYS n 
1 223 GLN n 
1 224 THR n 
1 225 GLU n 
1 226 ALA n 
1 227 ASN n 
1 228 GLU n 
1 229 GLN n 
1 230 VAL n 
1 231 CYS n 
1 232 LEU n 
1 233 TYR n 
1 234 ALA n 
1 235 LEU n 
1 236 GLY n 
1 237 GLU n 
1 238 SER n 
1 239 ILE n 
1 240 GLU n 
1 241 SER n 
1 242 ILE n 
1 243 ARG n 
1 244 GLN n 
1 245 LYS n 
1 246 CYS n 
1 247 PRO n 
1 248 VAL n 
1 249 ASP n 
1 250 ASP n 
1 251 ALA n 
1 252 ASP n 
1 253 ALA n 
1 254 SER n 
1 255 SER n 
1 256 PRO n 
1 257 PRO n 
1 258 LYS n 
1 259 THR n 
1 260 VAL n 
1 261 PRO n 
1 262 CYS n 
1 263 LEU n 
1 264 CYS n 
1 265 ARG n 
1 266 TYR n 
1 267 ALA n 
1 268 MET n 
1 269 THR n 
1 270 PRO n 
1 271 GLU n 
1 272 ARG n 
1 273 VAL n 
1 274 THR n 
1 275 ARG n 
1 276 LEU n 
1 277 ARG n 
1 278 MET n 
1 279 ASN n 
1 280 HIS n 
1 281 VAL n 
1 282 THR n 
1 283 SER n 
1 284 ILE n 
1 285 ILE n 
1 286 VAL n 
1 287 CYS n 
1 288 SER n 
1 289 SER n 
1 290 PHE n 
1 291 PRO n 
1 292 LEU n 
1 293 PRO n 
1 294 LYS n 
1 295 TYR n 
1 296 LYS n 
1 297 ILE n 
1 298 GLU n 
1 299 GLY n 
1 300 VAL n 
1 301 GLN n 
1 302 LYS n 
1 303 VAL n 
1 304 LYS n 
1 305 CYS n 
1 306 SER n 
1 307 LYS n 
1 308 VAL n 
1 309 MET n 
1 310 LEU n 
1 311 PHE n 
1 312 ASP n 
1 313 HIS n 
1 314 ASN n 
1 315 VAL n 
1 316 PRO n 
1 317 SER n 
1 318 ARG n 
1 319 VAL n 
1 320 SER n 
1 321 PRO n 
1 322 ARG n 
1 323 GLU n 
1 324 TYR n 
1 325 ARG n 
1 326 PRO n 
1 327 SER n 
1 328 GLN n 
1 329 GLU n 
1 330 SER n 
1 331 VAL n 
1 332 GLN n 
1 333 GLU n 
1 334 ALA n 
1 335 SER n 
1 336 THR n 
1 337 THR n 
1 338 THR n 
1 339 SER n 
1 340 LEU n 
1 341 THR n 
1 342 HIS n 
1 343 SER n 
1 344 GLN n 
1 345 PHE n 
1 346 ASP n 
1 347 LEU n 
1 348 SER n 
1 349 VAL n 
1 350 ASP n 
1 351 GLY n 
1 352 LYS n 
1 353 ILE n 
1 354 LEU n 
1 355 PRO n 
1 356 VAL n 
1 357 PRO n 
1 358 SER n 
1 359 ASP n 
1 360 LEU n 
1 361 ASP n 
1 362 ALA n 
1 363 ASP n 
1 364 ALA n 
1 365 PRO n 
1 366 ALA n 
1 367 LEU n 
1 368 GLU n 
1 369 PRO n 
1 370 ALA n 
1 371 LEU n 
1 372 ASP n 
1 373 ASP n 
1 374 GLY n 
1 375 ALA n 
1 376 ILE n 
1 377 HIS n 
1 378 THR n 
1 379 LEU n 
1 380 PRO n 
1 381 SER n 
1 382 ALA n 
1 383 THR n 
1 384 GLY n 
1 385 ASN n 
1 386 LEU n 
1 387 ALA n 
1 388 ALA n 
1 389 VAL n 
1 390 SER n 
1 391 ASP n 
1 392 TRP n 
1 393 VAL n 
1 394 MET n 
1 395 SER n 
1 396 THR n 
1 397 VAL n 
1 398 PRO n 
1 399 VAL n 
1 400 ALA n 
1 401 PRO n 
1 402 PRO n 
1 403 ARG n 
1 404 ARG n 
1 405 ARG n 
1 406 ARG n 
1 407 GLY n 
1 408 ARG n 
1 409 ASN n 
1 410 LEU n 
1 411 THR n 
1 412 VAL n 
1 413 THR n 
1 414 CYS n 
1 415 ASP n 
1 416 GLU n 
1 417 ARG n 
1 418 GLU n 
1 419 GLY n 
1 420 ASN n 
1 421 ILE n 
1 422 THR n 
1 423 PRO n 
1 424 MET n 
1 425 ALA n 
1 426 SER n 
1 427 VAL n 
1 428 ARG n 
1 429 PHE n 
1 430 PHE n 
1 431 ARG n 
1 432 ALA n 
1 433 GLU n 
1 434 LEU n 
1 435 CYS n 
1 436 PRO n 
1 437 VAL n 
1 438 VAL n 
1 439 GLN n 
1 440 GLU n 
1 441 THR n 
1 442 ALA n 
1 443 GLU n 
1 444 THR n 
1 445 ARG n 
1 446 ASP n 
1 447 THR n 
1 448 ALA n 
1 449 MET n 
1 450 SER n 
1 451 LEU n 
1 452 GLN n 
1 453 ALA n 
1 454 PRO n 
1 455 PRO n 
1 456 SER n 
1 457 THR n 
1 458 ALA n 
1 459 THR n 
1 460 GLU n 
1 461 LEU n 
1 462 SER n 
1 463 HIS n 
1 464 PRO n 
1 465 PRO n 
1 466 ILE n 
1 467 SER n 
1 468 PHE n 
1 469 GLY n 
1 470 ALA n 
1 471 PRO n 
1 472 SER n 
1 473 GLU n 
1 474 THR n 
1 475 PHE n 
1 476 PRO n 
1 477 ILE n 
1 478 THR n 
1 479 PHE n 
1 480 GLY n 
1 481 ASP n 
1 482 PHE n 
1 483 ASN n 
1 484 GLU n 
1 485 GLY n 
1 486 GLU n 
1 487 ILE n 
1 488 GLU n 
1 489 SER n 
1 490 LEU n 
1 491 SER n 
1 492 SER n 
1 493 GLU n 
1 494 LEU n 
1 495 LEU n 
1 496 THR n 
1 497 PHE n 
1 498 GLY n 
1 499 ASP n 
1 500 PHE n 
1 501 LEU n 
1 502 PRO n 
1 503 GLY n 
1 504 GLU n 
1 505 VAL n 
1 506 ASP n 
1 507 ASP n 
1 508 LEU n 
1 509 THR n 
1 510 ASP n 
1 511 SER n 
1 512 ASP n 
1 513 TRP n 
1 514 SER n 
1 515 THR n 
1 516 CYS n 
1 517 SER n 
1 518 ASP n 
1 519 THR n 
1 520 ASP n 
1 521 ASP n 
1 522 GLU n 
1 523 LEU n 
# 
_entity_src_gen.entity_id                          1 
_entity_src_gen.pdbx_src_id                        1 
_entity_src_gen.pdbx_alt_source_flag               sample 
_entity_src_gen.pdbx_seq_type                      'Biological sequence' 
_entity_src_gen.pdbx_beg_seq_num                   1 
_entity_src_gen.pdbx_end_seq_num                   523 
_entity_src_gen.gene_src_common_name               ? 
_entity_src_gen.gene_src_genus                     ? 
_entity_src_gen.pdbx_gene_src_gene                 ? 
_entity_src_gen.gene_src_species                   ? 
_entity_src_gen.gene_src_strain                    ? 
_entity_src_gen.gene_src_tissue                    ? 
_entity_src_gen.gene_src_tissue_fraction           ? 
_entity_src_gen.gene_src_details                   ? 
_entity_src_gen.pdbx_gene_src_fragment             ? 
_entity_src_gen.pdbx_gene_src_scientific_name      'Chikungunya virus strain S27-African prototype' 
_entity_src_gen.pdbx_gene_src_ncbi_taxonomy_id     371094 
_entity_src_gen.pdbx_gene_src_variant              ? 
_entity_src_gen.pdbx_gene_src_cell_line            ? 
_entity_src_gen.pdbx_gene_src_atcc                 ? 
_entity_src_gen.pdbx_gene_src_organ                ? 
_entity_src_gen.pdbx_gene_src_organelle            ? 
_entity_src_gen.pdbx_gene_src_cell                 ? 
_entity_src_gen.pdbx_gene_src_cellular_location    ? 
_entity_src_gen.host_org_common_name               ? 
_entity_src_gen.pdbx_host_org_scientific_name      'Trichoplusia ni' 
_entity_src_gen.pdbx_host_org_ncbi_taxonomy_id     7111 
_entity_src_gen.host_org_genus                     ? 
_entity_src_gen.pdbx_host_org_gene                 ? 
_entity_src_gen.pdbx_host_org_organ                ? 
_entity_src_gen.host_org_species                   ? 
_entity_src_gen.pdbx_host_org_tissue               ? 
_entity_src_gen.pdbx_host_org_tissue_fraction      ? 
_entity_src_gen.pdbx_host_org_strain               ? 
_entity_src_gen.pdbx_host_org_variant              ? 
_entity_src_gen.pdbx_host_org_cell_line            ? 
_entity_src_gen.pdbx_host_org_atcc                 ? 
_entity_src_gen.pdbx_host_org_culture_collection   ? 
_entity_src_gen.pdbx_host_org_cell                 ? 
_entity_src_gen.pdbx_host_org_organelle            ? 
_entity_src_gen.pdbx_host_org_cellular_location    ? 
_entity_src_gen.pdbx_host_org_vector_type          ? 
_entity_src_gen.pdbx_host_org_vector               ? 
_entity_src_gen.host_org_details                   ? 
_entity_src_gen.expression_system_id               ? 
_entity_src_gen.plasmid_name                       ? 
_entity_src_gen.plasmid_details                    ? 
_entity_src_gen.pdbx_description                   ? 
# 
loop_
_chem_comp.id 
_chem_comp.type 
_chem_comp.mon_nstd_flag 
_chem_comp.name 
_chem_comp.pdbx_synonyms 
_chem_comp.formula 
_chem_comp.formula_weight 
ALA 'L-peptide linking' y ALANINE         ? 'C3 H7 N O2'     89.093  
ARG 'L-peptide linking' y ARGININE        ? 'C6 H15 N4 O2 1' 175.209 
ASN 'L-peptide linking' y ASPARAGINE      ? 'C4 H8 N2 O3'    132.118 
ASP 'L-peptide linking' y 'ASPARTIC ACID' ? 'C4 H7 N O4'     133.103 
CYS 'L-peptide linking' y CYSTEINE        ? 'C3 H7 N O2 S'   121.158 
GLN 'L-peptide linking' y GLUTAMINE       ? 'C5 H10 N2 O3'   146.144 
GLU 'L-peptide linking' y 'GLUTAMIC ACID' ? 'C5 H9 N O4'     147.129 
GLY 'peptide linking'   y GLYCINE         ? 'C2 H5 N O2'     75.067  
HIS 'L-peptide linking' y HISTIDINE       ? 'C6 H10 N3 O2 1' 156.162 
ILE 'L-peptide linking' y ISOLEUCINE      ? 'C6 H13 N O2'    131.173 
LEU 'L-peptide linking' y LEUCINE         ? 'C6 H13 N O2'    131.173 
LYS 'L-peptide linking' y LYSINE          ? 'C6 H15 N2 O2 1' 147.195 
MET 'L-peptide linking' y METHIONINE      ? 'C5 H11 N O2 S'  149.211 
PHE 'L-peptide linking' y PHENYLALANINE   ? 'C9 H11 N O2'    165.189 
PRO 'L-peptide linking' y PROLINE         ? 'C5 H9 N O2'     115.130 
SER 'L-peptide linking' y SERINE          ? 'C3 H7 N O3'     105.093 
THR 'L-peptide linking' y THREONINE       ? 'C4 H9 N O3'     119.119 
TRP 'L-peptide linking' y TRYPTOPHAN      ? 'C11 H12 N2 O2'  204.225 
TYR 'L-peptide linking' y TYROSINE        ? 'C9 H11 N O3'    181.189 
VAL 'L-peptide linking' y VALINE          ? 'C5 H11 N O2'    117.146 
ZN  non-polymer         . 'ZINC ION'      ? 'Zn 2'           65.409  
# 
loop_
_pdbx_poly_seq_scheme.asym_id 
_pdbx_poly_seq_scheme.entity_id 
_pdbx_poly_seq_scheme.seq_id 
_pdbx_poly_seq_scheme.mon_id 
_pdbx_poly_seq_scheme.ndb_seq_num 
_pdbx_poly_seq_scheme.pdb_seq_num 
_pdbx_poly_seq_scheme.auth_seq_num 
_pdbx_poly_seq_scheme.pdb_mon_id 
_pdbx_poly_seq_scheme.auth_mon_id 
_pdbx_poly_seq_scheme.pdb_strand_id 
_pdbx_poly_seq_scheme.pdb_ins_code 
_pdbx_poly_seq_scheme.hetero 
A 1 1   ALA 1   1   ?   ?   ?   A . n 
A 1 2   PRO 2   2   ?   ?   ?   A . n 
A 1 3   SER 3   3   ?   ?   ?   A . n 
A 1 4   TYR 4   4   ?   ?   ?   A . n 
A 1 5   ARG 5   5   ?   ?   ?   A . n 
A 1 6   VAL 6   6   ?   ?   ?   A . n 
A 1 7   LYS 7   7   ?   ?   ?   A . n 
A 1 8   ARG 8   8   ?   ?   ?   A . n 
A 1 9   MET 9   9   ?   ?   ?   A . n 
A 1 10  ASP 10  10  ?   ?   ?   A . n 
A 1 11  ILE 11  11  ?   ?   ?   A . n 
A 1 12  ALA 12  12  ?   ?   ?   A . n 
A 1 13  LYS 13  13  ?   ?   ?   A . n 
A 1 14  ASN 14  14  ?   ?   ?   A . n 
A 1 15  ASP 15  15  ?   ?   ?   A . n 
A 1 16  GLU 16  16  ?   ?   ?   A . n 
A 1 17  GLU 17  17  ?   ?   ?   A . n 
A 1 18  CYS 18  18  ?   ?   ?   A . n 
A 1 19  VAL 19  19  ?   ?   ?   A . n 
A 1 20  VAL 20  20  ?   ?   ?   A . n 
A 1 21  ASN 21  21  ?   ?   ?   A . n 
A 1 22  ALA 22  22  ?   ?   ?   A . n 
A 1 23  ALA 23  23  ?   ?   ?   A . n 
A 1 24  ASN 24  24  ?   ?   ?   A . n 
A 1 25  PRO 25  25  ?   ?   ?   A . n 
A 1 26  ARG 26  26  ?   ?   ?   A . n 
A 1 27  GLY 27  27  ?   ?   ?   A . n 
A 1 28  LEU 28  28  ?   ?   ?   A . n 
A 1 29  PRO 29  29  ?   ?   ?   A . n 
A 1 30  GLY 30  30  ?   ?   ?   A . n 
A 1 31  ASP 31  31  ?   ?   ?   A . n 
A 1 32  GLY 32  32  ?   ?   ?   A . n 
A 1 33  VAL 33  33  ?   ?   ?   A . n 
A 1 34  CYS 34  34  ?   ?   ?   A . n 
A 1 35  LYS 35  35  ?   ?   ?   A . n 
A 1 36  ALA 36  36  ?   ?   ?   A . n 
A 1 37  VAL 37  37  ?   ?   ?   A . n 
A 1 38  TYR 38  38  ?   ?   ?   A . n 
A 1 39  LYS 39  39  ?   ?   ?   A . n 
A 1 40  LYS 40  40  ?   ?   ?   A . n 
A 1 41  TRP 41  41  ?   ?   ?   A . n 
A 1 42  PRO 42  42  ?   ?   ?   A . n 
A 1 43  GLU 43  43  ?   ?   ?   A . n 
A 1 44  SER 44  44  ?   ?   ?   A . n 
A 1 45  PHE 45  45  ?   ?   ?   A . n 
A 1 46  LYS 46  46  ?   ?   ?   A . n 
A 1 47  ASN 47  47  ?   ?   ?   A . n 
A 1 48  SER 48  48  ?   ?   ?   A . n 
A 1 49  ALA 49  49  ?   ?   ?   A . n 
A 1 50  THR 50  50  ?   ?   ?   A . n 
A 1 51  PRO 51  51  ?   ?   ?   A . n 
A 1 52  VAL 52  52  ?   ?   ?   A . n 
A 1 53  GLY 53  53  ?   ?   ?   A . n 
A 1 54  THR 54  54  ?   ?   ?   A . n 
A 1 55  ALA 55  55  ?   ?   ?   A . n 
A 1 56  LYS 56  56  ?   ?   ?   A . n 
A 1 57  THR 57  57  ?   ?   ?   A . n 
A 1 58  VAL 58  58  ?   ?   ?   A . n 
A 1 59  MET 59  59  ?   ?   ?   A . n 
A 1 60  CYS 60  60  ?   ?   ?   A . n 
A 1 61  GLY 61  61  ?   ?   ?   A . n 
A 1 62  THR 62  62  ?   ?   ?   A . n 
A 1 63  TYR 63  63  ?   ?   ?   A . n 
A 1 64  PRO 64  64  ?   ?   ?   A . n 
A 1 65  VAL 65  65  ?   ?   ?   A . n 
A 1 66  ILE 66  66  ?   ?   ?   A . n 
A 1 67  HIS 67  67  ?   ?   ?   A . n 
A 1 68  ALA 68  68  ?   ?   ?   A . n 
A 1 69  VAL 69  69  ?   ?   ?   A . n 
A 1 70  GLY 70  70  ?   ?   ?   A . n 
A 1 71  PRO 71  71  ?   ?   ?   A . n 
A 1 72  ASN 72  72  ?   ?   ?   A . n 
A 1 73  PHE 73  73  ?   ?   ?   A . n 
A 1 74  SER 74  74  ?   ?   ?   A . n 
A 1 75  ASN 75  75  ?   ?   ?   A . n 
A 1 76  TYR 76  76  ?   ?   ?   A . n 
A 1 77  SER 77  77  ?   ?   ?   A . n 
A 1 78  GLU 78  78  ?   ?   ?   A . n 
A 1 79  SER 79  79  ?   ?   ?   A . n 
A 1 80  GLU 80  80  ?   ?   ?   A . n 
A 1 81  GLY 81  81  ?   ?   ?   A . n 
A 1 82  ASP 82  82  ?   ?   ?   A . n 
A 1 83  ARG 83  83  ?   ?   ?   A . n 
A 1 84  GLU 84  84  ?   ?   ?   A . n 
A 1 85  LEU 85  85  ?   ?   ?   A . n 
A 1 86  ALA 86  86  ?   ?   ?   A . n 
A 1 87  ALA 87  87  ?   ?   ?   A . n 
A 1 88  ALA 88  88  ?   ?   ?   A . n 
A 1 89  TYR 89  89  ?   ?   ?   A . n 
A 1 90  ARG 90  90  ?   ?   ?   A . n 
A 1 91  GLU 91  91  ?   ?   ?   A . n 
A 1 92  VAL 92  92  ?   ?   ?   A . n 
A 1 93  ALA 93  93  ?   ?   ?   A . n 
A 1 94  LYS 94  94  ?   ?   ?   A . n 
A 1 95  GLU 95  95  ?   ?   ?   A . n 
A 1 96  VAL 96  96  ?   ?   ?   A . n 
A 1 97  THR 97  97  ?   ?   ?   A . n 
A 1 98  ARG 98  98  ?   ?   ?   A . n 
A 1 99  LEU 99  99  ?   ?   ?   A . n 
A 1 100 GLY 100 100 ?   ?   ?   A . n 
A 1 101 VAL 101 101 ?   ?   ?   A . n 
A 1 102 ASN 102 102 ?   ?   ?   A . n 
A 1 103 SER 103 103 ?   ?   ?   A . n 
A 1 104 VAL 104 104 ?   ?   ?   A . n 
A 1 105 ALA 105 105 ?   ?   ?   A . n 
A 1 106 ILE 106 106 ?   ?   ?   A . n 
A 1 107 PRO 107 107 ?   ?   ?   A . n 
A 1 108 LEU 108 108 ?   ?   ?   A . n 
A 1 109 LEU 109 109 ?   ?   ?   A . n 
A 1 110 SER 110 110 ?   ?   ?   A . n 
A 1 111 THR 111 111 ?   ?   ?   A . n 
A 1 112 GLY 112 112 ?   ?   ?   A . n 
A 1 113 VAL 113 113 ?   ?   ?   A . n 
A 1 114 TYR 114 114 ?   ?   ?   A . n 
A 1 115 SER 115 115 ?   ?   ?   A . n 
A 1 116 GLY 116 116 ?   ?   ?   A . n 
A 1 117 GLY 117 117 ?   ?   ?   A . n 
A 1 118 LYS 118 118 ?   ?   ?   A . n 
A 1 119 ASP 119 119 ?   ?   ?   A . n 
A 1 120 ARG 120 120 ?   ?   ?   A . n 
A 1 121 LEU 121 121 ?   ?   ?   A . n 
A 1 122 THR 122 122 ?   ?   ?   A . n 
A 1 123 GLN 123 123 ?   ?   ?   A . n 
A 1 124 SER 124 124 ?   ?   ?   A . n 
A 1 125 LEU 125 125 ?   ?   ?   A . n 
A 1 126 ASN 126 126 ?   ?   ?   A . n 
A 1 127 HIS 127 127 ?   ?   ?   A . n 
A 1 128 LEU 128 128 ?   ?   ?   A . n 
A 1 129 PHE 129 129 ?   ?   ?   A . n 
A 1 130 THR 130 130 ?   ?   ?   A . n 
A 1 131 ALA 131 131 ?   ?   ?   A . n 
A 1 132 MET 132 132 ?   ?   ?   A . n 
A 1 133 ASP 133 133 ?   ?   ?   A . n 
A 1 134 SER 134 134 ?   ?   ?   A . n 
A 1 135 THR 135 135 ?   ?   ?   A . n 
A 1 136 ASP 136 136 ?   ?   ?   A . n 
A 1 137 ALA 137 137 ?   ?   ?   A . n 
A 1 138 ASP 138 138 ?   ?   ?   A . n 
A 1 139 VAL 139 139 ?   ?   ?   A . n 
A 1 140 VAL 140 140 ?   ?   ?   A . n 
A 1 141 ILE 141 141 ?   ?   ?   A . n 
A 1 142 TYR 142 142 ?   ?   ?   A . n 
A 1 143 CYS 143 143 ?   ?   ?   A . n 
A 1 144 ARG 144 144 ?   ?   ?   A . n 
A 1 145 ASP 145 145 ?   ?   ?   A . n 
A 1 146 LYS 146 146 ?   ?   ?   A . n 
A 1 147 GLU 147 147 ?   ?   ?   A . n 
A 1 148 TRP 148 148 ?   ?   ?   A . n 
A 1 149 GLU 149 149 ?   ?   ?   A . n 
A 1 150 LYS 150 150 ?   ?   ?   A . n 
A 1 151 LYS 151 151 ?   ?   ?   A . n 
A 1 152 ILE 152 152 ?   ?   ?   A . n 
A 1 153 SER 153 153 ?   ?   ?   A . n 
A 1 154 GLU 154 154 ?   ?   ?   A . n 
A 1 155 ALA 155 155 ?   ?   ?   A . n 
A 1 156 ILE 156 156 ?   ?   ?   A . n 
A 1 157 GLN 157 157 ?   ?   ?   A . n 
A 1 158 MET 158 158 ?   ?   ?   A . n 
A 1 159 ARG 159 159 ?   ?   ?   A . n 
A 1 160 THR 160 160 ?   ?   ?   A . n 
A 1 161 GLN 161 161 ?   ?   ?   A . n 
A 1 162 VAL 162 162 ?   ?   ?   A . n 
A 1 163 GLU 163 163 ?   ?   ?   A . n 
A 1 164 LEU 164 164 ?   ?   ?   A . n 
A 1 165 LEU 165 165 ?   ?   ?   A . n 
A 1 166 ASP 166 166 ?   ?   ?   A . n 
A 1 167 GLU 167 167 ?   ?   ?   A . n 
A 1 168 HIS 168 168 ?   ?   ?   A . n 
A 1 169 ILE 169 169 ?   ?   ?   A . n 
A 1 170 SER 170 170 ?   ?   ?   A . n 
A 1 171 ILE 171 171 ?   ?   ?   A . n 
A 1 172 ASP 172 172 ?   ?   ?   A . n 
A 1 173 CYS 173 173 ?   ?   ?   A . n 
A 1 174 ASP 174 174 174 ASP ASP A . n 
A 1 175 VAL 175 175 175 VAL VAL A . n 
A 1 176 VAL 176 176 176 VAL VAL A . n 
A 1 177 ARG 177 177 177 ARG ARG A . n 
A 1 178 VAL 178 178 178 VAL VAL A . n 
A 1 179 HIS 179 179 179 HIS HIS A . n 
A 1 180 PRO 180 180 180 PRO PRO A . n 
A 1 181 ASP 181 181 181 ASP ASP A . n 
A 1 182 SER 182 182 182 SER SER A . n 
A 1 183 SER 183 183 183 SER SER A . n 
A 1 184 LEU 184 184 184 LEU LEU A . n 
A 1 185 ALA 185 185 185 ALA ALA A . n 
A 1 186 GLY 186 186 186 GLY GLY A . n 
A 1 187 ARG 187 187 187 ARG ARG A . n 
A 1 188 LYS 188 188 188 LYS LYS A . n 
A 1 189 GLY 189 189 189 GLY GLY A . n 
A 1 190 TYR 190 190 190 TYR TYR A . n 
A 1 191 SER 191 191 191 SER SER A . n 
A 1 192 THR 192 192 192 THR THR A . n 
A 1 193 THR 193 193 193 THR THR A . n 
A 1 194 GLU 194 194 194 GLU GLU A . n 
A 1 195 GLY 195 195 195 GLY GLY A . n 
A 1 196 ALA 196 196 196 ALA ALA A . n 
A 1 197 LEU 197 197 197 LEU LEU A . n 
A 1 198 TYR 198 198 198 TYR TYR A . n 
A 1 199 SER 199 199 199 SER SER A . n 
A 1 200 TYR 200 200 200 TYR TYR A . n 
A 1 201 LEU 201 201 201 LEU LEU A . n 
A 1 202 GLU 202 202 202 GLU GLU A . n 
A 1 203 GLY 203 203 203 GLY GLY A . n 
A 1 204 THR 204 204 204 THR THR A . n 
A 1 205 ARG 205 205 205 ARG ARG A . n 
A 1 206 PHE 206 206 206 PHE PHE A . n 
A 1 207 HIS 207 207 207 HIS HIS A . n 
A 1 208 GLN 208 208 208 GLN GLN A . n 
A 1 209 THR 209 209 209 THR THR A . n 
A 1 210 ALA 210 210 210 ALA ALA A . n 
A 1 211 VAL 211 211 211 VAL VAL A . n 
A 1 212 ASP 212 212 212 ASP ASP A . n 
A 1 213 MET 213 213 213 MET MET A . n 
A 1 214 ALA 214 214 214 ALA ALA A . n 
A 1 215 GLU 215 215 215 GLU GLU A . n 
A 1 216 ILE 216 216 216 ILE ILE A . n 
A 1 217 TYR 217 217 217 TYR TYR A . n 
A 1 218 THR 218 218 218 THR THR A . n 
A 1 219 MET 219 219 219 MET MET A . n 
A 1 220 TRP 220 220 220 TRP TRP A . n 
A 1 221 PRO 221 221 221 PRO PRO A . n 
A 1 222 LYS 222 222 222 LYS LYS A . n 
A 1 223 GLN 223 223 223 GLN GLN A . n 
A 1 224 THR 224 224 224 THR THR A . n 
A 1 225 GLU 225 225 225 GLU GLU A . n 
A 1 226 ALA 226 226 226 ALA ALA A . n 
A 1 227 ASN 227 227 227 ASN ASN A . n 
A 1 228 GLU 228 228 228 GLU GLU A . n 
A 1 229 GLN 229 229 229 GLN GLN A . n 
A 1 230 VAL 230 230 230 VAL VAL A . n 
A 1 231 CYS 231 231 231 CYS CYS A . n 
A 1 232 LEU 232 232 232 LEU LEU A . n 
A 1 233 TYR 233 233 233 TYR TYR A . n 
A 1 234 ALA 234 234 234 ALA ALA A . n 
A 1 235 LEU 235 235 235 LEU LEU A . n 
A 1 236 GLY 236 236 236 GLY GLY A . n 
A 1 237 GLU 237 237 237 GLU GLU A . n 
A 1 238 SER 238 238 238 SER SER A . n 
A 1 239 ILE 239 239 239 ILE ILE A . n 
A 1 240 GLU 240 240 240 GLU GLU A . n 
A 1 241 SER 241 241 241 SER SER A . n 
A 1 242 ILE 242 242 242 ILE ILE A . n 
A 1 243 ARG 243 243 243 ARG ARG A . n 
A 1 244 GLN 244 244 244 GLN GLN A . n 
A 1 245 LYS 245 245 245 LYS LYS A . n 
A 1 246 CYS 246 246 246 CYS CYS A . n 
A 1 247 PRO 247 247 247 PRO PRO A . n 
A 1 248 VAL 248 248 248 VAL VAL A . n 
A 1 249 ASP 249 249 249 ASP ASP A . n 
A 1 250 ASP 250 250 250 ASP ASP A . n 
A 1 251 ALA 251 251 251 ALA ALA A . n 
A 1 252 ASP 252 252 252 ASP ASP A . n 
A 1 253 ALA 253 253 253 ALA ALA A . n 
A 1 254 SER 254 254 254 SER SER A . n 
A 1 255 SER 255 255 255 SER SER A . n 
A 1 256 PRO 256 256 256 PRO PRO A . n 
A 1 257 PRO 257 257 257 PRO PRO A . n 
A 1 258 LYS 258 258 258 LYS LYS A . n 
A 1 259 THR 259 259 259 THR THR A . n 
A 1 260 VAL 260 260 260 VAL VAL A . n 
A 1 261 PRO 261 261 261 PRO PRO A . n 
A 1 262 CYS 262 262 262 CYS CYS A . n 
A 1 263 LEU 263 263 263 LEU LEU A . n 
A 1 264 CYS 264 264 264 CYS CYS A . n 
A 1 265 ARG 265 265 265 ARG ARG A . n 
A 1 266 TYR 266 266 266 TYR TYR A . n 
A 1 267 ALA 267 267 267 ALA ALA A . n 
A 1 268 MET 268 268 268 MET MET A . n 
A 1 269 THR 269 269 269 THR THR A . n 
A 1 270 PRO 270 270 270 PRO PRO A . n 
A 1 271 GLU 271 271 271 GLU GLU A . n 
A 1 272 ARG 272 272 272 ARG ARG A . n 
A 1 273 VAL 273 273 273 VAL VAL A . n 
A 1 274 THR 274 274 274 THR THR A . n 
A 1 275 ARG 275 275 275 ARG ARG A . n 
A 1 276 LEU 276 276 276 LEU LEU A . n 
A 1 277 ARG 277 277 277 ARG ARG A . n 
A 1 278 MET 278 278 278 MET MET A . n 
A 1 279 ASN 279 279 279 ASN ASN A . n 
A 1 280 HIS 280 280 280 HIS HIS A . n 
A 1 281 VAL 281 281 281 VAL VAL A . n 
A 1 282 THR 282 282 282 THR THR A . n 
A 1 283 SER 283 283 283 SER SER A . n 
A 1 284 ILE 284 284 284 ILE ILE A . n 
A 1 285 ILE 285 285 285 ILE ILE A . n 
A 1 286 VAL 286 286 286 VAL VAL A . n 
A 1 287 CYS 287 287 287 CYS CYS A . n 
A 1 288 SER 288 288 288 SER SER A . n 
A 1 289 SER 289 289 289 SER SER A . n 
A 1 290 PHE 290 290 290 PHE PHE A . n 
A 1 291 PRO 291 291 291 PRO PRO A . n 
A 1 292 LEU 292 292 292 LEU LEU A . n 
A 1 293 PRO 293 293 293 PRO PRO A . n 
A 1 294 LYS 294 294 294 LYS LYS A . n 
A 1 295 TYR 295 295 295 TYR TYR A . n 
A 1 296 LYS 296 296 296 LYS LYS A . n 
A 1 297 ILE 297 297 297 ILE ILE A . n 
A 1 298 GLU 298 298 298 GLU GLU A . n 
A 1 299 GLY 299 299 299 GLY GLY A . n 
A 1 300 VAL 300 300 300 VAL VAL A . n 
A 1 301 GLN 301 301 301 GLN GLN A . n 
A 1 302 LYS 302 302 302 LYS LYS A . n 
A 1 303 VAL 303 303 303 VAL VAL A . n 
A 1 304 LYS 304 304 304 LYS LYS A . n 
A 1 305 CYS 305 305 305 CYS CYS A . n 
A 1 306 SER 306 306 306 SER SER A . n 
A 1 307 LYS 307 307 307 LYS LYS A . n 
A 1 308 VAL 308 308 308 VAL VAL A . n 
A 1 309 MET 309 309 309 MET MET A . n 
A 1 310 LEU 310 310 ?   ?   ?   A . n 
A 1 311 PHE 311 311 ?   ?   ?   A . n 
A 1 312 ASP 312 312 ?   ?   ?   A . n 
A 1 313 HIS 313 313 ?   ?   ?   A . n 
A 1 314 ASN 314 314 ?   ?   ?   A . n 
A 1 315 VAL 315 315 ?   ?   ?   A . n 
A 1 316 PRO 316 316 ?   ?   ?   A . n 
A 1 317 SER 317 317 ?   ?   ?   A . n 
A 1 318 ARG 318 318 ?   ?   ?   A . n 
A 1 319 VAL 319 319 ?   ?   ?   A . n 
A 1 320 SER 320 320 ?   ?   ?   A . n 
A 1 321 PRO 321 321 ?   ?   ?   A . n 
A 1 322 ARG 322 322 ?   ?   ?   A . n 
A 1 323 GLU 323 323 ?   ?   ?   A . n 
A 1 324 TYR 324 324 ?   ?   ?   A . n 
A 1 325 ARG 325 325 ?   ?   ?   A . n 
A 1 326 PRO 326 326 ?   ?   ?   A . n 
A 1 327 SER 327 327 ?   ?   ?   A . n 
A 1 328 GLN 328 328 ?   ?   ?   A . n 
A 1 329 GLU 329 329 ?   ?   ?   A . n 
A 1 330 SER 330 330 ?   ?   ?   A . n 
A 1 331 VAL 331 331 ?   ?   ?   A . n 
A 1 332 GLN 332 332 ?   ?   ?   A . n 
A 1 333 GLU 333 333 ?   ?   ?   A . n 
A 1 334 ALA 334 334 ?   ?   ?   A . n 
A 1 335 SER 335 335 ?   ?   ?   A . n 
A 1 336 THR 336 336 ?   ?   ?   A . n 
A 1 337 THR 337 337 ?   ?   ?   A . n 
A 1 338 THR 338 338 ?   ?   ?   A . n 
A 1 339 SER 339 339 ?   ?   ?   A . n 
A 1 340 LEU 340 340 ?   ?   ?   A . n 
A 1 341 THR 341 341 ?   ?   ?   A . n 
A 1 342 HIS 342 342 ?   ?   ?   A . n 
A 1 343 SER 343 343 ?   ?   ?   A . n 
A 1 344 GLN 344 344 ?   ?   ?   A . n 
A 1 345 PHE 345 345 ?   ?   ?   A . n 
A 1 346 ASP 346 346 ?   ?   ?   A . n 
A 1 347 LEU 347 347 ?   ?   ?   A . n 
A 1 348 SER 348 348 ?   ?   ?   A . n 
A 1 349 VAL 349 349 ?   ?   ?   A . n 
A 1 350 ASP 350 350 ?   ?   ?   A . n 
A 1 351 GLY 351 351 ?   ?   ?   A . n 
A 1 352 LYS 352 352 ?   ?   ?   A . n 
A 1 353 ILE 353 353 ?   ?   ?   A . n 
A 1 354 LEU 354 354 ?   ?   ?   A . n 
A 1 355 PRO 355 355 ?   ?   ?   A . n 
A 1 356 VAL 356 356 ?   ?   ?   A . n 
A 1 357 PRO 357 357 ?   ?   ?   A . n 
A 1 358 SER 358 358 ?   ?   ?   A . n 
A 1 359 ASP 359 359 ?   ?   ?   A . n 
A 1 360 LEU 360 360 ?   ?   ?   A . n 
A 1 361 ASP 361 361 ?   ?   ?   A . n 
A 1 362 ALA 362 362 ?   ?   ?   A . n 
A 1 363 ASP 363 363 ?   ?   ?   A . n 
A 1 364 ALA 364 364 ?   ?   ?   A . n 
A 1 365 PRO 365 365 ?   ?   ?   A . n 
A 1 366 ALA 366 366 ?   ?   ?   A . n 
A 1 367 LEU 367 367 ?   ?   ?   A . n 
A 1 368 GLU 368 368 ?   ?   ?   A . n 
A 1 369 PRO 369 369 ?   ?   ?   A . n 
A 1 370 ALA 370 370 ?   ?   ?   A . n 
A 1 371 LEU 371 371 ?   ?   ?   A . n 
A 1 372 ASP 372 372 ?   ?   ?   A . n 
A 1 373 ASP 373 373 ?   ?   ?   A . n 
A 1 374 GLY 374 374 ?   ?   ?   A . n 
A 1 375 ALA 375 375 ?   ?   ?   A . n 
A 1 376 ILE 376 376 ?   ?   ?   A . n 
A 1 377 HIS 377 377 ?   ?   ?   A . n 
A 1 378 THR 378 378 ?   ?   ?   A . n 
A 1 379 LEU 379 379 ?   ?   ?   A . n 
A 1 380 PRO 380 380 ?   ?   ?   A . n 
A 1 381 SER 381 381 ?   ?   ?   A . n 
A 1 382 ALA 382 382 ?   ?   ?   A . n 
A 1 383 THR 383 383 ?   ?   ?   A . n 
A 1 384 GLY 384 384 ?   ?   ?   A . n 
A 1 385 ASN 385 385 ?   ?   ?   A . n 
A 1 386 LEU 386 386 ?   ?   ?   A . n 
A 1 387 ALA 387 387 ?   ?   ?   A . n 
A 1 388 ALA 388 388 ?   ?   ?   A . n 
A 1 389 VAL 389 389 ?   ?   ?   A . n 
A 1 390 SER 390 390 ?   ?   ?   A . n 
A 1 391 ASP 391 391 ?   ?   ?   A . n 
A 1 392 TRP 392 392 ?   ?   ?   A . n 
A 1 393 VAL 393 393 ?   ?   ?   A . n 
A 1 394 MET 394 394 ?   ?   ?   A . n 
A 1 395 SER 395 395 ?   ?   ?   A . n 
A 1 396 THR 396 396 ?   ?   ?   A . n 
A 1 397 VAL 397 397 ?   ?   ?   A . n 
A 1 398 PRO 398 398 ?   ?   ?   A . n 
A 1 399 VAL 399 399 ?   ?   ?   A . n 
A 1 400 ALA 400 400 ?   ?   ?   A . n 
A 1 401 PRO 401 401 ?   ?   ?   A . n 
A 1 402 PRO 402 402 ?   ?   ?   A . n 
A 1 403 ARG 403 403 ?   ?   ?   A . n 
A 1 404 ARG 404 404 ?   ?   ?   A . n 
A 1 405 ARG 405 405 ?   ?   ?   A . n 
A 1 406 ARG 406 406 ?   ?   ?   A . n 
A 1 407 GLY 407 407 ?   ?   ?   A . n 
A 1 408 ARG 408 408 ?   ?   ?   A . n 
A 1 409 ASN 409 409 ?   ?   ?   A . n 
A 1 410 LEU 410 410 ?   ?   ?   A . n 
A 1 411 THR 411 411 ?   ?   ?   A . n 
A 1 412 VAL 412 412 ?   ?   ?   A . n 
A 1 413 THR 413 413 ?   ?   ?   A . n 
A 1 414 CYS 414 414 ?   ?   ?   A . n 
A 1 415 ASP 415 415 ?   ?   ?   A . n 
A 1 416 GLU 416 416 ?   ?   ?   A . n 
A 1 417 ARG 417 417 ?   ?   ?   A . n 
A 1 418 GLU 418 418 ?   ?   ?   A . n 
A 1 419 GLY 419 419 ?   ?   ?   A . n 
A 1 420 ASN 420 420 ?   ?   ?   A . n 
A 1 421 ILE 421 421 ?   ?   ?   A . n 
A 1 422 THR 422 422 ?   ?   ?   A . n 
A 1 423 PRO 423 423 ?   ?   ?   A . n 
A 1 424 MET 424 424 ?   ?   ?   A . n 
A 1 425 ALA 425 425 ?   ?   ?   A . n 
A 1 426 SER 426 426 ?   ?   ?   A . n 
A 1 427 VAL 427 427 ?   ?   ?   A . n 
A 1 428 ARG 428 428 ?   ?   ?   A . n 
A 1 429 PHE 429 429 ?   ?   ?   A . n 
A 1 430 PHE 430 430 ?   ?   ?   A . n 
A 1 431 ARG 431 431 ?   ?   ?   A . n 
A 1 432 ALA 432 432 ?   ?   ?   A . n 
A 1 433 GLU 433 433 ?   ?   ?   A . n 
A 1 434 LEU 434 434 ?   ?   ?   A . n 
A 1 435 CYS 435 435 ?   ?   ?   A . n 
A 1 436 PRO 436 436 ?   ?   ?   A . n 
A 1 437 VAL 437 437 ?   ?   ?   A . n 
A 1 438 VAL 438 438 ?   ?   ?   A . n 
A 1 439 GLN 439 439 ?   ?   ?   A . n 
A 1 440 GLU 440 440 ?   ?   ?   A . n 
A 1 441 THR 441 441 ?   ?   ?   A . n 
A 1 442 ALA 442 442 ?   ?   ?   A . n 
A 1 443 GLU 443 443 ?   ?   ?   A . n 
A 1 444 THR 444 444 ?   ?   ?   A . n 
A 1 445 ARG 445 445 ?   ?   ?   A . n 
A 1 446 ASP 446 446 ?   ?   ?   A . n 
A 1 447 THR 447 447 ?   ?   ?   A . n 
A 1 448 ALA 448 448 ?   ?   ?   A . n 
A 1 449 MET 449 449 ?   ?   ?   A . n 
A 1 450 SER 450 450 ?   ?   ?   A . n 
A 1 451 LEU 451 451 ?   ?   ?   A . n 
A 1 452 GLN 452 452 ?   ?   ?   A . n 
A 1 453 ALA 453 453 ?   ?   ?   A . n 
A 1 454 PRO 454 454 ?   ?   ?   A . n 
A 1 455 PRO 455 455 ?   ?   ?   A . n 
A 1 456 SER 456 456 ?   ?   ?   A . n 
A 1 457 THR 457 457 ?   ?   ?   A . n 
A 1 458 ALA 458 458 ?   ?   ?   A . n 
A 1 459 THR 459 459 ?   ?   ?   A . n 
A 1 460 GLU 460 460 ?   ?   ?   A . n 
A 1 461 LEU 461 461 ?   ?   ?   A . n 
A 1 462 SER 462 462 ?   ?   ?   A . n 
A 1 463 HIS 463 463 ?   ?   ?   A . n 
A 1 464 PRO 464 464 ?   ?   ?   A . n 
A 1 465 PRO 465 465 ?   ?   ?   A . n 
A 1 466 ILE 466 466 ?   ?   ?   A . n 
A 1 467 SER 467 467 ?   ?   ?   A . n 
A 1 468 PHE 468 468 ?   ?   ?   A . n 
A 1 469 GLY 469 469 ?   ?   ?   A . n 
A 1 470 ALA 470 470 ?   ?   ?   A . n 
A 1 471 PRO 471 471 ?   ?   ?   A . n 
A 1 472 SER 472 472 ?   ?   ?   A . n 
A 1 473 GLU 473 473 ?   ?   ?   A . n 
A 1 474 THR 474 474 ?   ?   ?   A . n 
A 1 475 PHE 475 475 ?   ?   ?   A . n 
A 1 476 PRO 476 476 ?   ?   ?   A . n 
A 1 477 ILE 477 477 ?   ?   ?   A . n 
A 1 478 THR 478 478 ?   ?   ?   A . n 
A 1 479 PHE 479 479 ?   ?   ?   A . n 
A 1 480 GLY 480 480 ?   ?   ?   A . n 
A 1 481 ASP 481 481 ?   ?   ?   A . n 
A 1 482 PHE 482 482 ?   ?   ?   A . n 
A 1 483 ASN 483 483 ?   ?   ?   A . n 
A 1 484 GLU 484 484 ?   ?   ?   A . n 
A 1 485 GLY 485 485 ?   ?   ?   A . n 
A 1 486 GLU 486 486 ?   ?   ?   A . n 
A 1 487 ILE 487 487 ?   ?   ?   A . n 
A 1 488 GLU 488 488 ?   ?   ?   A . n 
A 1 489 SER 489 489 ?   ?   ?   A . n 
A 1 490 LEU 490 490 ?   ?   ?   A . n 
A 1 491 SER 491 491 ?   ?   ?   A . n 
A 1 492 SER 492 492 ?   ?   ?   A . n 
A 1 493 GLU 493 493 ?   ?   ?   A . n 
A 1 494 LEU 494 494 ?   ?   ?   A . n 
A 1 495 LEU 495 495 ?   ?   ?   A . n 
A 1 496 THR 496 496 ?   ?   ?   A . n 
A 1 497 PHE 497 497 ?   ?   ?   A . n 
A 1 498 GLY 498 498 ?   ?   ?   A . n 
A 1 499 ASP 499 499 ?   ?   ?   A . n 
A 1 500 PHE 500 500 ?   ?   ?   A . n 
A 1 501 LEU 501 501 ?   ?   ?   A . n 
A 1 502 PRO 502 502 ?   ?   ?   A . n 
A 1 503 GLY 503 503 ?   ?   ?   A . n 
A 1 504 GLU 504 504 ?   ?   ?   A . n 
A 1 505 VAL 505 505 ?   ?   ?   A . n 
A 1 506 ASP 506 506 ?   ?   ?   A . n 
A 1 507 ASP 507 507 ?   ?   ?   A . n 
A 1 508 LEU 508 508 ?   ?   ?   A . n 
A 1 509 THR 509 509 ?   ?   ?   A . n 
A 1 510 ASP 510 510 ?   ?   ?   A . n 
A 1 511 SER 511 511 ?   ?   ?   A . n 
A 1 512 ASP 512 512 ?   ?   ?   A . n 
A 1 513 TRP 513 513 ?   ?   ?   A . n 
A 1 514 SER 514 514 ?   ?   ?   A . n 
A 1 515 THR 515 515 ?   ?   ?   A . n 
A 1 516 CYS 516 516 ?   ?   ?   A . n 
A 1 517 SER 517 517 ?   ?   ?   A . n 
A 1 518 ASP 518 518 ?   ?   ?   A . n 
A 1 519 THR 519 519 ?   ?   ?   A . n 
A 1 520 ASP 520 520 ?   ?   ?   A . n 
A 1 521 ASP 521 521 ?   ?   ?   A . n 
A 1 522 GLU 522 522 ?   ?   ?   A . n 
A 1 523 LEU 523 523 ?   ?   ?   A . n 
# 
_pdbx_entity_instance_feature.ordinal        1 
_pdbx_entity_instance_feature.comp_id        ZN 
_pdbx_entity_instance_feature.asym_id        ? 
_pdbx_entity_instance_feature.seq_num        ? 
_pdbx_entity_instance_feature.auth_comp_id   ZN 
_pdbx_entity_instance_feature.auth_asym_id   ? 
_pdbx_entity_instance_feature.auth_seq_num   ? 
_pdbx_entity_instance_feature.feature_type   'SUBJECT OF INVESTIGATION' 
_pdbx_entity_instance_feature.details        ? 
# 
_pdbx_nonpoly_scheme.asym_id         B 
_pdbx_nonpoly_scheme.entity_id       2 
_pdbx_nonpoly_scheme.mon_id          ZN 
_pdbx_nonpoly_scheme.ndb_seq_num     1 
_pdbx_nonpoly_scheme.pdb_seq_num     600 
_pdbx_nonpoly_scheme.auth_seq_num    600 
_pdbx_nonpoly_scheme.pdb_mon_id      ZN 
_pdbx_nonpoly_scheme.auth_mon_id     ZN 
_pdbx_nonpoly_scheme.pdb_strand_id   A 
_pdbx_nonpoly_scheme.pdb_ins_code    . 
# 
_exptl.absorpt_coefficient_mu     ? 
_exptl.absorpt_correction_T_max   ? 
_exptl.absorpt_correction_T_min   ? 
_exptl.absorpt_correction_type    ? 
_exptl.absorpt_process_details    ? 
_exptl.entry_id                   8PK7 
_exptl.crystals_number            ? 
_exptl.details                    ? 
_exptl.method                     'ELECTRON MICROSCOPY' 
_exptl.method_details             ? 
# 
_struct.entry_id                     8PK7 
_struct.title                        'Helical reconstruction of CHIKV nsP3 helical scaffolds' 
_struct.pdbx_model_details           ? 
_struct.pdbx_formula_weight          ? 
_struct.pdbx_formula_weight_method   ? 
_struct.pdbx_model_type_details      ? 
_struct.pdbx_CASP_flag               N 
# 
_struct_keywords.entry_id        8PK7 
_struct_keywords.text            'Helical scaffold, Replication complex, Alpha granules, Viral factories, VIRAL PROTEIN' 
_struct_keywords.pdbx_keywords   'VIRAL PROTEIN' 
# 
loop_
_struct_asym.id 
_struct_asym.pdbx_blank_PDB_chainid_flag 
_struct_asym.pdbx_modified 
_struct_asym.entity_id 
_struct_asym.details 
A N N 1 ? 
B N N 2 ? 
# 
_struct_ref.id                         1 
_struct_ref.db_name                    UNP 
_struct_ref.db_code                    POLN_CHIKS 
_struct_ref.pdbx_db_accession          Q8JUX6 
_struct_ref.pdbx_db_isoform            ? 
_struct_ref.entity_id                  1 
_struct_ref.pdbx_seq_one_letter_code   
;APSYRVKRMDIAKNDEECVVNAANPRGLPGDGVCKAVYKKWPESFKNSATPVGTAKTVMCGTYPVIHAVGPNFSNYSESE
GDRELAAAYREVAKEVTRLGVNSVAIPLLSTGVYSGGKDRLTQSLNHLFTAMDSTDADVVIYCRDKEWEKKISEAIQMRT
QVELLDEHISIDCDVVRVHPDSSLAGRKGYSTTEGALYSYLEGTRFHQTAVDMAEIYTMWPKQTEANEQVCLYALGESIE
SIRQKCPVDDADASSPPKTVPCLCRYAMTPERVTRLRMNHVTSIIVCSSFPLPKYKIEGVQKVKCSKVMLFDHNVPSRVS
PREYRPSQESVQEASTTTSLTHSQFDLSVDGKILPVPSDLDADAPALEPALDDGAIHTLPSATGNLAAVSDWVMSTVPVA
PPRRRRGRNLTVTCDEREGNITPMASVRFFRAELCPVVQETAETRDTAMSLQAPPSTATELSHPPISFGAPSETFPITFG
DFNEGEIESLSSELLTFGDFLPGEVDDLTDSDWSTCSDTDDEL
;
_struct_ref.pdbx_align_begin           1334 
# 
_struct_ref_seq.align_id                      1 
_struct_ref_seq.ref_id                        1 
_struct_ref_seq.pdbx_PDB_id_code              8PK7 
_struct_ref_seq.pdbx_strand_id                A 
_struct_ref_seq.seq_align_beg                 1 
_struct_ref_seq.pdbx_seq_align_beg_ins_code   ? 
_struct_ref_seq.seq_align_end                 523 
_struct_ref_seq.pdbx_seq_align_end_ins_code   ? 
_struct_ref_seq.pdbx_db_accession             Q8JUX6 
_struct_ref_seq.db_align_beg                  1334 
_struct_ref_seq.pdbx_db_align_beg_ins_code    ? 
_struct_ref_seq.db_align_end                  1856 
_struct_ref_seq.pdbx_db_align_end_ins_code    ? 
_struct_ref_seq.pdbx_auth_seq_align_beg       1 
_struct_ref_seq.pdbx_auth_seq_align_end       523 
# 
_pdbx_struct_assembly.id                   1 
_pdbx_struct_assembly.details              author_defined_assembly 
_pdbx_struct_assembly.method_details       ? 
_pdbx_struct_assembly.oligomeric_details   monomeric 
_pdbx_struct_assembly.oligomeric_count     1 
# 
loop_
_pdbx_struct_assembly_gen.assembly_id 
_pdbx_struct_assembly_gen.oper_expression 
_pdbx_struct_assembly_gen.asym_id_list 
1 1  A,B 
1 2  A,B 
1 3  A,B 
1 4  A,B 
1 5  A,B 
1 6  A,B 
1 7  A,B 
1 8  A,B 
1 9  A,B 
1 10 A,B 
1 11 A,B 
1 12 A,B 
1 13 A,B 
1 14 A,B 
1 15 A,B 
1 16 A,B 
1 17 A,B 
1 18 A,B 
1 19 A,B 
1 20 A,B 
1 21 A,B 
1 22 A,B 
1 23 A,B 
1 24 A,B 
1 25 A,B 
1 26 A,B 
1 27 A,B 
1 28 A,B 
1 29 A,B 
1 30 A,B 
1 31 A,B 
1 32 A,B 
1 33 A,B 
1 34 A,B 
1 35 A,B 
1 36 A,B 
1 37 A,B 
1 38 A,B 
1 39 A,B 
1 40 A,B 
1 41 A,B 
1 42 A,B 
1 43 A,B 
1 44 A,B 
1 45 A,B 
1 46 A,B 
1 47 A,B 
1 48 A,B 
1 49 A,B 
1 50 A,B 
1 51 A,B 
1 52 A,B 
1 53 A,B 
# 
_pdbx_struct_assembly_auth_evidence.id                     1 
_pdbx_struct_assembly_auth_evidence.assembly_id            1 
_pdbx_struct_assembly_auth_evidence.experimental_support   'electron microscopy' 
_pdbx_struct_assembly_auth_evidence.details                'not applicable' 
# 
loop_
_pdbx_struct_oper_list.id 
_pdbx_struct_oper_list.type 
_pdbx_struct_oper_list.name 
_pdbx_struct_oper_list.symmetry_operation 
_pdbx_struct_oper_list.matrix[1][1] 
_pdbx_struct_oper_list.matrix[1][2] 
_pdbx_struct_oper_list.matrix[1][3] 
_pdbx_struct_oper_list.vector[1] 
_pdbx_struct_oper_list.matrix[2][1] 
_pdbx_struct_oper_list.matrix[2][2] 
_pdbx_struct_oper_list.matrix[2][3] 
_pdbx_struct_oper_list.vector[2] 
_pdbx_struct_oper_list.matrix[3][1] 
_pdbx_struct_oper_list.matrix[3][2] 
_pdbx_struct_oper_list.matrix[3][3] 
_pdbx_struct_oper_list.vector[3] 
1  'identity operation'       1_555 x,y,z 1.0         0.0         0.0         0.0       0.0         1.0         0.0         0.0        0.0         0.0         1.0         0.0       
2  'point symmetry operation' ?     ?     -0.43001547 0.83970764  0.33163083  8.99064   0.56278790  -0.03790767 0.82573221  -78.97088  0.70594455  0.54171486  -0.45627685 103.00365 
3  'point symmetry operation' ?     ?     0.89162464  -0.21326472 0.39942401  -27.01684 0.31955445  0.92134098  -0.22142105 14.12876   -0.32079017 0.32505459  0.88963439  19.56903  
4  'point symmetry operation' ?     ?     -0.22142752 0.97316302  -0.06269562 38.98041  0.22475874  0.11348582  0.96778596  -78.56079  0.94892598  0.20019964  -0.24385831 82.64874  
5  'point symmetry operation' ?     ?     0.59863946  -0.25679392 0.75875721  -46.33431 0.65043048  0.70869183  -0.27333877 14.19421   -0.46754230 0.65713833  0.59126871  50.25198  
6  'point symmetry operation' ?     ?     0.13365303  0.92343498  -0.35965946 57.47382  -0.07376042 0.37120389  0.92559761  -64.07595  0.98825426  -0.09715649 0.11774308  55.06094  
7  'point symmetry operation' ?     ?     0.20828408  -0.11761846 0.97099350  -51.29318 0.89409821  0.42537123  -0.14028606 1.28305    -0.39654870 0.89736151  0.19374469  83.74903  
8  'point symmetry operation' ?     ?     0.52969319  0.70536205  -0.47108017 59.89327  -0.24410607 0.65865052  0.71176636  -38.73190  0.81232037  -0.26203719 0.52105629  29.28062  
9  'point symmetry operation' ?     ?     -0.16334066 0.16286514  0.97301218  -39.56334 0.97808761  0.15564537  0.13816157  -19.62678  -0.12892787 0.97427867  -0.18470471 110.94070 
10 'point symmetry operation' ?     ?     0.84884297  0.38374204  -0.36367466 46.33311  -0.23549395 0.89028997  0.38982537  -8.88728   0.47334956  -0.24528201 0.84606706  13.80525  
11 'point symmetry operation' ?     ?     -0.40574581 0.50117915  0.76432968  -13.81551 0.87751378  -0.02029270 0.47912949  -41.14515  0.25563638  0.86510980  -0.43156149 124.57687 
12 'point symmetry operation' ?     ?     0.99613726  0.05429266  -0.06942590 21.69188  -0.05050425 0.99719642  0.05558832  17.69897   0.07222858  -0.05189459 0.99606632  14.09953  
13 'point symmetry operation' ?     ?     -0.44677831 0.79674788  0.40689222  19.19864  0.62218791  -0.05007416 0.78125525  -55.77447  0.64284576  0.60222121  -0.47334753 121.45069 
14 'point symmetry operation' ?     ?     0.92777405  -0.18499062 0.32412983  -5.83367  0.25582661  0.94757828  -0.19152492 34.25325   -0.27172490 0.26059072  0.92644767  30.91271  
15 'point symmetry operation' ?     ?     -0.27426689 0.96165406  0.00705477  50.50414  0.28809020  0.07513492  0.95467037  -58.02170  0.91751421  0.26384268  -0.29766804 103.33902 
16 'point symmetry operation' ?     ?     -0.27426689 0.28809020  0.91751421  -64.24900 0.96165406  0.07513492  0.26384268  -71.46367  0.00705477  0.95467037  -0.29766804 85.78490  
17 'point symmetry operation' ?     ?     0.66408739  -0.26289200 0.69987461  -27.18022 0.59234014  0.75619405  -0.27796852 36.96811   -0.45614671 0.59918372  0.65791856  60.09513  
18 'point symmetry operation' ?     ?     0.66408739  0.59234014  -0.45614671 23.54235  -0.26289200 0.75619405  0.59918372  -71.10104  0.69987461  -0.27796852 0.65791856  -10.22656 
19 'point symmetry operation' ?     ?     0.06055250  0.94674075  -0.31618784 71.65257  -0.02537244 0.31814740  0.94768613  -46.04872  0.99782214  -0.04934289 0.04330010  76.42304  
20 'point symmetry operation' ?     ?     0.06055250  -0.02537244 0.99782214  -81.76366 0.94674075  0.31814740  -0.04934289 -49.41542  -0.31618784 0.94768613  0.04330010  62.98751  
21 'point symmetry operation' ?     ?     0.28357107  -0.15636538 0.94615125  -35.15570 0.85900700  0.48001466  -0.17815721 26.22266   -0.42633238 0.86323976  0.27041428  93.75833  
22 'point symmetry operation' ?     ?     0.28357107  0.85900700  -0.42633238 27.42605  -0.15636538 0.48001466  0.86323976  -99.02298  0.94615125  -0.17815721 0.27041428  12.57419  
23 'point symmetry operation' ?     ?     0.45797742  0.75657436  -0.46675020 77.20977  -0.22498273 0.60659909  0.76251105  -22.32191  0.86002516  -0.24420394 0.44802350  49.61039  
24 'point symmetry operation' ?     ?     0.45797742  -0.22498273 0.86002516  -83.04686 0.75657436  0.60659909  -0.24420394 -32.75678  -0.46675020 0.76251105  0.44802350  30.82703  
25 'point symmetry operation' ?     ?     -0.10066223 0.10303571  0.98959900  -26.51200 0.97644483  0.20113747  0.07835456  6.29881    -0.19099223 0.97414967  -0.12087524 122.78228 
26 'point symmetry operation' ?     ?     -0.10066223 0.97644483  -0.19099223 14.63380  0.10303571  0.20113747  0.97414967  -118.14301 0.98959900  0.07835456  -0.12087524 40.58051  
27 'point symmetry operation' ?     ?     0.79986634  0.44766722  -0.39985069 66.40216  -0.25138503 0.85474265  0.45417322  7.24692    0.54506154  -0.26279615 0.79619101  31.68452  
28 'point symmetry operation' ?     ?     0.79986634  -0.25138503 0.54506154  -68.54797 0.44766722  0.85474265  -0.26279615 -27.58498  -0.39985069 0.45417322  0.79619101  -1.99325  
29 'point symmetry operation' ?     ?     -0.37426083 0.43806312  0.81735196  -2.96376  0.90975075  0.00255914  0.41517731  -15.71032  0.17976956  0.89895458  -0.39949831 139.33837 
30 'point symmetry operation' ?     ?     -0.37426083 0.90975075  0.17976956  -11.85032 0.43806312  0.00255914  0.89895458  -123.93686 0.81735196  0.41517731  -0.39949831 64.61737  
31 'point symmetry operation' ?     ?     0.98447616  0.11185094  -0.13526772 43.26410  -0.09662585 0.98873277  0.11433240  35.03510   0.14653135  -0.09948778 0.98419107  28.81185  
32 'point symmetry operation' ?     ?     0.98447616  -0.09667663 0.14659998  -43.44540 0.11190172  0.98873277  -0.09953986 -36.58868  -0.13533635 0.11438447  0.98419107  -26.52691 
33 'point symmetry operation' ?     ?     -0.45588854 0.74912152  0.48061273  29.34575  0.67874918  -0.05668639 0.73218206  -32.14183  0.57573536  0.66000603  -0.48262507 139.37070 
34 'point symmetry operation' ?     ?     -0.32120282 0.94364525  0.07953629  61.68408  0.35213169  0.04106874  0.93503488  -36.96740  0.87908796  0.32836048  -0.34546592 123.68510 
35 'point symmetry operation' ?     ?     0.72538106  -0.26243406 0.63639094  -7.55137  0.53176810  0.80068110  -0.27597733 59.28311   -0.43713586 0.53858069  0.72033784  70.07085  
36 'point symmetry operation' ?     ?     -0.01036158 0.96379541  -0.26650907 85.25599  0.02712226  0.26667784  0.96341760  -27.60743  0.99959645  0.00273697  -0.02891626 97.81474  
37 'point symmetry operation' ?     ?     0.35871229  -0.18960803 0.91401836  -18.42162 0.81855448  0.53455229  -0.21038664 50.82886   -0.44871966 0.82361567  0.34693542  103.60639 
38 'point symmetry operation' ?     ?     0.38422095  0.80355769  -0.45461089 93.92838  -0.19962900 0.55306651  0.80886771  -5.70999   0.90140129  -0.22003125 0.37291254  70.28022  
39 'point symmetry operation' ?     ?     -0.03397531 0.04596255  0.99834891  -12.89353 0.96811442  0.24953896  0.02147397  32.12262   -0.24812813 0.96726114  -0.05296365 134.18075 
40 'point symmetry operation' ?     ?     0.74520493  0.51062283  -0.42888567 86.00973  -0.26073116 0.81506930  0.51738555  23.32631   0.61375716  -0.27373870 0.74052577  50.11177  
41 'point symmetry operation' ?     ?     -0.43001547 0.56278790  0.70594455  -24.40480 0.83970764  -0.03790767 0.54171486  -66.34172  0.33163083  0.82573221  -0.45627685 109.22511 
42 'point symmetry operation' ?     ?     0.89162464  0.31955445  -0.32079017 25.86179  -0.21326472 0.92134098  0.32505459  -25.14286  0.39942401  -0.22142105 0.88963439  -3.49754  
43 'point symmetry operation' ?     ?     -0.22142752 0.22475874  0.94892598  -52.14034 0.97316302  0.11348582  0.20019964  -45.55643  -0.06269562 0.96778596  -0.24385831 98.61811  
44 'point symmetry operation' ?     ?     0.59863946  0.65043048  -0.46754230 41.99932  -0.25679392 0.70869183  0.65713833  -54.97837  0.75875721  -0.27333877 0.59126871  9.32208   
45 'point symmetry operation' ?     ?     0.13365303  -0.07376042 0.98825426  -66.82689 0.92343498  0.37120389  -0.09715649 -23.95776  -0.35965946 0.92559761  0.11774308  73.52804  
46 'point symmetry operation' ?     ?     0.20828408  0.89409821  -0.39654870 42.75332  -0.11761846 0.42537123  0.89736151  -81.73382  0.97099350  -0.14028606 0.19374469  33.75558  
47 'point symmetry operation' ?     ?     0.52969319  -0.24410607 0.81232037  -64.96162 0.70536205  0.65865052  -0.26203719 -9.05901   -0.47108017 0.71176636  0.52105629  40.51742  
48 'point symmetry operation' ?     ?     -0.16334066 0.97808761  -0.12892787 27.03505  0.16286514  0.15564537  0.97427867  -98.58847  0.97301218  0.13816157  -0.18470471 61.70120  
49 'point symmetry operation' ?     ?     0.84884297  -0.23549395 0.47334956  -47.94241 0.38374204  0.89028997  -0.24528201 -6.47447   -0.36367466 0.38982537  0.84606706  8.60985   
50 'point symmetry operation' ?     ?     -0.40574581 0.87751378  0.25563638  -1.33192  0.50117915  -0.02029270 0.86510980  -101.70238 0.76432968  0.47912949  -0.43156149 84.04590  
51 'point symmetry operation' ?     ?     0.99613726  -0.05050425 0.07222858  -21.71462 0.05429266  0.99719642  -0.05189459 -18.09332  -0.06942590 0.05558832  0.99606632  -13.54356 
52 'point symmetry operation' ?     ?     -0.44677831 0.62218791  0.64284576  -34.78831 0.79674788  -0.05007416 0.60222121  -91.24257  0.40689222  0.78125525  -0.47334753 93.26179  
53 'point symmetry operation' ?     ?     0.92777405  0.25582661  -0.27172490 5.06021   -0.18499062 0.94757828  0.26059072  -41.59303  0.32412983  -0.19152492 0.92644767  -20.19899  
# 
loop_
_struct_conf.conf_type_id 
_struct_conf.id 
_struct_conf.pdbx_PDB_helix_id 
_struct_conf.beg_label_comp_id 
_struct_conf.beg_label_asym_id 
_struct_conf.beg_label_seq_id 
_struct_conf.pdbx_beg_PDB_ins_code 
_struct_conf.end_label_comp_id 
_struct_conf.end_label_asym_id 
_struct_conf.end_label_seq_id 
_struct_conf.pdbx_end_PDB_ins_code 
_struct_conf.beg_auth_comp_id 
_struct_conf.beg_auth_asym_id 
_struct_conf.beg_auth_seq_id 
_struct_conf.end_auth_comp_id 
_struct_conf.end_auth_asym_id 
_struct_conf.end_auth_seq_id 
_struct_conf.pdbx_PDB_helix_class 
_struct_conf.details 
_struct_conf.pdbx_PDB_helix_length 
HELX_P HELX_P1 AA1 ARG A 205 ? TRP A 220 ? ARG A 205 TRP A 220 1 ? 16 
HELX_P HELX_P2 AA2 LYS A 222 ? LEU A 235 ? LYS A 222 LEU A 235 1 ? 14 
HELX_P HELX_P3 AA3 SER A 238 ? CYS A 246 ? SER A 238 CYS A 246 1 ? 9  
HELX_P HELX_P4 AA4 THR A 269 ? HIS A 280 ? THR A 269 HIS A 280 1 ? 12 
# 
_struct_conf_type.id          HELX_P 
_struct_conf_type.criteria    ? 
_struct_conf_type.reference   ? 
# 
loop_
_struct_conn.id 
_struct_conn.conn_type_id 
_struct_conn.pdbx_leaving_atom_flag 
_struct_conn.pdbx_PDB_id 
_struct_conn.ptnr1_label_asym_id 
_struct_conn.ptnr1_label_comp_id 
_struct_conn.ptnr1_label_seq_id 
_struct_conn.ptnr1_label_atom_id 
_struct_conn.pdbx_ptnr1_label_alt_id 
_struct_conn.pdbx_ptnr1_PDB_ins_code 
_struct_conn.pdbx_ptnr1_standard_comp_id 
_struct_conn.ptnr1_symmetry 
_struct_conn.ptnr2_label_asym_id 
_struct_conn.ptnr2_label_comp_id 
_struct_conn.ptnr2_label_seq_id 
_struct_conn.ptnr2_label_atom_id 
_struct_conn.pdbx_ptnr2_label_alt_id 
_struct_conn.pdbx_ptnr2_PDB_ins_code 
_struct_conn.ptnr1_auth_asym_id 
_struct_conn.ptnr1_auth_comp_id 
_struct_conn.ptnr1_auth_seq_id 
_struct_conn.ptnr2_auth_asym_id 
_struct_conn.ptnr2_auth_comp_id 
_struct_conn.ptnr2_auth_seq_id 
_struct_conn.ptnr2_symmetry 
_struct_conn.pdbx_ptnr3_label_atom_id 
_struct_conn.pdbx_ptnr3_label_seq_id 
_struct_conn.pdbx_ptnr3_label_comp_id 
_struct_conn.pdbx_ptnr3_label_asym_id 
_struct_conn.pdbx_ptnr3_label_alt_id 
_struct_conn.pdbx_ptnr3_PDB_ins_code 
_struct_conn.details 
_struct_conn.pdbx_dist_value 
_struct_conn.pdbx_value_order 
_struct_conn.pdbx_role 
metalc1 metalc ? ? A CYS 262 SG ? ? ? 1_555 B ZN . ZN ? ? A CYS 262 A ZN 600 1_555 ? ? ? ? ? ? ? 2.312 ? ? 
metalc2 metalc ? ? A CYS 264 SG ? ? ? 1_555 B ZN . ZN ? ? A CYS 264 A ZN 600 1_555 ? ? ? ? ? ? ? 2.310 ? ? 
metalc3 metalc ? ? A CYS 287 SG ? ? ? 1_555 B ZN . ZN ? ? A CYS 287 A ZN 600 1_555 ? ? ? ? ? ? ? 2.318 ? ? 
metalc4 metalc ? ? A CYS 305 SG ? ? ? 1_555 B ZN . ZN ? ? A CYS 305 A ZN 600 1_555 ? ? ? ? ? ? ? 2.327 ? ? 
# 
_struct_conn_type.id          metalc 
_struct_conn_type.criteria    ? 
_struct_conn_type.reference   ? 
# 
loop_
_pdbx_struct_conn_angle.id 
_pdbx_struct_conn_angle.ptnr1_label_atom_id 
_pdbx_struct_conn_angle.ptnr1_label_alt_id 
_pdbx_struct_conn_angle.ptnr1_label_asym_id 
_pdbx_struct_conn_angle.ptnr1_label_comp_id 
_pdbx_struct_conn_angle.ptnr1_label_seq_id 
_pdbx_struct_conn_angle.ptnr1_auth_atom_id 
_pdbx_struct_conn_angle.ptnr1_auth_asym_id 
_pdbx_struct_conn_angle.ptnr1_auth_comp_id 
_pdbx_struct_conn_angle.ptnr1_auth_seq_id 
_pdbx_struct_conn_angle.ptnr1_PDB_ins_code 
_pdbx_struct_conn_angle.ptnr1_symmetry 
_pdbx_struct_conn_angle.ptnr2_label_atom_id 
_pdbx_struct_conn_angle.ptnr2_label_alt_id 
_pdbx_struct_conn_angle.ptnr2_label_asym_id 
_pdbx_struct_conn_angle.ptnr2_label_comp_id 
_pdbx_struct_conn_angle.ptnr2_label_seq_id 
_pdbx_struct_conn_angle.ptnr2_auth_atom_id 
_pdbx_struct_conn_angle.ptnr2_auth_asym_id 
_pdbx_struct_conn_angle.ptnr2_auth_comp_id 
_pdbx_struct_conn_angle.ptnr2_auth_seq_id 
_pdbx_struct_conn_angle.ptnr2_PDB_ins_code 
_pdbx_struct_conn_angle.ptnr2_symmetry 
_pdbx_struct_conn_angle.ptnr3_label_atom_id 
_pdbx_struct_conn_angle.ptnr3_label_alt_id 
_pdbx_struct_conn_angle.ptnr3_label_asym_id 
_pdbx_struct_conn_angle.ptnr3_label_comp_id 
_pdbx_struct_conn_angle.ptnr3_label_seq_id 
_pdbx_struct_conn_angle.ptnr3_auth_atom_id 
_pdbx_struct_conn_angle.ptnr3_auth_asym_id 
_pdbx_struct_conn_angle.ptnr3_auth_comp_id 
_pdbx_struct_conn_angle.ptnr3_auth_seq_id 
_pdbx_struct_conn_angle.ptnr3_PDB_ins_code 
_pdbx_struct_conn_angle.ptnr3_symmetry 
_pdbx_struct_conn_angle.value 
_pdbx_struct_conn_angle.value_esd 
1 SG ? A CYS 262 ? A CYS 262 ? 1_555 ZN ? B ZN . ? A ZN 600 ? 1_555 SG ? A CYS 264 ? A CYS 264 ? 1_555 101.5 ? 
2 SG ? A CYS 262 ? A CYS 262 ? 1_555 ZN ? B ZN . ? A ZN 600 ? 1_555 SG ? A CYS 287 ? A CYS 287 ? 1_555 102.2 ? 
3 SG ? A CYS 264 ? A CYS 264 ? 1_555 ZN ? B ZN . ? A ZN 600 ? 1_555 SG ? A CYS 287 ? A CYS 287 ? 1_555 112.0 ? 
4 SG ? A CYS 262 ? A CYS 262 ? 1_555 ZN ? B ZN . ? A ZN 600 ? 1_555 SG ? A CYS 305 ? A CYS 305 ? 1_555 117.6 ? 
5 SG ? A CYS 264 ? A CYS 264 ? 1_555 ZN ? B ZN . ? A ZN 600 ? 1_555 SG ? A CYS 305 ? A CYS 305 ? 1_555 107.4 ? 
6 SG ? A CYS 287 ? A CYS 287 ? 1_555 ZN ? B ZN . ? A ZN 600 ? 1_555 SG ? A CYS 305 ? A CYS 305 ? 1_555 115.3 ? 
# 
loop_
_struct_sheet.id 
_struct_sheet.type 
_struct_sheet.number_strands 
_struct_sheet.details 
AA1 ? 2 ? 
AA2 ? 2 ? 
# 
loop_
_struct_sheet_order.sheet_id 
_struct_sheet_order.range_id_1 
_struct_sheet_order.range_id_2 
_struct_sheet_order.offset 
_struct_sheet_order.sense 
AA1 1 2 ? parallel 
AA2 1 2 ? parallel 
# 
loop_
_struct_sheet_range.sheet_id 
_struct_sheet_range.id 
_struct_sheet_range.beg_label_comp_id 
_struct_sheet_range.beg_label_asym_id 
_struct_sheet_range.beg_label_seq_id 
_struct_sheet_range.pdbx_beg_PDB_ins_code 
_struct_sheet_range.end_label_comp_id 
_struct_sheet_range.end_label_asym_id 
_struct_sheet_range.end_label_seq_id 
_struct_sheet_range.pdbx_end_PDB_ins_code 
_struct_sheet_range.beg_auth_comp_id 
_struct_sheet_range.beg_auth_asym_id 
_struct_sheet_range.beg_auth_seq_id 
_struct_sheet_range.end_auth_comp_id 
_struct_sheet_range.end_auth_asym_id 
_struct_sheet_range.end_auth_seq_id 
AA1 1 VAL A 176 ? ARG A 177 ? VAL A 176 ARG A 177 
AA1 2 TYR A 190 ? SER A 191 ? TYR A 190 SER A 191 
AA2 1 ILE A 284 ? VAL A 286 ? ILE A 284 VAL A 286 
AA2 2 VAL A 300 ? LYS A 302 ? VAL A 300 LYS A 302 
# 
loop_
_pdbx_struct_sheet_hbond.sheet_id 
_pdbx_struct_sheet_hbond.range_id_1 
_pdbx_struct_sheet_hbond.range_id_2 
_pdbx_struct_sheet_hbond.range_1_label_atom_id 
_pdbx_struct_sheet_hbond.range_1_label_comp_id 
_pdbx_struct_sheet_hbond.range_1_label_asym_id 
_pdbx_struct_sheet_hbond.range_1_label_seq_id 
_pdbx_struct_sheet_hbond.range_1_PDB_ins_code 
_pdbx_struct_sheet_hbond.range_1_auth_atom_id 
_pdbx_struct_sheet_hbond.range_1_auth_comp_id 
_pdbx_struct_sheet_hbond.range_1_auth_asym_id 
_pdbx_struct_sheet_hbond.range_1_auth_seq_id 
_pdbx_struct_sheet_hbond.range_2_label_atom_id 
_pdbx_struct_sheet_hbond.range_2_label_comp_id 
_pdbx_struct_sheet_hbond.range_2_label_asym_id 
_pdbx_struct_sheet_hbond.range_2_label_seq_id 
_pdbx_struct_sheet_hbond.range_2_PDB_ins_code 
_pdbx_struct_sheet_hbond.range_2_auth_atom_id 
_pdbx_struct_sheet_hbond.range_2_auth_comp_id 
_pdbx_struct_sheet_hbond.range_2_auth_asym_id 
_pdbx_struct_sheet_hbond.range_2_auth_seq_id 
AA1 1 2 N VAL A 176 ? N VAL A 176 O SER A 191 ? O SER A 191 
AA2 1 2 N VAL A 286 ? N VAL A 286 O GLN A 301 ? O GLN A 301 
# 
_pdbx_entry_details.entry_id                   8PK7 
_pdbx_entry_details.nonpolymer_details         ? 
_pdbx_entry_details.sequence_details           ? 
_pdbx_entry_details.compound_details           ? 
_pdbx_entry_details.source_details             ? 
_pdbx_entry_details.has_ligand_of_interest     Y 
_pdbx_entry_details.has_protein_modification   N 
# 
_pdbx_validate_close_contact.id               1 
_pdbx_validate_close_contact.PDB_model_num    1 
_pdbx_validate_close_contact.auth_atom_id_1   OH 
_pdbx_validate_close_contact.auth_asym_id_1   A 
_pdbx_validate_close_contact.auth_comp_id_1   TYR 
_pdbx_validate_close_contact.auth_seq_id_1    200 
_pdbx_validate_close_contact.PDB_ins_code_1   ? 
_pdbx_validate_close_contact.label_alt_id_1   ? 
_pdbx_validate_close_contact.auth_atom_id_2   O 
_pdbx_validate_close_contact.auth_asym_id_2   A 
_pdbx_validate_close_contact.auth_comp_id_2   SER 
_pdbx_validate_close_contact.auth_seq_id_2    254 
_pdbx_validate_close_contact.PDB_ins_code_2   ? 
_pdbx_validate_close_contact.label_alt_id_2   ? 
_pdbx_validate_close_contact.dist             2.13 
# 
_em_3d_fitting.id                1 
_em_3d_fitting.entry_id          8PK7 
_em_3d_fitting.method            ? 
_em_3d_fitting.target_criteria   ? 
_em_3d_fitting.details           ? 
_em_3d_fitting.overall_b_value   ? 
_em_3d_fitting.ref_space         ? 
_em_3d_fitting.ref_protocol      'AB INITIO MODEL' 
# 
_em_3d_fitting_list.id                            1 
_em_3d_fitting_list.3d_fitting_id                 1 
_em_3d_fitting_list.pdb_entry_id                  8PHZ 
_em_3d_fitting_list.pdb_chain_id                  A 
_em_3d_fitting_list.pdb_chain_residue_range       174-600 
_em_3d_fitting_list.details                       ? 
_em_3d_fitting_list.chain_id                      A 
_em_3d_fitting_list.chain_residue_range           174-600 
_em_3d_fitting_list.source_name                   PDB 
_em_3d_fitting_list.type                          'experimental model' 
_em_3d_fitting_list.accession_code                8PHZ 
_em_3d_fitting_list.initial_refinement_model_id   1 
# 
_em_3d_reconstruction.entry_id                    8PK7 
_em_3d_reconstruction.id                          1 
_em_3d_reconstruction.method                      ? 
_em_3d_reconstruction.algorithm                   ? 
_em_3d_reconstruction.citation_id                 ? 
_em_3d_reconstruction.details                     
;The assembly was calculated from the helical reconstruction of nsP3 from PDB 8PHZ subunit A. This was refined on a local refinement map at 2.35 A resolution
;
_em_3d_reconstruction.resolution                  2.52 
_em_3d_reconstruction.resolution_method           'FSC 0.143 CUT-OFF' 
_em_3d_reconstruction.magnification_calibration   ? 
_em_3d_reconstruction.nominal_pixel_size          ? 
_em_3d_reconstruction.actual_pixel_size           ? 
_em_3d_reconstruction.num_particles               807973 
_em_3d_reconstruction.euler_angles_details        ? 
_em_3d_reconstruction.num_class_averages          ? 
_em_3d_reconstruction.refinement_type             ? 
_em_3d_reconstruction.image_processing_id         1 
_em_3d_reconstruction.symmetry_type               HELICAL 
# 
_em_buffer.id            1 
_em_buffer.specimen_id   1 
_em_buffer.name          ? 
_em_buffer.details       ? 
_em_buffer.pH            7.5 
# 
_em_entity_assembly.id                   1 
_em_entity_assembly.parent_id            0 
_em_entity_assembly.source               RECOMBINANT 
_em_entity_assembly.type                 COMPLEX 
_em_entity_assembly.name                 'Helical scaffold assembly of CHIKV nsP3 mediated by its Unique alphavirus domain.' 
_em_entity_assembly.details              ? 
_em_entity_assembly.synonym              ? 
_em_entity_assembly.oligomeric_details   ? 
_em_entity_assembly.entity_id_list       1 
# 
_em_imaging.entry_id                        8PK7 
_em_imaging.id                              1 
_em_imaging.astigmatism                     ? 
_em_imaging.electron_beam_tilt_params       ? 
_em_imaging.residual_tilt                   ? 
_em_imaging.microscope_model                'FEI TITAN KRIOS' 
_em_imaging.specimen_holder_type            ? 
_em_imaging.specimen_holder_model           ? 
_em_imaging.details                         ? 
_em_imaging.date                            ? 
_em_imaging.accelerating_voltage            300 
_em_imaging.illumination_mode               'FLOOD BEAM' 
_em_imaging.mode                            'BRIGHT FIELD' 
_em_imaging.nominal_cs                      ? 
_em_imaging.nominal_defocus_min             800 
_em_imaging.nominal_defocus_max             2500 
_em_imaging.calibrated_defocus_min          ? 
_em_imaging.calibrated_defocus_max          ? 
_em_imaging.tilt_angle_min                  ? 
_em_imaging.tilt_angle_max                  ? 
_em_imaging.nominal_magnification           ? 
_em_imaging.calibrated_magnification        ? 
_em_imaging.electron_source                 'FIELD EMISSION GUN' 
_em_imaging.citation_id                     ? 
_em_imaging.temperature                     ? 
_em_imaging.detector_distance               ? 
_em_imaging.recording_temperature_minimum   ? 
_em_imaging.recording_temperature_maximum   ? 
_em_imaging.alignment_procedure             ? 
_em_imaging.c2_aperture_diameter            ? 
_em_imaging.specimen_id                     1 
_em_imaging.cryogen                         ? 
# 
_em_vitrification.entry_id              8PK7 
_em_vitrification.id                    1 
_em_vitrification.specimen_id           1 
_em_vitrification.cryogen_name          ETHANE-PROPANE 
_em_vitrification.humidity              ? 
_em_vitrification.temp                  ? 
_em_vitrification.chamber_temperature   ? 
_em_vitrification.instrument            ? 
_em_vitrification.method                ? 
_em_vitrification.time_resolved_state   ? 
_em_vitrification.citation_id           ? 
_em_vitrification.details               ? 
# 
_em_experiment.entry_id                8PK7 
_em_experiment.id                      1 
_em_experiment.reconstruction_method   HELICAL 
_em_experiment.aggregation_state       'HELICAL ARRAY' 
_em_experiment.entity_assembly_id      1 
# 
loop_
_pdbx_unobs_or_zero_occ_residues.id 
_pdbx_unobs_or_zero_occ_residues.PDB_model_num 
_pdbx_unobs_or_zero_occ_residues.polymer_flag 
_pdbx_unobs_or_zero_occ_residues.occupancy_flag 
_pdbx_unobs_or_zero_occ_residues.auth_asym_id 
_pdbx_unobs_or_zero_occ_residues.auth_comp_id 
_pdbx_unobs_or_zero_occ_residues.auth_seq_id 
_pdbx_unobs_or_zero_occ_residues.PDB_ins_code 
_pdbx_unobs_or_zero_occ_residues.label_asym_id 
_pdbx_unobs_or_zero_occ_residues.label_comp_id 
_pdbx_unobs_or_zero_occ_residues.label_seq_id 
1   1 Y 1 A ALA 1   ? A ALA 1   
2   1 Y 1 A PRO 2   ? A PRO 2   
3   1 Y 1 A SER 3   ? A SER 3   
4   1 Y 1 A TYR 4   ? A TYR 4   
5   1 Y 1 A ARG 5   ? A ARG 5   
6   1 Y 1 A VAL 6   ? A VAL 6   
7   1 Y 1 A LYS 7   ? A LYS 7   
8   1 Y 1 A ARG 8   ? A ARG 8   
9   1 Y 1 A MET 9   ? A MET 9   
10  1 Y 1 A ASP 10  ? A ASP 10  
11  1 Y 1 A ILE 11  ? A ILE 11  
12  1 Y 1 A ALA 12  ? A ALA 12  
13  1 Y 1 A LYS 13  ? A LYS 13  
14  1 Y 1 A ASN 14  ? A ASN 14  
15  1 Y 1 A ASP 15  ? A ASP 15  
16  1 Y 1 A GLU 16  ? A GLU 16  
17  1 Y 1 A GLU 17  ? A GLU 17  
18  1 Y 1 A CYS 18  ? A CYS 18  
19  1 Y 1 A VAL 19  ? A VAL 19  
20  1 Y 1 A VAL 20  ? A VAL 20  
21  1 Y 1 A ASN 21  ? A ASN 21  
22  1 Y 1 A ALA 22  ? A ALA 22  
23  1 Y 1 A ALA 23  ? A ALA 23  
24  1 Y 1 A ASN 24  ? A ASN 24  
25  1 Y 1 A PRO 25  ? A PRO 25  
26  1 Y 1 A ARG 26  ? A ARG 26  
27  1 Y 1 A GLY 27  ? A GLY 27  
28  1 Y 1 A LEU 28  ? A LEU 28  
29  1 Y 1 A PRO 29  ? A PRO 29  
30  1 Y 1 A GLY 30  ? A GLY 30  
31  1 Y 1 A ASP 31  ? A ASP 31  
32  1 Y 1 A GLY 32  ? A GLY 32  
33  1 Y 1 A VAL 33  ? A VAL 33  
34  1 Y 1 A CYS 34  ? A CYS 34  
35  1 Y 1 A LYS 35  ? A LYS 35  
36  1 Y 1 A ALA 36  ? A ALA 36  
37  1 Y 1 A VAL 37  ? A VAL 37  
38  1 Y 1 A TYR 38  ? A TYR 38  
39  1 Y 1 A LYS 39  ? A LYS 39  
40  1 Y 1 A LYS 40  ? A LYS 40  
41  1 Y 1 A TRP 41  ? A TRP 41  
42  1 Y 1 A PRO 42  ? A PRO 42  
43  1 Y 1 A GLU 43  ? A GLU 43  
44  1 Y 1 A SER 44  ? A SER 44  
45  1 Y 1 A PHE 45  ? A PHE 45  
46  1 Y 1 A LYS 46  ? A LYS 46  
47  1 Y 1 A ASN 47  ? A ASN 47  
48  1 Y 1 A SER 48  ? A SER 48  
49  1 Y 1 A ALA 49  ? A ALA 49  
50  1 Y 1 A THR 50  ? A THR 50  
51  1 Y 1 A PRO 51  ? A PRO 51  
52  1 Y 1 A VAL 52  ? A VAL 52  
53  1 Y 1 A GLY 53  ? A GLY 53  
54  1 Y 1 A THR 54  ? A THR 54  
55  1 Y 1 A ALA 55  ? A ALA 55  
56  1 Y 1 A LYS 56  ? A LYS 56  
57  1 Y 1 A THR 57  ? A THR 57  
58  1 Y 1 A VAL 58  ? A VAL 58  
59  1 Y 1 A MET 59  ? A MET 59  
60  1 Y 1 A CYS 60  ? A CYS 60  
61  1 Y 1 A GLY 61  ? A GLY 61  
62  1 Y 1 A THR 62  ? A THR 62  
63  1 Y 1 A TYR 63  ? A TYR 63  
64  1 Y 1 A PRO 64  ? A PRO 64  
65  1 Y 1 A VAL 65  ? A VAL 65  
66  1 Y 1 A ILE 66  ? A ILE 66  
67  1 Y 1 A HIS 67  ? A HIS 67  
68  1 Y 1 A ALA 68  ? A ALA 68  
69  1 Y 1 A VAL 69  ? A VAL 69  
70  1 Y 1 A GLY 70  ? A GLY 70  
71  1 Y 1 A PRO 71  ? A PRO 71  
72  1 Y 1 A ASN 72  ? A ASN 72  
73  1 Y 1 A PHE 73  ? A PHE 73  
74  1 Y 1 A SER 74  ? A SER 74  
75  1 Y 1 A ASN 75  ? A ASN 75  
76  1 Y 1 A TYR 76  ? A TYR 76  
77  1 Y 1 A SER 77  ? A SER 77  
78  1 Y 1 A GLU 78  ? A GLU 78  
79  1 Y 1 A SER 79  ? A SER 79  
80  1 Y 1 A GLU 80  ? A GLU 80  
81  1 Y 1 A GLY 81  ? A GLY 81  
82  1 Y 1 A ASP 82  ? A ASP 82  
83  1 Y 1 A ARG 83  ? A ARG 83  
84  1 Y 1 A GLU 84  ? A GLU 84  
85  1 Y 1 A LEU 85  ? A LEU 85  
86  1 Y 1 A ALA 86  ? A ALA 86  
87  1 Y 1 A ALA 87  ? A ALA 87  
88  1 Y 1 A ALA 88  ? A ALA 88  
89  1 Y 1 A TYR 89  ? A TYR 89  
90  1 Y 1 A ARG 90  ? A ARG 90  
91  1 Y 1 A GLU 91  ? A GLU 91  
92  1 Y 1 A VAL 92  ? A VAL 92  
93  1 Y 1 A ALA 93  ? A ALA 93  
94  1 Y 1 A LYS 94  ? A LYS 94  
95  1 Y 1 A GLU 95  ? A GLU 95  
96  1 Y 1 A VAL 96  ? A VAL 96  
97  1 Y 1 A THR 97  ? A THR 97  
98  1 Y 1 A ARG 98  ? A ARG 98  
99  1 Y 1 A LEU 99  ? A LEU 99  
100 1 Y 1 A GLY 100 ? A GLY 100 
101 1 Y 1 A VAL 101 ? A VAL 101 
102 1 Y 1 A ASN 102 ? A ASN 102 
103 1 Y 1 A SER 103 ? A SER 103 
104 1 Y 1 A VAL 104 ? A VAL 104 
105 1 Y 1 A ALA 105 ? A ALA 105 
106 1 Y 1 A ILE 106 ? A ILE 106 
107 1 Y 1 A PRO 107 ? A PRO 107 
108 1 Y 1 A LEU 108 ? A LEU 108 
109 1 Y 1 A LEU 109 ? A LEU 109 
110 1 Y 1 A SER 110 ? A SER 110 
111 1 Y 1 A THR 111 ? A THR 111 
112 1 Y 1 A GLY 112 ? A GLY 112 
113 1 Y 1 A VAL 113 ? A VAL 113 
114 1 Y 1 A TYR 114 ? A TYR 114 
115 1 Y 1 A SER 115 ? A SER 115 
116 1 Y 1 A GLY 116 ? A GLY 116 
117 1 Y 1 A GLY 117 ? A GLY 117 
118 1 Y 1 A LYS 118 ? A LYS 118 
119 1 Y 1 A ASP 119 ? A ASP 119 
120 1 Y 1 A ARG 120 ? A ARG 120 
121 1 Y 1 A LEU 121 ? A LEU 121 
122 1 Y 1 A THR 122 ? A THR 122 
123 1 Y 1 A GLN 123 ? A GLN 123 
124 1 Y 1 A SER 124 ? A SER 124 
125 1 Y 1 A LEU 125 ? A LEU 125 
126 1 Y 1 A ASN 126 ? A ASN 126 
127 1 Y 1 A HIS 127 ? A HIS 127 
128 1 Y 1 A LEU 128 ? A LEU 128 
129 1 Y 1 A PHE 129 ? A PHE 129 
130 1 Y 1 A THR 130 ? A THR 130 
131 1 Y 1 A ALA 131 ? A ALA 131 
132 1 Y 1 A MET 132 ? A MET 132 
133 1 Y 1 A ASP 133 ? A ASP 133 
134 1 Y 1 A SER 134 ? A SER 134 
135 1 Y 1 A THR 135 ? A THR 135 
136 1 Y 1 A ASP 136 ? A ASP 136 
137 1 Y 1 A ALA 137 ? A ALA 137 
138 1 Y 1 A ASP 138 ? A ASP 138 
139 1 Y 1 A VAL 139 ? A VAL 139 
140 1 Y 1 A VAL 140 ? A VAL 140 
141 1 Y 1 A ILE 141 ? A ILE 141 
142 1 Y 1 A TYR 142 ? A TYR 142 
143 1 Y 1 A CYS 143 ? A CYS 143 
144 1 Y 1 A ARG 144 ? A ARG 144 
145 1 Y 1 A ASP 145 ? A ASP 145 
146 1 Y 1 A LYS 146 ? A LYS 146 
147 1 Y 1 A GLU 147 ? A GLU 147 
148 1 Y 1 A TRP 148 ? A TRP 148 
149 1 Y 1 A GLU 149 ? A GLU 149 
150 1 Y 1 A LYS 150 ? A LYS 150 
151 1 Y 1 A LYS 151 ? A LYS 151 
152 1 Y 1 A ILE 152 ? A ILE 152 
153 1 Y 1 A SER 153 ? A SER 153 
154 1 Y 1 A GLU 154 ? A GLU 154 
155 1 Y 1 A ALA 155 ? A ALA 155 
156 1 Y 1 A ILE 156 ? A ILE 156 
157 1 Y 1 A GLN 157 ? A GLN 157 
158 1 Y 1 A MET 158 ? A MET 158 
159 1 Y 1 A ARG 159 ? A ARG 159 
160 1 Y 1 A THR 160 ? A THR 160 
161 1 Y 1 A GLN 161 ? A GLN 161 
162 1 Y 1 A VAL 162 ? A VAL 162 
163 1 Y 1 A GLU 163 ? A GLU 163 
164 1 Y 1 A LEU 164 ? A LEU 164 
165 1 Y 1 A LEU 165 ? A LEU 165 
166 1 Y 1 A ASP 166 ? A ASP 166 
167 1 Y 1 A GLU 167 ? A GLU 167 
168 1 Y 1 A HIS 168 ? A HIS 168 
169 1 Y 1 A ILE 169 ? A ILE 169 
170 1 Y 1 A SER 170 ? A SER 170 
171 1 Y 1 A ILE 171 ? A ILE 171 
172 1 Y 1 A ASP 172 ? A ASP 172 
173 1 Y 1 A CYS 173 ? A CYS 173 
174 1 Y 1 A LEU 310 ? A LEU 310 
175 1 Y 1 A PHE 311 ? A PHE 311 
176 1 Y 1 A ASP 312 ? A ASP 312 
177 1 Y 1 A HIS 313 ? A HIS 313 
178 1 Y 1 A ASN 314 ? A ASN 314 
179 1 Y 1 A VAL 315 ? A VAL 315 
180 1 Y 1 A PRO 316 ? A PRO 316 
181 1 Y 1 A SER 317 ? A SER 317 
182 1 Y 1 A ARG 318 ? A ARG 318 
183 1 Y 1 A VAL 319 ? A VAL 319 
184 1 Y 1 A SER 320 ? A SER 320 
185 1 Y 1 A PRO 321 ? A PRO 321 
186 1 Y 1 A ARG 322 ? A ARG 322 
187 1 Y 1 A GLU 323 ? A GLU 323 
188 1 Y 1 A TYR 324 ? A TYR 324 
189 1 Y 1 A ARG 325 ? A ARG 325 
190 1 Y 1 A PRO 326 ? A PRO 326 
191 1 Y 1 A SER 327 ? A SER 327 
192 1 Y 1 A GLN 328 ? A GLN 328 
193 1 Y 1 A GLU 329 ? A GLU 329 
194 1 Y 1 A SER 330 ? A SER 330 
195 1 Y 1 A VAL 331 ? A VAL 331 
196 1 Y 1 A GLN 332 ? A GLN 332 
197 1 Y 1 A GLU 333 ? A GLU 333 
198 1 Y 1 A ALA 334 ? A ALA 334 
199 1 Y 1 A SER 335 ? A SER 335 
200 1 Y 1 A THR 336 ? A THR 336 
201 1 Y 1 A THR 337 ? A THR 337 
202 1 Y 1 A THR 338 ? A THR 338 
203 1 Y 1 A SER 339 ? A SER 339 
204 1 Y 1 A LEU 340 ? A LEU 340 
205 1 Y 1 A THR 341 ? A THR 341 
206 1 Y 1 A HIS 342 ? A HIS 342 
207 1 Y 1 A SER 343 ? A SER 343 
208 1 Y 1 A GLN 344 ? A GLN 344 
209 1 Y 1 A PHE 345 ? A PHE 345 
210 1 Y 1 A ASP 346 ? A ASP 346 
211 1 Y 1 A LEU 347 ? A LEU 347 
212 1 Y 1 A SER 348 ? A SER 348 
213 1 Y 1 A VAL 349 ? A VAL 349 
214 1 Y 1 A ASP 350 ? A ASP 350 
215 1 Y 1 A GLY 351 ? A GLY 351 
216 1 Y 1 A LYS 352 ? A LYS 352 
217 1 Y 1 A ILE 353 ? A ILE 353 
218 1 Y 1 A LEU 354 ? A LEU 354 
219 1 Y 1 A PRO 355 ? A PRO 355 
220 1 Y 1 A VAL 356 ? A VAL 356 
221 1 Y 1 A PRO 357 ? A PRO 357 
222 1 Y 1 A SER 358 ? A SER 358 
223 1 Y 1 A ASP 359 ? A ASP 359 
224 1 Y 1 A LEU 360 ? A LEU 360 
225 1 Y 1 A ASP 361 ? A ASP 361 
226 1 Y 1 A ALA 362 ? A ALA 362 
227 1 Y 1 A ASP 363 ? A ASP 363 
228 1 Y 1 A ALA 364 ? A ALA 364 
229 1 Y 1 A PRO 365 ? A PRO 365 
230 1 Y 1 A ALA 366 ? A ALA 366 
231 1 Y 1 A LEU 367 ? A LEU 367 
232 1 Y 1 A GLU 368 ? A GLU 368 
233 1 Y 1 A PRO 369 ? A PRO 369 
234 1 Y 1 A ALA 370 ? A ALA 370 
235 1 Y 1 A LEU 371 ? A LEU 371 
236 1 Y 1 A ASP 372 ? A ASP 372 
237 1 Y 1 A ASP 373 ? A ASP 373 
238 1 Y 1 A GLY 374 ? A GLY 374 
239 1 Y 1 A ALA 375 ? A ALA 375 
240 1 Y 1 A ILE 376 ? A ILE 376 
241 1 Y 1 A HIS 377 ? A HIS 377 
242 1 Y 1 A THR 378 ? A THR 378 
243 1 Y 1 A LEU 379 ? A LEU 379 
244 1 Y 1 A PRO 380 ? A PRO 380 
245 1 Y 1 A SER 381 ? A SER 381 
246 1 Y 1 A ALA 382 ? A ALA 382 
247 1 Y 1 A THR 383 ? A THR 383 
248 1 Y 1 A GLY 384 ? A GLY 384 
249 1 Y 1 A ASN 385 ? A ASN 385 
250 1 Y 1 A LEU 386 ? A LEU 386 
251 1 Y 1 A ALA 387 ? A ALA 387 
252 1 Y 1 A ALA 388 ? A ALA 388 
253 1 Y 1 A VAL 389 ? A VAL 389 
254 1 Y 1 A SER 390 ? A SER 390 
255 1 Y 1 A ASP 391 ? A ASP 391 
256 1 Y 1 A TRP 392 ? A TRP 392 
257 1 Y 1 A VAL 393 ? A VAL 393 
258 1 Y 1 A MET 394 ? A MET 394 
259 1 Y 1 A SER 395 ? A SER 395 
260 1 Y 1 A THR 396 ? A THR 396 
261 1 Y 1 A VAL 397 ? A VAL 397 
262 1 Y 1 A PRO 398 ? A PRO 398 
263 1 Y 1 A VAL 399 ? A VAL 399 
264 1 Y 1 A ALA 400 ? A ALA 400 
265 1 Y 1 A PRO 401 ? A PRO 401 
266 1 Y 1 A PRO 402 ? A PRO 402 
267 1 Y 1 A ARG 403 ? A ARG 403 
268 1 Y 1 A ARG 404 ? A ARG 404 
269 1 Y 1 A ARG 405 ? A ARG 405 
270 1 Y 1 A ARG 406 ? A ARG 406 
271 1 Y 1 A GLY 407 ? A GLY 407 
272 1 Y 1 A ARG 408 ? A ARG 408 
273 1 Y 1 A ASN 409 ? A ASN 409 
274 1 Y 1 A LEU 410 ? A LEU 410 
275 1 Y 1 A THR 411 ? A THR 411 
276 1 Y 1 A VAL 412 ? A VAL 412 
277 1 Y 1 A THR 413 ? A THR 413 
278 1 Y 1 A CYS 414 ? A CYS 414 
279 1 Y 1 A ASP 415 ? A ASP 415 
280 1 Y 1 A GLU 416 ? A GLU 416 
281 1 Y 1 A ARG 417 ? A ARG 417 
282 1 Y 1 A GLU 418 ? A GLU 418 
283 1 Y 1 A GLY 419 ? A GLY 419 
284 1 Y 1 A ASN 420 ? A ASN 420 
285 1 Y 1 A ILE 421 ? A ILE 421 
286 1 Y 1 A THR 422 ? A THR 422 
287 1 Y 1 A PRO 423 ? A PRO 423 
288 1 Y 1 A MET 424 ? A MET 424 
289 1 Y 1 A ALA 425 ? A ALA 425 
290 1 Y 1 A SER 426 ? A SER 426 
291 1 Y 1 A VAL 427 ? A VAL 427 
292 1 Y 1 A ARG 428 ? A ARG 428 
293 1 Y 1 A PHE 429 ? A PHE 429 
294 1 Y 1 A PHE 430 ? A PHE 430 
295 1 Y 1 A ARG 431 ? A ARG 431 
296 1 Y 1 A ALA 432 ? A ALA 432 
297 1 Y 1 A GLU 433 ? A GLU 433 
298 1 Y 1 A LEU 434 ? A LEU 434 
299 1 Y 1 A CYS 435 ? A CYS 435 
300 1 Y 1 A PRO 436 ? A PRO 436 
301 1 Y 1 A VAL 437 ? A VAL 437 
302 1 Y 1 A VAL 438 ? A VAL 438 
303 1 Y 1 A GLN 439 ? A GLN 439 
304 1 Y 1 A GLU 440 ? A GLU 440 
305 1 Y 1 A THR 441 ? A THR 441 
306 1 Y 1 A ALA 442 ? A ALA 442 
307 1 Y 1 A GLU 443 ? A GLU 443 
308 1 Y 1 A THR 444 ? A THR 444 
309 1 Y 1 A ARG 445 ? A ARG 445 
310 1 Y 1 A ASP 446 ? A ASP 446 
311 1 Y 1 A THR 447 ? A THR 447 
312 1 Y 1 A ALA 448 ? A ALA 448 
313 1 Y 1 A MET 449 ? A MET 449 
314 1 Y 1 A SER 450 ? A SER 450 
315 1 Y 1 A LEU 451 ? A LEU 451 
316 1 Y 1 A GLN 452 ? A GLN 452 
317 1 Y 1 A ALA 453 ? A ALA 453 
318 1 Y 1 A PRO 454 ? A PRO 454 
319 1 Y 1 A PRO 455 ? A PRO 455 
320 1 Y 1 A SER 456 ? A SER 456 
321 1 Y 1 A THR 457 ? A THR 457 
322 1 Y 1 A ALA 458 ? A ALA 458 
323 1 Y 1 A THR 459 ? A THR 459 
324 1 Y 1 A GLU 460 ? A GLU 460 
325 1 Y 1 A LEU 461 ? A LEU 461 
326 1 Y 1 A SER 462 ? A SER 462 
327 1 Y 1 A HIS 463 ? A HIS 463 
328 1 Y 1 A PRO 464 ? A PRO 464 
329 1 Y 1 A PRO 465 ? A PRO 465 
330 1 Y 1 A ILE 466 ? A ILE 466 
331 1 Y 1 A SER 467 ? A SER 467 
332 1 Y 1 A PHE 468 ? A PHE 468 
333 1 Y 1 A GLY 469 ? A GLY 469 
334 1 Y 1 A ALA 470 ? A ALA 470 
335 1 Y 1 A PRO 471 ? A PRO 471 
336 1 Y 1 A SER 472 ? A SER 472 
337 1 Y 1 A GLU 473 ? A GLU 473 
338 1 Y 1 A THR 474 ? A THR 474 
339 1 Y 1 A PHE 475 ? A PHE 475 
340 1 Y 1 A PRO 476 ? A PRO 476 
341 1 Y 1 A ILE 477 ? A ILE 477 
342 1 Y 1 A THR 478 ? A THR 478 
343 1 Y 1 A PHE 479 ? A PHE 479 
344 1 Y 1 A GLY 480 ? A GLY 480 
345 1 Y 1 A ASP 481 ? A ASP 481 
346 1 Y 1 A PHE 482 ? A PHE 482 
347 1 Y 1 A ASN 483 ? A ASN 483 
348 1 Y 1 A GLU 484 ? A GLU 484 
349 1 Y 1 A GLY 485 ? A GLY 485 
350 1 Y 1 A GLU 486 ? A GLU 486 
351 1 Y 1 A ILE 487 ? A ILE 487 
352 1 Y 1 A GLU 488 ? A GLU 488 
353 1 Y 1 A SER 489 ? A SER 489 
354 1 Y 1 A LEU 490 ? A LEU 490 
355 1 Y 1 A SER 491 ? A SER 491 
356 1 Y 1 A SER 492 ? A SER 492 
357 1 Y 1 A GLU 493 ? A GLU 493 
358 1 Y 1 A LEU 494 ? A LEU 494 
359 1 Y 1 A LEU 495 ? A LEU 495 
360 1 Y 1 A THR 496 ? A THR 496 
361 1 Y 1 A PHE 497 ? A PHE 497 
362 1 Y 1 A GLY 498 ? A GLY 498 
363 1 Y 1 A ASP 499 ? A ASP 499 
364 1 Y 1 A PHE 500 ? A PHE 500 
365 1 Y 1 A LEU 501 ? A LEU 501 
366 1 Y 1 A PRO 502 ? A PRO 502 
367 1 Y 1 A GLY 503 ? A GLY 503 
368 1 Y 1 A GLU 504 ? A GLU 504 
369 1 Y 1 A VAL 505 ? A VAL 505 
370 1 Y 1 A ASP 506 ? A ASP 506 
371 1 Y 1 A ASP 507 ? A ASP 507 
372 1 Y 1 A LEU 508 ? A LEU 508 
373 1 Y 1 A THR 509 ? A THR 509 
374 1 Y 1 A ASP 510 ? A ASP 510 
375 1 Y 1 A SER 511 ? A SER 511 
376 1 Y 1 A ASP 512 ? A ASP 512 
377 1 Y 1 A TRP 513 ? A TRP 513 
378 1 Y 1 A SER 514 ? A SER 514 
379 1 Y 1 A THR 515 ? A THR 515 
380 1 Y 1 A CYS 516 ? A CYS 516 
381 1 Y 1 A SER 517 ? A SER 517 
382 1 Y 1 A ASP 518 ? A ASP 518 
383 1 Y 1 A THR 519 ? A THR 519 
384 1 Y 1 A ASP 520 ? A ASP 520 
385 1 Y 1 A ASP 521 ? A ASP 521 
386 1 Y 1 A GLU 522 ? A GLU 522 
387 1 Y 1 A LEU 523 ? A LEU 523 
# 
loop_
_chem_comp_atom.comp_id 
_chem_comp_atom.atom_id 
_chem_comp_atom.type_symbol 
_chem_comp_atom.pdbx_aromatic_flag 
_chem_comp_atom.pdbx_stereo_config 
_chem_comp_atom.pdbx_ordinal 
ALA N    N  N N 1   
ALA CA   C  N S 2   
ALA C    C  N N 3   
ALA O    O  N N 4   
ALA CB   C  N N 5   
ALA OXT  O  N N 6   
ALA H    H  N N 7   
ALA H2   H  N N 8   
ALA HA   H  N N 9   
ALA HB1  H  N N 10  
ALA HB2  H  N N 11  
ALA HB3  H  N N 12  
ALA HXT  H  N N 13  
ARG N    N  N N 14  
ARG CA   C  N S 15  
ARG C    C  N N 16  
ARG O    O  N N 17  
ARG CB   C  N N 18  
ARG CG   C  N N 19  
ARG CD   C  N N 20  
ARG NE   N  N N 21  
ARG CZ   C  N N 22  
ARG NH1  N  N N 23  
ARG NH2  N  N N 24  
ARG OXT  O  N N 25  
ARG H    H  N N 26  
ARG H2   H  N N 27  
ARG HA   H  N N 28  
ARG HB2  H  N N 29  
ARG HB3  H  N N 30  
ARG HG2  H  N N 31  
ARG HG3  H  N N 32  
ARG HD2  H  N N 33  
ARG HD3  H  N N 34  
ARG HE   H  N N 35  
ARG HH11 H  N N 36  
ARG HH12 H  N N 37  
ARG HH21 H  N N 38  
ARG HH22 H  N N 39  
ARG HXT  H  N N 40  
ASN N    N  N N 41  
ASN CA   C  N S 42  
ASN C    C  N N 43  
ASN O    O  N N 44  
ASN CB   C  N N 45  
ASN CG   C  N N 46  
ASN OD1  O  N N 47  
ASN ND2  N  N N 48  
ASN OXT  O  N N 49  
ASN H    H  N N 50  
ASN H2   H  N N 51  
ASN HA   H  N N 52  
ASN HB2  H  N N 53  
ASN HB3  H  N N 54  
ASN HD21 H  N N 55  
ASN HD22 H  N N 56  
ASN HXT  H  N N 57  
ASP N    N  N N 58  
ASP CA   C  N S 59  
ASP C    C  N N 60  
ASP O    O  N N 61  
ASP CB   C  N N 62  
ASP CG   C  N N 63  
ASP OD1  O  N N 64  
ASP OD2  O  N N 65  
ASP OXT  O  N N 66  
ASP H    H  N N 67  
ASP H2   H  N N 68  
ASP HA   H  N N 69  
ASP HB2  H  N N 70  
ASP HB3  H  N N 71  
ASP HD2  H  N N 72  
ASP HXT  H  N N 73  
CYS N    N  N N 74  
CYS CA   C  N R 75  
CYS C    C  N N 76  
CYS O    O  N N 77  
CYS CB   C  N N 78  
CYS SG   S  N N 79  
CYS OXT  O  N N 80  
CYS H    H  N N 81  
CYS H2   H  N N 82  
CYS HA   H  N N 83  
CYS HB2  H  N N 84  
CYS HB3  H  N N 85  
CYS HG   H  N N 86  
CYS HXT  H  N N 87  
GLN N    N  N N 88  
GLN CA   C  N S 89  
GLN C    C  N N 90  
GLN O    O  N N 91  
GLN CB   C  N N 92  
GLN CG   C  N N 93  
GLN CD   C  N N 94  
GLN OE1  O  N N 95  
GLN NE2  N  N N 96  
GLN OXT  O  N N 97  
GLN H    H  N N 98  
GLN H2   H  N N 99  
GLN HA   H  N N 100 
GLN HB2  H  N N 101 
GLN HB3  H  N N 102 
GLN HG2  H  N N 103 
GLN HG3  H  N N 104 
GLN HE21 H  N N 105 
GLN HE22 H  N N 106 
GLN HXT  H  N N 107 
GLU N    N  N N 108 
GLU CA   C  N S 109 
GLU C    C  N N 110 
GLU O    O  N N 111 
GLU CB   C  N N 112 
GLU CG   C  N N 113 
GLU CD   C  N N 114 
GLU OE1  O  N N 115 
GLU OE2  O  N N 116 
GLU OXT  O  N N 117 
GLU H    H  N N 118 
GLU H2   H  N N 119 
GLU HA   H  N N 120 
GLU HB2  H  N N 121 
GLU HB3  H  N N 122 
GLU HG2  H  N N 123 
GLU HG3  H  N N 124 
GLU HE2  H  N N 125 
GLU HXT  H  N N 126 
GLY N    N  N N 127 
GLY CA   C  N N 128 
GLY C    C  N N 129 
GLY O    O  N N 130 
GLY OXT  O  N N 131 
GLY H    H  N N 132 
GLY H2   H  N N 133 
GLY HA2  H  N N 134 
GLY HA3  H  N N 135 
GLY HXT  H  N N 136 
HIS N    N  N N 137 
HIS CA   C  N S 138 
HIS C    C  N N 139 
HIS O    O  N N 140 
HIS CB   C  N N 141 
HIS CG   C  Y N 142 
HIS ND1  N  Y N 143 
HIS CD2  C  Y N 144 
HIS CE1  C  Y N 145 
HIS NE2  N  Y N 146 
HIS OXT  O  N N 147 
HIS H    H  N N 148 
HIS H2   H  N N 149 
HIS HA   H  N N 150 
HIS HB2  H  N N 151 
HIS HB3  H  N N 152 
HIS HD1  H  N N 153 
HIS HD2  H  N N 154 
HIS HE1  H  N N 155 
HIS HE2  H  N N 156 
HIS HXT  H  N N 157 
ILE N    N  N N 158 
ILE CA   C  N S 159 
ILE C    C  N N 160 
ILE O    O  N N 161 
ILE CB   C  N S 162 
ILE CG1  C  N N 163 
ILE CG2  C  N N 164 
ILE CD1  C  N N 165 
ILE OXT  O  N N 166 
ILE H    H  N N 167 
ILE H2   H  N N 168 
ILE HA   H  N N 169 
ILE HB   H  N N 170 
ILE HG12 H  N N 171 
ILE HG13 H  N N 172 
ILE HG21 H  N N 173 
ILE HG22 H  N N 174 
ILE HG23 H  N N 175 
ILE HD11 H  N N 176 
ILE HD12 H  N N 177 
ILE HD13 H  N N 178 
ILE HXT  H  N N 179 
LEU N    N  N N 180 
LEU CA   C  N S 181 
LEU C    C  N N 182 
LEU O    O  N N 183 
LEU CB   C  N N 184 
LEU CG   C  N N 185 
LEU CD1  C  N N 186 
LEU CD2  C  N N 187 
LEU OXT  O  N N 188 
LEU H    H  N N 189 
LEU H2   H  N N 190 
LEU HA   H  N N 191 
LEU HB2  H  N N 192 
LEU HB3  H  N N 193 
LEU HG   H  N N 194 
LEU HD11 H  N N 195 
LEU HD12 H  N N 196 
LEU HD13 H  N N 197 
LEU HD21 H  N N 198 
LEU HD22 H  N N 199 
LEU HD23 H  N N 200 
LEU HXT  H  N N 201 
LYS N    N  N N 202 
LYS CA   C  N S 203 
LYS C    C  N N 204 
LYS O    O  N N 205 
LYS CB   C  N N 206 
LYS CG   C  N N 207 
LYS CD   C  N N 208 
LYS CE   C  N N 209 
LYS NZ   N  N N 210 
LYS OXT  O  N N 211 
LYS H    H  N N 212 
LYS H2   H  N N 213 
LYS HA   H  N N 214 
LYS HB2  H  N N 215 
LYS HB3  H  N N 216 
LYS HG2  H  N N 217 
LYS HG3  H  N N 218 
LYS HD2  H  N N 219 
LYS HD3  H  N N 220 
LYS HE2  H  N N 221 
LYS HE3  H  N N 222 
LYS HZ1  H  N N 223 
LYS HZ2  H  N N 224 
LYS HZ3  H  N N 225 
LYS HXT  H  N N 226 
MET N    N  N N 227 
MET CA   C  N S 228 
MET C    C  N N 229 
MET O    O  N N 230 
MET CB   C  N N 231 
MET CG   C  N N 232 
MET SD   S  N N 233 
MET CE   C  N N 234 
MET OXT  O  N N 235 
MET H    H  N N 236 
MET H2   H  N N 237 
MET HA   H  N N 238 
MET HB2  H  N N 239 
MET HB3  H  N N 240 
MET HG2  H  N N 241 
MET HG3  H  N N 242 
MET HE1  H  N N 243 
MET HE2  H  N N 244 
MET HE3  H  N N 245 
MET HXT  H  N N 246 
PHE N    N  N N 247 
PHE CA   C  N S 248 
PHE C    C  N N 249 
PHE O    O  N N 250 
PHE CB   C  N N 251 
PHE CG   C  Y N 252 
PHE CD1  C  Y N 253 
PHE CD2  C  Y N 254 
PHE CE1  C  Y N 255 
PHE CE2  C  Y N 256 
PHE CZ   C  Y N 257 
PHE OXT  O  N N 258 
PHE H    H  N N 259 
PHE H2   H  N N 260 
PHE HA   H  N N 261 
PHE HB2  H  N N 262 
PHE HB3  H  N N 263 
PHE HD1  H  N N 264 
PHE HD2  H  N N 265 
PHE HE1  H  N N 266 
PHE HE2  H  N N 267 
PHE HZ   H  N N 268 
PHE HXT  H  N N 269 
PRO N    N  N N 270 
PRO CA   C  N S 271 
PRO C    C  N N 272 
PRO O    O  N N 273 
PRO CB   C  N N 274 
PRO CG   C  N N 275 
PRO CD   C  N N 276 
PRO OXT  O  N N 277 
PRO H    H  N N 278 
PRO HA   H  N N 279 
PRO HB2  H  N N 280 
PRO HB3  H  N N 281 
PRO HG2  H  N N 282 
PRO HG3  H  N N 283 
PRO HD2  H  N N 284 
PRO HD3  H  N N 285 
PRO HXT  H  N N 286 
SER N    N  N N 287 
SER CA   C  N S 288 
SER C    C  N N 289 
SER O    O  N N 290 
SER CB   C  N N 291 
SER OG   O  N N 292 
SER OXT  O  N N 293 
SER H    H  N N 294 
SER H2   H  N N 295 
SER HA   H  N N 296 
SER HB2  H  N N 297 
SER HB3  H  N N 298 
SER HG   H  N N 299 
SER HXT  H  N N 300 
THR N    N  N N 301 
THR CA   C  N S 302 
THR C    C  N N 303 
THR O    O  N N 304 
THR CB   C  N R 305 
THR OG1  O  N N 306 
THR CG2  C  N N 307 
THR OXT  O  N N 308 
THR H    H  N N 309 
THR H2   H  N N 310 
THR HA   H  N N 311 
THR HB   H  N N 312 
THR HG1  H  N N 313 
THR HG21 H  N N 314 
THR HG22 H  N N 315 
THR HG23 H  N N 316 
THR HXT  H  N N 317 
TRP N    N  N N 318 
TRP CA   C  N S 319 
TRP C    C  N N 320 
TRP O    O  N N 321 
TRP CB   C  N N 322 
TRP CG   C  Y N 323 
TRP CD1  C  Y N 324 
TRP CD2  C  Y N 325 
TRP NE1  N  Y N 326 
TRP CE2  C  Y N 327 
TRP CE3  C  Y N 328 
TRP CZ2  C  Y N 329 
TRP CZ3  C  Y N 330 
TRP CH2  C  Y N 331 
TRP OXT  O  N N 332 
TRP H    H  N N 333 
TRP H2   H  N N 334 
TRP HA   H  N N 335 
TRP HB2  H  N N 336 
TRP HB3  H  N N 337 
TRP HD1  H  N N 338 
TRP HE1  H  N N 339 
TRP HE3  H  N N 340 
TRP HZ2  H  N N 341 
TRP HZ3  H  N N 342 
TRP HH2  H  N N 343 
TRP HXT  H  N N 344 
TYR N    N  N N 345 
TYR CA   C  N S 346 
TYR C    C  N N 347 
TYR O    O  N N 348 
TYR CB   C  N N 349 
TYR CG   C  Y N 350 
TYR CD1  C  Y N 351 
TYR CD2  C  Y N 352 
TYR CE1  C  Y N 353 
TYR CE2  C  Y N 354 
TYR CZ   C  Y N 355 
TYR OH   O  N N 356 
TYR OXT  O  N N 357 
TYR H    H  N N 358 
TYR H2   H  N N 359 
TYR HA   H  N N 360 
TYR HB2  H  N N 361 
TYR HB3  H  N N 362 
TYR HD1  H  N N 363 
TYR HD2  H  N N 364 
TYR HE1  H  N N 365 
TYR HE2  H  N N 366 
TYR HH   H  N N 367 
TYR HXT  H  N N 368 
VAL N    N  N N 369 
VAL CA   C  N S 370 
VAL C    C  N N 371 
VAL O    O  N N 372 
VAL CB   C  N N 373 
VAL CG1  C  N N 374 
VAL CG2  C  N N 375 
VAL OXT  O  N N 376 
VAL H    H  N N 377 
VAL H2   H  N N 378 
VAL HA   H  N N 379 
VAL HB   H  N N 380 
VAL HG11 H  N N 381 
VAL HG12 H  N N 382 
VAL HG13 H  N N 383 
VAL HG21 H  N N 384 
VAL HG22 H  N N 385 
VAL HG23 H  N N 386 
VAL HXT  H  N N 387 
ZN  ZN   ZN N N 388 
# 
loop_
_chem_comp_bond.comp_id 
_chem_comp_bond.atom_id_1 
_chem_comp_bond.atom_id_2 
_chem_comp_bond.value_order 
_chem_comp_bond.pdbx_aromatic_flag 
_chem_comp_bond.pdbx_stereo_config 
_chem_comp_bond.pdbx_ordinal 
ALA N   CA   sing N N 1   
ALA N   H    sing N N 2   
ALA N   H2   sing N N 3   
ALA CA  C    sing N N 4   
ALA CA  CB   sing N N 5   
ALA CA  HA   sing N N 6   
ALA C   O    doub N N 7   
ALA C   OXT  sing N N 8   
ALA CB  HB1  sing N N 9   
ALA CB  HB2  sing N N 10  
ALA CB  HB3  sing N N 11  
ALA OXT HXT  sing N N 12  
ARG N   CA   sing N N 13  
ARG N   H    sing N N 14  
ARG N   H2   sing N N 15  
ARG CA  C    sing N N 16  
ARG CA  CB   sing N N 17  
ARG CA  HA   sing N N 18  
ARG C   O    doub N N 19  
ARG C   OXT  sing N N 20  
ARG CB  CG   sing N N 21  
ARG CB  HB2  sing N N 22  
ARG CB  HB3  sing N N 23  
ARG CG  CD   sing N N 24  
ARG CG  HG2  sing N N 25  
ARG CG  HG3  sing N N 26  
ARG CD  NE   sing N N 27  
ARG CD  HD2  sing N N 28  
ARG CD  HD3  sing N N 29  
ARG NE  CZ   sing N N 30  
ARG NE  HE   sing N N 31  
ARG CZ  NH1  sing N N 32  
ARG CZ  NH2  doub N N 33  
ARG NH1 HH11 sing N N 34  
ARG NH1 HH12 sing N N 35  
ARG NH2 HH21 sing N N 36  
ARG NH2 HH22 sing N N 37  
ARG OXT HXT  sing N N 38  
ASN N   CA   sing N N 39  
ASN N   H    sing N N 40  
ASN N   H2   sing N N 41  
ASN CA  C    sing N N 42  
ASN CA  CB   sing N N 43  
ASN CA  HA   sing N N 44  
ASN C   O    doub N N 45  
ASN C   OXT  sing N N 46  
ASN CB  CG   sing N N 47  
ASN CB  HB2  sing N N 48  
ASN CB  HB3  sing N N 49  
ASN CG  OD1  doub N N 50  
ASN CG  ND2  sing N N 51  
ASN ND2 HD21 sing N N 52  
ASN ND2 HD22 sing N N 53  
ASN OXT HXT  sing N N 54  
ASP N   CA   sing N N 55  
ASP N   H    sing N N 56  
ASP N   H2   sing N N 57  
ASP CA  C    sing N N 58  
ASP CA  CB   sing N N 59  
ASP CA  HA   sing N N 60  
ASP C   O    doub N N 61  
ASP C   OXT  sing N N 62  
ASP CB  CG   sing N N 63  
ASP CB  HB2  sing N N 64  
ASP CB  HB3  sing N N 65  
ASP CG  OD1  doub N N 66  
ASP CG  OD2  sing N N 67  
ASP OD2 HD2  sing N N 68  
ASP OXT HXT  sing N N 69  
CYS N   CA   sing N N 70  
CYS N   H    sing N N 71  
CYS N   H2   sing N N 72  
CYS CA  C    sing N N 73  
CYS CA  CB   sing N N 74  
CYS CA  HA   sing N N 75  
CYS C   O    doub N N 76  
CYS C   OXT  sing N N 77  
CYS CB  SG   sing N N 78  
CYS CB  HB2  sing N N 79  
CYS CB  HB3  sing N N 80  
CYS SG  HG   sing N N 81  
CYS OXT HXT  sing N N 82  
GLN N   CA   sing N N 83  
GLN N   H    sing N N 84  
GLN N   H2   sing N N 85  
GLN CA  C    sing N N 86  
GLN CA  CB   sing N N 87  
GLN CA  HA   sing N N 88  
GLN C   O    doub N N 89  
GLN C   OXT  sing N N 90  
GLN CB  CG   sing N N 91  
GLN CB  HB2  sing N N 92  
GLN CB  HB3  sing N N 93  
GLN CG  CD   sing N N 94  
GLN CG  HG2  sing N N 95  
GLN CG  HG3  sing N N 96  
GLN CD  OE1  doub N N 97  
GLN CD  NE2  sing N N 98  
GLN NE2 HE21 sing N N 99  
GLN NE2 HE22 sing N N 100 
GLN OXT HXT  sing N N 101 
GLU N   CA   sing N N 102 
GLU N   H    sing N N 103 
GLU N   H2   sing N N 104 
GLU CA  C    sing N N 105 
GLU CA  CB   sing N N 106 
GLU CA  HA   sing N N 107 
GLU C   O    doub N N 108 
GLU C   OXT  sing N N 109 
GLU CB  CG   sing N N 110 
GLU CB  HB2  sing N N 111 
GLU CB  HB3  sing N N 112 
GLU CG  CD   sing N N 113 
GLU CG  HG2  sing N N 114 
GLU CG  HG3  sing N N 115 
GLU CD  OE1  doub N N 116 
GLU CD  OE2  sing N N 117 
GLU OE2 HE2  sing N N 118 
GLU OXT HXT  sing N N 119 
GLY N   CA   sing N N 120 
GLY N   H    sing N N 121 
GLY N   H2   sing N N 122 
GLY CA  C    sing N N 123 
GLY CA  HA2  sing N N 124 
GLY CA  HA3  sing N N 125 
GLY C   O    doub N N 126 
GLY C   OXT  sing N N 127 
GLY OXT HXT  sing N N 128 
HIS N   CA   sing N N 129 
HIS N   H    sing N N 130 
HIS N   H2   sing N N 131 
HIS CA  C    sing N N 132 
HIS CA  CB   sing N N 133 
HIS CA  HA   sing N N 134 
HIS C   O    doub N N 135 
HIS C   OXT  sing N N 136 
HIS CB  CG   sing N N 137 
HIS CB  HB2  sing N N 138 
HIS CB  HB3  sing N N 139 
HIS CG  ND1  sing Y N 140 
HIS CG  CD2  doub Y N 141 
HIS ND1 CE1  doub Y N 142 
HIS ND1 HD1  sing N N 143 
HIS CD2 NE2  sing Y N 144 
HIS CD2 HD2  sing N N 145 
HIS CE1 NE2  sing Y N 146 
HIS CE1 HE1  sing N N 147 
HIS NE2 HE2  sing N N 148 
HIS OXT HXT  sing N N 149 
ILE N   CA   sing N N 150 
ILE N   H    sing N N 151 
ILE N   H2   sing N N 152 
ILE CA  C    sing N N 153 
ILE CA  CB   sing N N 154 
ILE CA  HA   sing N N 155 
ILE C   O    doub N N 156 
ILE C   OXT  sing N N 157 
ILE CB  CG1  sing N N 158 
ILE CB  CG2  sing N N 159 
ILE CB  HB   sing N N 160 
ILE CG1 CD1  sing N N 161 
ILE CG1 HG12 sing N N 162 
ILE CG1 HG13 sing N N 163 
ILE CG2 HG21 sing N N 164 
ILE CG2 HG22 sing N N 165 
ILE CG2 HG23 sing N N 166 
ILE CD1 HD11 sing N N 167 
ILE CD1 HD12 sing N N 168 
ILE CD1 HD13 sing N N 169 
ILE OXT HXT  sing N N 170 
LEU N   CA   sing N N 171 
LEU N   H    sing N N 172 
LEU N   H2   sing N N 173 
LEU CA  C    sing N N 174 
LEU CA  CB   sing N N 175 
LEU CA  HA   sing N N 176 
LEU C   O    doub N N 177 
LEU C   OXT  sing N N 178 
LEU CB  CG   sing N N 179 
LEU CB  HB2  sing N N 180 
LEU CB  HB3  sing N N 181 
LEU CG  CD1  sing N N 182 
LEU CG  CD2  sing N N 183 
LEU CG  HG   sing N N 184 
LEU CD1 HD11 sing N N 185 
LEU CD1 HD12 sing N N 186 
LEU CD1 HD13 sing N N 187 
LEU CD2 HD21 sing N N 188 
LEU CD2 HD22 sing N N 189 
LEU CD2 HD23 sing N N 190 
LEU OXT HXT  sing N N 191 
LYS N   CA   sing N N 192 
LYS N   H    sing N N 193 
LYS N   H2   sing N N 194 
LYS CA  C    sing N N 195 
LYS CA  CB   sing N N 196 
LYS CA  HA   sing N N 197 
LYS C   O    doub N N 198 
LYS C   OXT  sing N N 199 
LYS CB  CG   sing N N 200 
LYS CB  HB2  sing N N 201 
LYS CB  HB3  sing N N 202 
LYS CG  CD   sing N N 203 
LYS CG  HG2  sing N N 204 
LYS CG  HG3  sing N N 205 
LYS CD  CE   sing N N 206 
LYS CD  HD2  sing N N 207 
LYS CD  HD3  sing N N 208 
LYS CE  NZ   sing N N 209 
LYS CE  HE2  sing N N 210 
LYS CE  HE3  sing N N 211 
LYS NZ  HZ1  sing N N 212 
LYS NZ  HZ2  sing N N 213 
LYS NZ  HZ3  sing N N 214 
LYS OXT HXT  sing N N 215 
MET N   CA   sing N N 216 
MET N   H    sing N N 217 
MET N   H2   sing N N 218 
MET CA  C    sing N N 219 
MET CA  CB   sing N N 220 
MET CA  HA   sing N N 221 
MET C   O    doub N N 222 
MET C   OXT  sing N N 223 
MET CB  CG   sing N N 224 
MET CB  HB2  sing N N 225 
MET CB  HB3  sing N N 226 
MET CG  SD   sing N N 227 
MET CG  HG2  sing N N 228 
MET CG  HG3  sing N N 229 
MET SD  CE   sing N N 230 
MET CE  HE1  sing N N 231 
MET CE  HE2  sing N N 232 
MET CE  HE3  sing N N 233 
MET OXT HXT  sing N N 234 
PHE N   CA   sing N N 235 
PHE N   H    sing N N 236 
PHE N   H2   sing N N 237 
PHE CA  C    sing N N 238 
PHE CA  CB   sing N N 239 
PHE CA  HA   sing N N 240 
PHE C   O    doub N N 241 
PHE C   OXT  sing N N 242 
PHE CB  CG   sing N N 243 
PHE CB  HB2  sing N N 244 
PHE CB  HB3  sing N N 245 
PHE CG  CD1  doub Y N 246 
PHE CG  CD2  sing Y N 247 
PHE CD1 CE1  sing Y N 248 
PHE CD1 HD1  sing N N 249 
PHE CD2 CE2  doub Y N 250 
PHE CD2 HD2  sing N N 251 
PHE CE1 CZ   doub Y N 252 
PHE CE1 HE1  sing N N 253 
PHE CE2 CZ   sing Y N 254 
PHE CE2 HE2  sing N N 255 
PHE CZ  HZ   sing N N 256 
PHE OXT HXT  sing N N 257 
PRO N   CA   sing N N 258 
PRO N   CD   sing N N 259 
PRO N   H    sing N N 260 
PRO CA  C    sing N N 261 
PRO CA  CB   sing N N 262 
PRO CA  HA   sing N N 263 
PRO C   O    doub N N 264 
PRO C   OXT  sing N N 265 
PRO CB  CG   sing N N 266 
PRO CB  HB2  sing N N 267 
PRO CB  HB3  sing N N 268 
PRO CG  CD   sing N N 269 
PRO CG  HG2  sing N N 270 
PRO CG  HG3  sing N N 271 
PRO CD  HD2  sing N N 272 
PRO CD  HD3  sing N N 273 
PRO OXT HXT  sing N N 274 
SER N   CA   sing N N 275 
SER N   H    sing N N 276 
SER N   H2   sing N N 277 
SER CA  C    sing N N 278 
SER CA  CB   sing N N 279 
SER CA  HA   sing N N 280 
SER C   O    doub N N 281 
SER C   OXT  sing N N 282 
SER CB  OG   sing N N 283 
SER CB  HB2  sing N N 284 
SER CB  HB3  sing N N 285 
SER OG  HG   sing N N 286 
SER OXT HXT  sing N N 287 
THR N   CA   sing N N 288 
THR N   H    sing N N 289 
THR N   H2   sing N N 290 
THR CA  C    sing N N 291 
THR CA  CB   sing N N 292 
THR CA  HA   sing N N 293 
THR C   O    doub N N 294 
THR C   OXT  sing N N 295 
THR CB  OG1  sing N N 296 
THR CB  CG2  sing N N 297 
THR CB  HB   sing N N 298 
THR OG1 HG1  sing N N 299 
THR CG2 HG21 sing N N 300 
THR CG2 HG22 sing N N 301 
THR CG2 HG23 sing N N 302 
THR OXT HXT  sing N N 303 
TRP N   CA   sing N N 304 
TRP N   H    sing N N 305 
TRP N   H2   sing N N 306 
TRP CA  C    sing N N 307 
TRP CA  CB   sing N N 308 
TRP CA  HA   sing N N 309 
TRP C   O    doub N N 310 
TRP C   OXT  sing N N 311 
TRP CB  CG   sing N N 312 
TRP CB  HB2  sing N N 313 
TRP CB  HB3  sing N N 314 
TRP CG  CD1  doub Y N 315 
TRP CG  CD2  sing Y N 316 
TRP CD1 NE1  sing Y N 317 
TRP CD1 HD1  sing N N 318 
TRP CD2 CE2  doub Y N 319 
TRP CD2 CE3  sing Y N 320 
TRP NE1 CE2  sing Y N 321 
TRP NE1 HE1  sing N N 322 
TRP CE2 CZ2  sing Y N 323 
TRP CE3 CZ3  doub Y N 324 
TRP CE3 HE3  sing N N 325 
TRP CZ2 CH2  doub Y N 326 
TRP CZ2 HZ2  sing N N 327 
TRP CZ3 CH2  sing Y N 328 
TRP CZ3 HZ3  sing N N 329 
TRP CH2 HH2  sing N N 330 
TRP OXT HXT  sing N N 331 
TYR N   CA   sing N N 332 
TYR N   H    sing N N 333 
TYR N   H2   sing N N 334 
TYR CA  C    sing N N 335 
TYR CA  CB   sing N N 336 
TYR CA  HA   sing N N 337 
TYR C   O    doub N N 338 
TYR C   OXT  sing N N 339 
TYR CB  CG   sing N N 340 
TYR CB  HB2  sing N N 341 
TYR CB  HB3  sing N N 342 
TYR CG  CD1  doub Y N 343 
TYR CG  CD2  sing Y N 344 
TYR CD1 CE1  sing Y N 345 
TYR CD1 HD1  sing N N 346 
TYR CD2 CE2  doub Y N 347 
TYR CD2 HD2  sing N N 348 
TYR CE1 CZ   doub Y N 349 
TYR CE1 HE1  sing N N 350 
TYR CE2 CZ   sing Y N 351 
TYR CE2 HE2  sing N N 352 
TYR CZ  OH   sing N N 353 
TYR OH  HH   sing N N 354 
TYR OXT HXT  sing N N 355 
VAL N   CA   sing N N 356 
VAL N   H    sing N N 357 
VAL N   H2   sing N N 358 
VAL CA  C    sing N N 359 
VAL CA  CB   sing N N 360 
VAL CA  HA   sing N N 361 
VAL C   O    doub N N 362 
VAL C   OXT  sing N N 363 
VAL CB  CG1  sing N N 364 
VAL CB  CG2  sing N N 365 
VAL CB  HB   sing N N 366 
VAL CG1 HG11 sing N N 367 
VAL CG1 HG12 sing N N 368 
VAL CG1 HG13 sing N N 369 
VAL CG2 HG21 sing N N 370 
VAL CG2 HG22 sing N N 371 
VAL CG2 HG23 sing N N 372 
VAL OXT HXT  sing N N 373 
# 
_em_admin.current_status     REL 
_em_admin.deposition_date    2023-06-25 
_em_admin.deposition_site    PDBE 
_em_admin.entry_id           8PK7 
_em_admin.last_update        2025-01-22 
_em_admin.map_release_date   2024-08-14 
_em_admin.title              'Helical reconstruction of CHIKV nsP3 helical scaffolds' 
# 
_em_ctf_correction.details                  ? 
_em_ctf_correction.em_image_processing_id   1 
_em_ctf_correction.id                       1 
_em_ctf_correction.type                     'PHASE FLIPPING AND AMPLITUDE CORRECTION' 
# 
_em_entity_assembly_molwt.entity_assembly_id   1 
_em_entity_assembly_molwt.experimental_flag    NO 
_em_entity_assembly_molwt.id                   1 
_em_entity_assembly_molwt.units                KILODALTONS/NANOMETER 
_em_entity_assembly_molwt.value                220.25 
# 
_em_entity_assembly_naturalsource.cell                 ? 
_em_entity_assembly_naturalsource.cellular_location    ? 
_em_entity_assembly_naturalsource.entity_assembly_id   1 
_em_entity_assembly_naturalsource.id                   2 
_em_entity_assembly_naturalsource.ncbi_tax_id          371094 
_em_entity_assembly_naturalsource.organism             'Chikungunya virus strain S27-African prototype' 
_em_entity_assembly_naturalsource.organelle            ? 
_em_entity_assembly_naturalsource.organ                ? 
_em_entity_assembly_naturalsource.strain               ? 
_em_entity_assembly_naturalsource.tissue               ? 
_em_entity_assembly_naturalsource.details              ? 
# 
_em_entity_assembly_recombinant.cell                 ? 
_em_entity_assembly_recombinant.entity_assembly_id   1 
_em_entity_assembly_recombinant.id                   2 
_em_entity_assembly_recombinant.ncbi_tax_id          7111 
_em_entity_assembly_recombinant.organism             'Trichoplusia ni' 
_em_entity_assembly_recombinant.plasmid              ? 
_em_entity_assembly_recombinant.strain               ? 
# 
_em_helical_entity.id                             1 
_em_helical_entity.image_processing_id            1 
_em_helical_entity.details                        ? 
_em_helical_entity.axial_symmetry                 C1 
_em_helical_entity.angular_rotation_per_subunit   -164.175 
_em_helical_entity.axial_rise_per_subunit         2.782 
# 
_em_image_processing.details              ? 
_em_image_processing.id                   1 
_em_image_processing.image_recording_id   1 
# 
_em_image_recording.average_exposure_time               ? 
_em_image_recording.avg_electron_dose_per_subtomogram   ? 
_em_image_recording.avg_electron_dose_per_image         18.1 
_em_image_recording.details                             ? 
_em_image_recording.detector_mode                       ? 
_em_image_recording.film_or_detector_model              'GATAN K3 BIOQUANTUM (6k x 4k)' 
_em_image_recording.id                                  1 
_em_image_recording.imaging_id                          1 
_em_image_recording.num_diffraction_images              ? 
_em_image_recording.num_grids_imaged                    ? 
_em_image_recording.num_real_images                     ? 
# 
loop_
_em_software.category 
_em_software.details 
_em_software.id 
_em_software.image_processing_id 
_em_software.fitting_id 
_em_software.imaging_id 
_em_software.name 
_em_software.version 
'PARTICLE SELECTION'            ? 1  1 ? ? ?         ? 
'IMAGE ACQUISITION'             ? 2  ? ? 1 ?         ? 
MASKING                         ? 3  ? ? ? ?         ? 
'CTF CORRECTION'                ? 4  1 ? ? cryoSPARC ? 
'LAYERLINE INDEXING'            ? 5  ? ? ? ?         ? 
'DIFFRACTION INDEXING'          ? 6  ? ? ? ?         ? 
'MODEL FITTING'                 ? 7  ? 1 ? ?         ? 
OTHER                           ? 8  ? ? ? ?         ? 
'INITIAL EULER ASSIGNMENT'      ? 9  1 ? ? ?         ? 
'FINAL EULER ASSIGNMENT'        ? 10 1 ? ? ?         ? 
CLASSIFICATION                  ? 11 1 ? ? ?         ? 
RECONSTRUCTION                  ? 12 1 ? ? cryoSPARC ? 
'MODEL REFINEMENT'              ? 13 ? 1 ? ?         ? 
'VOLUME SELECTION'              ? 14 1 1 1 ?         ? 
'SERIES ALIGNMENT'              ? 15 1 1 1 ?         ? 
'MOLECULAR REPLACEMENT'         ? 16 1 1 1 ?         ? 
'LATTICE DISTORTION CORRECTION' ? 17 1 1 1 ?         ? 
'SYMMETRY DETERMINATION'        ? 18 1 1 1 ?         ? 
'CRYSTALLOGRAPHY MERGING'       ? 19 1 1 1 ?         ? 
# 
_em_specimen.concentration           ? 
_em_specimen.details                 'his sample was heterogeneous in lenght' 
_em_specimen.embedding_applied       NO 
_em_specimen.experiment_id           1 
_em_specimen.id                      1 
_em_specimen.shadowing_applied       NO 
_em_specimen.staining_applied        NO 
_em_specimen.vitrification_applied   YES 
# 
loop_
_pdbx_audit_support.funding_organization 
_pdbx_audit_support.country 
_pdbx_audit_support.grant_number 
_pdbx_audit_support.ordinal 
'Agence Nationale de la Recherche (ANR)' France ANR-22-CE11-0023-01 1 
ATIP-Avenir                              France 2015                2 
# 
_pdbx_initial_refinement_model.id               1 
_pdbx_initial_refinement_model.type             'experimental model' 
_pdbx_initial_refinement_model.source_name      PDB 
_pdbx_initial_refinement_model.accession_code   8PHZ 
# 
_atom_sites.entry_id                    8PK7 
_atom_sites.Cartn_transf_matrix[1][1]   ? 
_atom_sites.Cartn_transf_matrix[1][2]   ? 
_atom_sites.Cartn_transf_matrix[1][3]   ? 
_atom_sites.Cartn_transf_matrix[2][1]   ? 
_atom_sites.Cartn_transf_matrix[2][2]   ? 
_atom_sites.Cartn_transf_matrix[2][3]   ? 
_atom_sites.Cartn_transf_matrix[3][1]   ? 
_atom_sites.Cartn_transf_matrix[3][2]   ? 
_atom_sites.Cartn_transf_matrix[3][3]   ? 
_atom_sites.Cartn_transf_vector[1]      ? 
_atom_sites.Cartn_transf_vector[2]      ? 
_atom_sites.Cartn_transf_vector[3]      ? 
_atom_sites.fract_transf_matrix[1][1]   1.000000 
_atom_sites.fract_transf_matrix[1][2]   0.000000 
_atom_sites.fract_transf_matrix[1][3]   0.000000 
_atom_sites.fract_transf_matrix[2][1]   0.000000 
_atom_sites.fract_transf_matrix[2][2]   1.000000 
_atom_sites.fract_transf_matrix[2][3]   0.000000 
_atom_sites.fract_transf_matrix[3][1]   0.000000 
_atom_sites.fract_transf_matrix[3][2]   0.000000 
_atom_sites.fract_transf_matrix[3][3]   1.000000 
_atom_sites.fract_transf_vector[1]      0.00000 
_atom_sites.fract_transf_vector[2]      0.00000 
_atom_sites.fract_transf_vector[3]      0.00000 
_atom_sites.solution_primary            ? 
_atom_sites.solution_secondary          ? 
_atom_sites.solution_hydrogens          ? 
_atom_sites.special_details             ? 
# 
loop_
_atom_type.symbol 
C  
N  
O  
S  
ZN 
# 
loop_
_atom_site.group_PDB 
_atom_site.id 
_atom_site.type_symbol 
_atom_site.label_atom_id 
_atom_site.label_alt_id 
_atom_site.label_comp_id 
_atom_site.label_asym_id 
_atom_site.label_entity_id 
_atom_site.label_seq_id 
_atom_site.pdbx_PDB_ins_code 
_atom_site.Cartn_x 
_atom_site.Cartn_y 
_atom_site.Cartn_z 
_atom_site.occupancy 
_atom_site.B_iso_or_equiv 
_atom_site.pdbx_formal_charge 
_atom_site.auth_seq_id 
_atom_site.auth_comp_id 
_atom_site.auth_asym_id 
_atom_site.auth_atom_id 
_atom_site.pdbx_PDB_model_num 
ATOM   1    N  N   . ASP A 1 174 ? 0.850   22.403  0.069   1.00 50.01 ? 174 ASP A N   1 
ATOM   2    C  CA  . ASP A 1 174 ? 0.375   21.585  -1.041  1.00 52.85 ? 174 ASP A CA  1 
ATOM   3    C  C   . ASP A 1 174 ? -0.573  20.494  -0.553  1.00 53.74 ? 174 ASP A C   1 
ATOM   4    O  O   . ASP A 1 174 ? -0.311  19.832  0.451   1.00 54.10 ? 174 ASP A O   1 
ATOM   5    C  CB  . ASP A 1 174 ? 1.553   20.965  -1.793  1.00 52.35 ? 174 ASP A CB  1 
ATOM   6    C  CG  . ASP A 1 174 ? 2.320   21.984  -2.615  1.00 55.35 ? 174 ASP A CG  1 
ATOM   7    O  OD1 . ASP A 1 174 ? 1.715   22.997  -3.022  1.00 55.33 ? 174 ASP A OD1 1 
ATOM   8    O  OD2 . ASP A 1 174 ? 3.527   21.770  -2.855  1.00 54.44 ? 174 ASP A OD2 1 
ATOM   9    N  N   . VAL A 1 175 ? -1.673  20.315  -1.272  1.00 39.00 ? 175 VAL A N   1 
ATOM   10   C  CA  . VAL A 1 175 ? -2.677  19.321  -0.912  1.00 38.91 ? 175 VAL A CA  1 
ATOM   11   C  C   . VAL A 1 175 ? -2.209  17.944  -1.368  1.00 41.25 ? 175 VAL A C   1 
ATOM   12   O  O   . VAL A 1 175 ? -1.503  17.811  -2.375  1.00 40.99 ? 175 VAL A O   1 
ATOM   13   C  CB  . VAL A 1 175 ? -4.041  19.697  -1.522  1.00 42.31 ? 175 VAL A CB  1 
ATOM   14   C  CG1 . VAL A 1 175 ? -3.989  19.648  -3.041  1.00 38.79 ? 175 VAL A CG1 1 
ATOM   15   C  CG2 . VAL A 1 175 ? -5.139  18.797  -0.986  1.00 39.49 ? 175 VAL A CG2 1 
ATOM   16   N  N   . VAL A 1 176 ? -2.580  16.914  -0.612  1.00 36.09 ? 176 VAL A N   1 
ATOM   17   C  CA  . VAL A 1 176 ? -2.222  15.531  -0.912  1.00 29.99 ? 176 VAL A CA  1 
ATOM   18   C  C   . VAL A 1 176 ? -3.442  14.845  -1.510  1.00 26.92 ? 176 VAL A C   1 
ATOM   19   O  O   . VAL A 1 176 ? -4.501  14.784  -0.874  1.00 28.22 ? 176 VAL A O   1 
ATOM   20   C  CB  . VAL A 1 176 ? -1.730  14.787  0.338   1.00 28.08 ? 176 VAL A CB  1 
ATOM   21   C  CG1 . VAL A 1 176 ? -1.663  13.291  0.071   1.00 23.64 ? 176 VAL A CG1 1 
ATOM   22   C  CG2 . VAL A 1 176 ? -0.376  15.319  0.773   1.00 32.69 ? 176 VAL A CG2 1 
ATOM   23   N  N   . ARG A 1 177 ? -3.296  14.331  -2.729  1.00 25.76 ? 177 ARG A N   1 
ATOM   24   C  CA  . ARG A 1 177 ? -4.399  13.648  -3.391  1.00 25.77 ? 177 ARG A CA  1 
ATOM   25   C  C   . ARG A 1 177 ? -4.660  12.298  -2.730  1.00 27.92 ? 177 ARG A C   1 
ATOM   26   O  O   . ARG A 1 177 ? -3.730  11.526  -2.484  1.00 33.96 ? 177 ARG A O   1 
ATOM   27   C  CB  . ARG A 1 177 ? -4.092  13.466  -4.876  1.00 24.40 ? 177 ARG A CB  1 
ATOM   28   C  CG  . ARG A 1 177 ? -4.977  12.460  -5.579  1.00 24.67 ? 177 ARG A CG  1 
ATOM   29   C  CD  . ARG A 1 177 ? -5.394  12.963  -6.947  1.00 30.03 ? 177 ARG A CD  1 
ATOM   30   N  NE  . ARG A 1 177 ? -6.376  12.086  -7.574  1.00 38.97 ? 177 ARG A NE  1 
ATOM   31   C  CZ  . ARG A 1 177 ? -6.749  12.167  -8.843  1.00 35.77 ? 177 ARG A CZ  1 
ATOM   32   N  NH1 . ARG A 1 177 ? -6.244  13.081  -9.655  1.00 36.34 ? 177 ARG A NH1 1 
ATOM   33   N  NH2 . ARG A 1 177 ? -7.653  11.310  -9.310  1.00 28.82 ? 177 ARG A NH2 1 
ATOM   34   N  N   . VAL A 1 178 ? -5.930  12.014  -2.444  1.00 25.75 ? 178 VAL A N   1 
ATOM   35   C  CA  . VAL A 1 178 ? -6.326  10.794  -1.756  1.00 22.66 ? 178 VAL A CA  1 
ATOM   36   C  C   . VAL A 1 178 ? -7.382  10.074  -2.585  1.00 21.31 ? 178 VAL A C   1 
ATOM   37   O  O   . VAL A 1 178 ? -7.958  10.625  -3.523  1.00 26.41 ? 178 VAL A O   1 
ATOM   38   C  CB  . VAL A 1 178 ? -6.855  11.066  -0.331  1.00 19.90 ? 178 VAL A CB  1 
ATOM   39   C  CG1 . VAL A 1 178 ? -5.726  11.534  0.573   1.00 21.86 ? 178 VAL A CG1 1 
ATOM   40   C  CG2 . VAL A 1 178 ? -7.986  12.081  -0.364  1.00 19.93 ? 178 VAL A CG2 1 
ATOM   41   N  N   . HIS A 1 179 ? -7.618  8.817   -2.223  1.00 30.08 ? 179 HIS A N   1 
ATOM   42   C  CA  . HIS A 1 179 ? -8.619  8.009   -2.896  1.00 18.18 ? 179 HIS A CA  1 
ATOM   43   C  C   . HIS A 1 179 ? -10.015 8.589   -2.669  1.00 23.21 ? 179 HIS A C   1 
ATOM   44   O  O   . HIS A 1 179 ? -10.281 9.198   -1.630  1.00 26.58 ? 179 HIS A O   1 
ATOM   45   C  CB  . HIS A 1 179 ? -8.563  6.572   -2.384  1.00 18.44 ? 179 HIS A CB  1 
ATOM   46   C  CG  . HIS A 1 179 ? -9.226  5.581   -3.289  1.00 29.43 ? 179 HIS A CG  1 
ATOM   47   N  ND1 . HIS A 1 179 ? -10.466 5.046   -3.021  1.00 32.63 ? 179 HIS A ND1 1 
ATOM   48   C  CD2 . HIS A 1 179 ? -8.822  5.029   -4.458  1.00 25.20 ? 179 HIS A CD2 1 
ATOM   49   C  CE1 . HIS A 1 179 ? -10.800 4.208   -3.986  1.00 22.81 ? 179 HIS A CE1 1 
ATOM   50   N  NE2 . HIS A 1 179 ? -9.819  4.179   -4.869  1.00 22.07 ? 179 HIS A NE2 1 
ATOM   51   N  N   . PRO A 1 180 ? -10.921 8.437   -3.639  1.00 28.93 ? 180 PRO A N   1 
ATOM   52   C  CA  . PRO A 1 180 ? -12.304 8.887   -3.417  1.00 23.50 ? 180 PRO A CA  1 
ATOM   53   C  C   . PRO A 1 180 ? -12.974 8.215   -2.231  1.00 24.82 ? 180 PRO A C   1 
ATOM   54   O  O   . PRO A 1 180 ? -13.815 8.838   -1.572  1.00 30.25 ? 180 PRO A O   1 
ATOM   55   C  CB  . PRO A 1 180 ? -13.002 8.535   -4.737  1.00 27.05 ? 180 PRO A CB  1 
ATOM   56   C  CG  . PRO A 1 180 ? -11.909 8.512   -5.744  1.00 31.43 ? 180 PRO A CG  1 
ATOM   57   C  CD  . PRO A 1 180 ? -10.697 8.000   -5.028  1.00 27.50 ? 180 PRO A CD  1 
ATOM   58   N  N   . ASP A 1 181 ? -12.625 6.966   -1.935  1.00 21.59 ? 181 ASP A N   1 
ATOM   59   C  CA  . ASP A 1 181 ? -13.161 6.256   -0.782  1.00 18.70 ? 181 ASP A CA  1 
ATOM   60   C  C   . ASP A 1 181 ? -12.326 6.459   0.475   1.00 23.55 ? 181 ASP A C   1 
ATOM   61   O  O   . ASP A 1 181 ? -12.609 5.827   1.497   1.00 31.75 ? 181 ASP A O   1 
ATOM   62   C  CB  . ASP A 1 181 ? -13.275 4.759   -1.084  1.00 26.86 ? 181 ASP A CB  1 
ATOM   63   C  CG  . ASP A 1 181 ? -14.090 4.474   -2.329  1.00 31.21 ? 181 ASP A CG  1 
ATOM   64   O  OD1 . ASP A 1 181 ? -13.974 3.355   -2.872  1.00 35.55 ? 181 ASP A OD1 1 
ATOM   65   O  OD2 . ASP A 1 181 ? -14.848 5.367   -2.764  1.00 30.80 ? 181 ASP A OD2 1 
ATOM   66   N  N   . SER A 1 182 ? -11.306 7.310   0.418   1.00 26.56 ? 182 SER A N   1 
ATOM   67   C  CA  . SER A 1 182 ? -10.459 7.557   1.577   1.00 22.36 ? 182 SER A CA  1 
ATOM   68   C  C   . SER A 1 182 ? -11.225 8.310   2.657   1.00 17.65 ? 182 SER A C   1 
ATOM   69   O  O   . SER A 1 182 ? -12.031 9.198   2.366   1.00 23.62 ? 182 SER A O   1 
ATOM   70   C  CB  . SER A 1 182 ? -9.222  8.352   1.166   1.00 20.02 ? 182 SER A CB  1 
ATOM   71   O  OG  . SER A 1 182 ? -8.372  8.586   2.273   1.00 23.58 ? 182 SER A OG  1 
ATOM   72   N  N   . SER A 1 183 ? -10.964 7.953   3.916   1.00 17.73 ? 183 SER A N   1 
ATOM   73   C  CA  . SER A 1 183 ? -11.533 8.705   5.028   1.00 21.56 ? 183 SER A CA  1 
ATOM   74   C  C   . SER A 1 183 ? -10.920 10.091  5.167   1.00 24.16 ? 183 SER A C   1 
ATOM   75   O  O   . SER A 1 183 ? -11.459 10.914  5.913   1.00 30.98 ? 183 SER A O   1 
ATOM   76   C  CB  . SER A 1 183 ? -11.368 7.930   6.335   1.00 17.39 ? 183 SER A CB  1 
ATOM   77   O  OG  . SER A 1 183 ? -9.999  7.741   6.645   1.00 20.54 ? 183 SER A OG  1 
ATOM   78   N  N   . LEU A 1 184 ? -9.819  10.366  4.471   1.00 15.11 ? 184 LEU A N   1 
ATOM   79   C  CA  . LEU A 1 184 ? -9.220  11.691  4.441   1.00 18.64 ? 184 LEU A CA  1 
ATOM   80   C  C   . LEU A 1 184 ? -9.856  12.596  3.397   1.00 19.46 ? 184 LEU A C   1 
ATOM   81   O  O   . LEU A 1 184 ? -9.486  13.771  3.308   1.00 29.04 ? 184 LEU A O   1 
ATOM   82   C  CB  . LEU A 1 184 ? -7.715  11.586  4.174   1.00 22.90 ? 184 LEU A CB  1 
ATOM   83   C  CG  . LEU A 1 184 ? -6.905  10.684  5.107   1.00 19.84 ? 184 LEU A CG  1 
ATOM   84   C  CD1 . LEU A 1 184 ? -5.526  10.420  4.525   1.00 20.93 ? 184 LEU A CD1 1 
ATOM   85   C  CD2 . LEU A 1 184 ? -6.800  11.290  6.490   1.00 20.02 ? 184 LEU A CD2 1 
ATOM   86   N  N   . ALA A 1 185 ? -10.793 12.080  2.605   1.00 21.90 ? 185 ALA A N   1 
ATOM   87   C  CA  . ALA A 1 185 ? -11.468 12.896  1.608   1.00 22.24 ? 185 ALA A CA  1 
ATOM   88   C  C   . ALA A 1 185 ? -12.309 13.973  2.278   1.00 24.06 ? 185 ALA A C   1 
ATOM   89   O  O   . ALA A 1 185 ? -12.918 13.747  3.327   1.00 24.77 ? 185 ALA A O   1 
ATOM   90   C  CB  . ALA A 1 185 ? -12.343 12.023  0.711   1.00 20.71 ? 185 ALA A CB  1 
ATOM   91   N  N   . GLY A 1 186 ? -12.342 15.151  1.665   1.00 26.66 ? 186 GLY A N   1 
ATOM   92   C  CA  . GLY A 1 186 ? -13.056 16.276  2.240   1.00 26.38 ? 186 GLY A CA  1 
ATOM   93   C  C   . GLY A 1 186 ? -12.460 16.779  3.536   1.00 28.88 ? 186 GLY A C   1 
ATOM   94   O  O   . GLY A 1 186 ? -13.198 17.222  4.424   1.00 31.86 ? 186 GLY A O   1 
ATOM   95   N  N   . ARG A 1 187 ? -11.137 16.722  3.665   1.00 27.79 ? 187 ARG A N   1 
ATOM   96   C  CA  . ARG A 1 187 ? -10.440 17.206  4.846   1.00 29.37 ? 187 ARG A CA  1 
ATOM   97   C  C   . ARG A 1 187 ? -9.370  18.199  4.422   1.00 33.63 ? 187 ARG A C   1 
ATOM   98   O  O   . ARG A 1 187 ? -8.938  18.223  3.267   1.00 33.12 ? 187 ARG A O   1 
ATOM   99   C  CB  . ARG A 1 187 ? -9.804  16.059  5.641   1.00 24.29 ? 187 ARG A CB  1 
ATOM   100  C  CG  . ARG A 1 187 ? -10.781 14.981  6.065   1.00 27.84 ? 187 ARG A CG  1 
ATOM   101  C  CD  . ARG A 1 187 ? -10.378 14.372  7.391   1.00 22.72 ? 187 ARG A CD  1 
ATOM   102  N  NE  . ARG A 1 187 ? -11.370 13.421  7.874   1.00 29.53 ? 187 ARG A NE  1 
ATOM   103  C  CZ  . ARG A 1 187 ? -11.729 13.296  9.144   1.00 27.89 ? 187 ARG A CZ  1 
ATOM   104  N  NH1 . ARG A 1 187 ? -11.207 14.061  10.088  1.00 27.05 ? 187 ARG A NH1 1 
ATOM   105  N  NH2 . ARG A 1 187 ? -12.637 12.383  9.474   1.00 24.36 ? 187 ARG A NH2 1 
ATOM   106  N  N   . LYS A 1 188 ? -8.951  19.028  5.373   1.00 31.84 ? 188 LYS A N   1 
ATOM   107  C  CA  . LYS A 1 188 ? -7.911  20.009  5.101   1.00 34.42 ? 188 LYS A CA  1 
ATOM   108  C  C   . LYS A 1 188 ? -6.604  19.300  4.770   1.00 30.65 ? 188 LYS A C   1 
ATOM   109  O  O   . LYS A 1 188 ? -6.163  18.411  5.505   1.00 32.04 ? 188 LYS A O   1 
ATOM   110  C  CB  . LYS A 1 188 ? -7.737  20.940  6.305   1.00 32.09 ? 188 LYS A CB  1 
ATOM   111  C  CG  . LYS A 1 188 ? -6.800  22.126  6.082   1.00 35.52 ? 188 LYS A CG  1 
ATOM   112  C  CD  . LYS A 1 188 ? -5.362  21.805  6.472   1.00 38.10 ? 188 LYS A CD  1 
ATOM   113  C  CE  . LYS A 1 188 ? -4.463  23.020  6.314   1.00 36.09 ? 188 LYS A CE  1 
ATOM   114  N  NZ  . LYS A 1 188 ? -3.048  22.711  6.657   1.00 39.91 ? 188 LYS A NZ  1 
ATOM   115  N  N   . GLY A 1 189 ? -5.982  19.700  3.663   1.00 30.06 ? 189 GLY A N   1 
ATOM   116  C  CA  . GLY A 1 189 ? -4.745  19.097  3.223   1.00 26.47 ? 189 GLY A CA  1 
ATOM   117  C  C   . GLY A 1 189 ? -4.895  17.855  2.373   1.00 30.58 ? 189 GLY A C   1 
ATOM   118  O  O   . GLY A 1 189 ? -3.879  17.297  1.942   1.00 32.75 ? 189 GLY A O   1 
ATOM   119  N  N   . TYR A 1 190 ? -6.120  17.404  2.118   1.00 32.16 ? 190 TYR A N   1 
ATOM   120  C  CA  . TYR A 1 190 ? -6.368  16.226  1.302   1.00 24.41 ? 190 TYR A CA  1 
ATOM   121  C  C   . TYR A 1 190 ? -7.476  16.518  0.303   1.00 25.06 ? 190 TYR A C   1 
ATOM   122  O  O   . TYR A 1 190 ? -8.434  17.235  0.604   1.00 35.45 ? 190 TYR A O   1 
ATOM   123  C  CB  . TYR A 1 190 ? -6.739  15.014  2.162   1.00 22.03 ? 190 TYR A CB  1 
ATOM   124  C  CG  . TYR A 1 190 ? -5.734  14.722  3.249   1.00 25.92 ? 190 TYR A CG  1 
ATOM   125  C  CD1 . TYR A 1 190 ? -4.551  14.054  2.963   1.00 23.03 ? 190 TYR A CD1 1 
ATOM   126  C  CD2 . TYR A 1 190 ? -5.962  15.120  4.559   1.00 25.08 ? 190 TYR A CD2 1 
ATOM   127  C  CE1 . TYR A 1 190 ? -3.628  13.788  3.950   1.00 25.02 ? 190 TYR A CE1 1 
ATOM   128  C  CE2 . TYR A 1 190 ? -5.043  14.857  5.554   1.00 25.18 ? 190 TYR A CE2 1 
ATOM   129  C  CZ  . TYR A 1 190 ? -3.878  14.190  5.244   1.00 24.49 ? 190 TYR A CZ  1 
ATOM   130  O  OH  . TYR A 1 190 ? -2.957  13.925  6.230   1.00 40.44 ? 190 TYR A OH  1 
ATOM   131  N  N   . SER A 1 191 ? -7.336  15.951  -0.891  1.00 24.97 ? 191 SER A N   1 
ATOM   132  C  CA  . SER A 1 191 ? -8.298  16.172  -1.959  1.00 26.30 ? 191 SER A CA  1 
ATOM   133  C  C   . SER A 1 191 ? -8.383  14.922  -2.818  1.00 28.37 ? 191 SER A C   1 
ATOM   134  O  O   . SER A 1 191 ? -7.479  14.084  -2.823  1.00 33.52 ? 191 SER A O   1 
ATOM   135  C  CB  . SER A 1 191 ? -7.922  17.386  -2.815  1.00 31.95 ? 191 SER A CB  1 
ATOM   136  O  OG  . SER A 1 191 ? -8.848  17.572  -3.871  1.00 40.71 ? 191 SER A OG  1 
ATOM   137  N  N   . THR A 1 192 ? -9.487  14.808  -3.551  1.00 28.79 ? 192 THR A N   1 
ATOM   138  C  CA  . THR A 1 192 ? -9.737  13.663  -4.415  1.00 29.73 ? 192 THR A CA  1 
ATOM   139  C  C   . THR A 1 192 ? -9.380  13.929  -5.872  1.00 34.07 ? 192 THR A C   1 
ATOM   140  O  O   . THR A 1 192 ? -8.879  13.032  -6.556  1.00 41.75 ? 192 THR A O   1 
ATOM   141  C  CB  . THR A 1 192 ? -11.209 13.247  -4.312  1.00 32.36 ? 192 THR A CB  1 
ATOM   142  O  OG1 . THR A 1 192 ? -11.492 12.826  -2.971  1.00 32.83 ? 192 THR A OG1 1 
ATOM   143  C  CG2 . THR A 1 192 ? -11.520 12.105  -5.262  1.00 37.76 ? 192 THR A CG2 1 
ATOM   144  N  N   . THR A 1 193 ? -9.601  15.150  -6.357  1.00 34.44 ? 193 THR A N   1 
ATOM   145  C  CA  . THR A 1 193 ? -9.393  15.456  -7.766  1.00 38.94 ? 193 THR A CA  1 
ATOM   146  C  C   . THR A 1 193 ? -8.001  15.991  -8.076  1.00 36.62 ? 193 THR A C   1 
ATOM   147  O  O   . THR A 1 193 ? -7.586  15.948  -9.239  1.00 39.04 ? 193 THR A O   1 
ATOM   148  C  CB  . THR A 1 193 ? -10.444 16.463  -8.247  1.00 40.05 ? 193 THR A CB  1 
ATOM   149  O  OG1 . THR A 1 193 ? -10.315 17.682  -7.505  1.00 39.96 ? 193 THR A OG1 1 
ATOM   150  C  CG2 . THR A 1 193 ? -11.844 15.905  -8.051  1.00 36.79 ? 193 THR A CG2 1 
ATOM   151  N  N   . GLU A 1 194 ? -7.272  16.492  -7.081  1.00 36.78 ? 194 GLU A N   1 
ATOM   152  C  CA  . GLU A 1 194 ? -5.926  16.999  -7.309  1.00 39.05 ? 194 GLU A CA  1 
ATOM   153  C  C   . GLU A 1 194 ? -5.107  16.834  -6.038  1.00 37.67 ? 194 GLU A C   1 
ATOM   154  O  O   . GLU A 1 194 ? -5.644  16.607  -4.952  1.00 39.41 ? 194 GLU A O   1 
ATOM   155  C  CB  . GLU A 1 194 ? -5.934  18.468  -7.750  1.00 38.64 ? 194 GLU A CB  1 
ATOM   156  C  CG  . GLU A 1 194 ? -6.306  19.450  -6.649  1.00 38.27 ? 194 GLU A CG  1 
ATOM   157  C  CD  . GLU A 1 194 ? -7.794  19.712  -6.575  1.00 41.93 ? 194 GLU A CD  1 
ATOM   158  O  OE1 . GLU A 1 194 ? -8.565  18.948  -7.191  1.00 45.17 ? 194 GLU A OE1 1 
ATOM   159  O  OE2 . GLU A 1 194 ? -8.196  20.681  -5.897  1.00 38.91 ? 194 GLU A OE2 1 
ATOM   160  N  N   . GLY A 1 195 ? -3.792  16.947  -6.189  1.00 29.50 ? 195 GLY A N   1 
ATOM   161  C  CA  . GLY A 1 195 ? -2.870  16.884  -5.078  1.00 29.30 ? 195 GLY A CA  1 
ATOM   162  C  C   . GLY A 1 195 ? -1.696  15.978  -5.372  1.00 30.73 ? 195 GLY A C   1 
ATOM   163  O  O   . GLY A 1 195 ? -1.550  15.428  -6.461  1.00 32.07 ? 195 GLY A O   1 
ATOM   164  N  N   . ALA A 1 196 ? -0.843  15.828  -4.361  1.00 26.70 ? 196 ALA A N   1 
ATOM   165  C  CA  . ALA A 1 196 ? 0.338   14.985  -4.493  1.00 27.62 ? 196 ALA A CA  1 
ATOM   166  C  C   . ALA A 1 196 ? -0.062  13.517  -4.547  1.00 29.07 ? 196 ALA A C   1 
ATOM   167  O  O   . ALA A 1 196 ? -0.865  13.050  -3.734  1.00 37.02 ? 196 ALA A O   1 
ATOM   168  C  CB  . ALA A 1 196 ? 1.296   15.233  -3.331  1.00 20.41 ? 196 ALA A CB  1 
ATOM   169  N  N   . LEU A 1 197 ? 0.508   12.787  -5.505  1.00 26.90 ? 197 LEU A N   1 
ATOM   170  C  CA  . LEU A 1 197 ? 0.201   11.373  -5.672  1.00 23.84 ? 197 LEU A CA  1 
ATOM   171  C  C   . LEU A 1 197 ? 1.050   10.468  -4.788  1.00 21.98 ? 197 LEU A C   1 
ATOM   172  O  O   . LEU A 1 197 ? 0.772   9.268   -4.710  1.00 24.80 ? 197 LEU A O   1 
ATOM   173  C  CB  . LEU A 1 197 ? 0.379   10.973  -7.138  1.00 22.40 ? 197 LEU A CB  1 
ATOM   174  C  CG  . LEU A 1 197 ? -0.699  11.463  -8.107  1.00 25.56 ? 197 LEU A CG  1 
ATOM   175  C  CD1 . LEU A 1 197 ? -0.512  10.837  -9.479  1.00 30.30 ? 197 LEU A CD1 1 
ATOM   176  C  CD2 . LEU A 1 197 ? -2.088  11.165  -7.565  1.00 28.36 ? 197 LEU A CD2 1 
ATOM   177  N  N   . TYR A 1 198 ? 2.071   11.009  -4.128  1.00 19.54 ? 198 TYR A N   1 
ATOM   178  C  CA  . TYR A 1 198 ? 2.925   10.243  -3.231  1.00 20.79 ? 198 TYR A CA  1 
ATOM   179  C  C   . TYR A 1 198 ? 3.000   10.975  -1.902  1.00 27.55 ? 198 TYR A C   1 
ATOM   180  O  O   . TYR A 1 198 ? 3.167   12.200  -1.876  1.00 34.28 ? 198 TYR A O   1 
ATOM   181  C  CB  . TYR A 1 198 ? 4.335   10.058  -3.806  1.00 20.83 ? 198 TYR A CB  1 
ATOM   182  C  CG  . TYR A 1 198 ? 4.383   9.422   -5.177  1.00 21.10 ? 198 TYR A CG  1 
ATOM   183  C  CD1 . TYR A 1 198 ? 4.074   10.153  -6.317  1.00 22.65 ? 198 TYR A CD1 1 
ATOM   184  C  CD2 . TYR A 1 198 ? 4.740   8.090   -5.333  1.00 17.63 ? 198 TYR A CD2 1 
ATOM   185  C  CE1 . TYR A 1 198 ? 4.116   9.576   -7.568  1.00 25.52 ? 198 TYR A CE1 1 
ATOM   186  C  CE2 . TYR A 1 198 ? 4.789   7.506   -6.581  1.00 21.76 ? 198 TYR A CE2 1 
ATOM   187  C  CZ  . TYR A 1 198 ? 4.474   8.253   -7.695  1.00 31.86 ? 198 TYR A CZ  1 
ATOM   188  O  OH  . TYR A 1 198 ? 4.519   7.672   -8.941  1.00 30.49 ? 198 TYR A OH  1 
ATOM   189  N  N   . SER A 1 199 ? 2.882   10.233  -0.806  1.00 16.38 ? 199 SER A N   1 
ATOM   190  C  CA  . SER A 1 199 ? 2.918   10.850  0.512   1.00 14.29 ? 199 SER A CA  1 
ATOM   191  C  C   . SER A 1 199 ? 3.119   9.776   1.566   1.00 9.14  ? 199 SER A C   1 
ATOM   192  O  O   . SER A 1 199 ? 2.669   8.639   1.406   1.00 27.47 ? 199 SER A O   1 
ATOM   193  C  CB  . SER A 1 199 ? 1.632   11.636  0.800   1.00 16.19 ? 199 SER A CB  1 
ATOM   194  O  OG  . SER A 1 199 ? 1.619   12.128  2.128   1.00 23.09 ? 199 SER A OG  1 
ATOM   195  N  N   . TYR A 1 200 ? 3.794   10.155  2.647   1.00 15.28 ? 200 TYR A N   1 
ATOM   196  C  CA  . TYR A 1 200 ? 3.863   9.328   3.841   1.00 16.85 ? 200 TYR A CA  1 
ATOM   197  C  C   . TYR A 1 200 ? 2.666   9.539   4.754   1.00 16.74 ? 200 TYR A C   1 
ATOM   198  O  O   . TYR A 1 200 ? 2.596   8.905   5.809   1.00 11.49 ? 200 TYR A O   1 
ATOM   199  C  CB  . TYR A 1 200 ? 5.154   9.606   4.614   1.00 26.47 ? 200 TYR A CB  1 
ATOM   200  C  CG  . TYR A 1 200 ? 6.415   9.342   3.826   1.00 26.55 ? 200 TYR A CG  1 
ATOM   201  C  CD1 . TYR A 1 200 ? 6.948   8.063   3.740   1.00 15.82 ? 200 TYR A CD1 1 
ATOM   202  C  CD2 . TYR A 1 200 ? 7.074   10.373  3.171   1.00 24.86 ? 200 TYR A CD2 1 
ATOM   203  C  CE1 . TYR A 1 200 ? 8.100   7.818   3.024   1.00 20.45 ? 200 TYR A CE1 1 
ATOM   204  C  CE2 . TYR A 1 200 ? 8.226   10.138  2.453   1.00 20.91 ? 200 TYR A CE2 1 
ATOM   205  C  CZ  . TYR A 1 200 ? 8.733   8.861   2.383   1.00 27.23 ? 200 TYR A CZ  1 
ATOM   206  O  OH  . TYR A 1 200 ? 9.879   8.626   1.665   1.00 17.57 ? 200 TYR A OH  1 
ATOM   207  N  N   . LEU A 1 201 ? 1.740   10.424  4.373   1.00 24.73 ? 201 LEU A N   1 
ATOM   208  C  CA  . LEU A 1 201 ? 0.502   10.668  5.115   1.00 20.42 ? 201 LEU A CA  1 
ATOM   209  C  C   . LEU A 1 201 ? 0.790   11.142  6.538   1.00 23.66 ? 201 LEU A C   1 
ATOM   210  O  O   . LEU A 1 201 ? 0.262   10.608  7.514   1.00 20.09 ? 201 LEU A O   1 
ATOM   211  C  CB  . LEU A 1 201 ? -0.393  9.427   5.116   1.00 18.98 ? 201 LEU A CB  1 
ATOM   212  C  CG  . LEU A 1 201 ? -0.893  8.983   3.742   1.00 18.76 ? 201 LEU A CG  1 
ATOM   213  C  CD1 . LEU A 1 201 ? -1.775  7.751   3.857   1.00 22.30 ? 201 LEU A CD1 1 
ATOM   214  C  CD2 . LEU A 1 201 ? -1.631  10.119  3.057   1.00 16.50 ? 201 LEU A CD2 1 
ATOM   215  N  N   . GLU A 1 202 ? 1.638   12.161  6.647   1.00 31.31 ? 202 GLU A N   1 
ATOM   216  C  CA  . GLU A 1 202 ? 1.966   12.728  7.946   1.00 36.04 ? 202 GLU A CA  1 
ATOM   217  C  C   . GLU A 1 202 ? 0.728   13.341  8.591   1.00 36.09 ? 202 GLU A C   1 
ATOM   218  O  O   . GLU A 1 202 ? -0.107  13.961  7.926   1.00 35.11 ? 202 GLU A O   1 
ATOM   219  C  CB  . GLU A 1 202 ? 3.057   13.790  7.807   1.00 33.79 ? 202 GLU A CB  1 
ATOM   220  C  CG  . GLU A 1 202 ? 4.415   13.260  7.379   1.00 33.20 ? 202 GLU A CG  1 
ATOM   221  C  CD  . GLU A 1 202 ? 4.527   13.071  5.879   1.00 38.15 ? 202 GLU A CD  1 
ATOM   222  O  OE1 . GLU A 1 202 ? 3.567   13.410  5.157   1.00 30.33 ? 202 GLU A OE1 1 
ATOM   223  O  OE2 . GLU A 1 202 ? 5.590   12.603  5.421   1.00 42.93 ? 202 GLU A OE2 1 
ATOM   224  N  N   . GLY A 1 203 ? 0.620   13.174  9.908   1.00 31.10 ? 203 GLY A N   1 
ATOM   225  C  CA  . GLY A 1 203 ? -0.526  13.642  10.653  1.00 27.87 ? 203 GLY A CA  1 
ATOM   226  C  C   . GLY A 1 203 ? -1.652  12.642  10.792  1.00 29.44 ? 203 GLY A C   1 
ATOM   227  O  O   . GLY A 1 203 ? -2.633  12.932  11.490  1.00 34.87 ? 203 GLY A O   1 
ATOM   228  N  N   . THR A 1 204 ? -1.547  11.481  10.155  1.00 27.59 ? 204 THR A N   1 
ATOM   229  C  CA  . THR A 1 204 ? -2.548  10.431  10.247  1.00 21.35 ? 204 THR A CA  1 
ATOM   230  C  C   . THR A 1 204 ? -1.925  9.193   10.874  1.00 27.22 ? 204 THR A C   1 
ATOM   231  O  O   . THR A 1 204 ? -0.711  9.124   11.087  1.00 33.32 ? 204 THR A O   1 
ATOM   232  C  CB  . THR A 1 204 ? -3.121  10.081  8.867   1.00 24.17 ? 204 THR A CB  1 
ATOM   233  O  OG1 . THR A 1 204 ? -2.122  9.410   8.092   1.00 35.27 ? 204 THR A OG1 1 
ATOM   234  C  CG2 . THR A 1 204 ? -3.538  11.341  8.135   1.00 24.49 ? 204 THR A CG2 1 
ATOM   235  N  N   . ARG A 1 205 ? -2.771  8.211   11.191  1.00 26.91 ? 205 ARG A N   1 
ATOM   236  C  CA  . ARG A 1 205 ? -2.248  6.935   11.668  1.00 40.26 ? 205 ARG A CA  1 
ATOM   237  C  C   . ARG A 1 205 ? -1.629  6.139   10.526  1.00 42.31 ? 205 ARG A C   1 
ATOM   238  O  O   . ARG A 1 205 ? -0.583  5.495   10.700  1.00 45.74 ? 205 ARG A O   1 
ATOM   239  C  CB  . ARG A 1 205 ? -3.352  6.130   12.354  1.00 40.07 ? 205 ARG A CB  1 
ATOM   240  C  CG  . ARG A 1 205 ? -4.461  5.656   11.433  1.00 39.96 ? 205 ARG A CG  1 
ATOM   241  C  CD  . ARG A 1 205 ? -5.493  4.860   12.201  1.00 39.35 ? 205 ARG A CD  1 
ATOM   242  N  NE  . ARG A 1 205 ? -6.117  5.687   13.225  1.00 42.13 ? 205 ARG A NE  1 
ATOM   243  C  CZ  . ARG A 1 205 ? -7.177  6.453   13.010  1.00 42.93 ? 205 ARG A CZ  1 
ATOM   244  N  NH1 . ARG A 1 205 ? -7.787  6.475   11.838  1.00 37.46 ? 205 ARG A NH1 1 
ATOM   245  N  NH2 . ARG A 1 205 ? -7.634  7.217   13.997  1.00 42.31 ? 205 ARG A NH2 1 
ATOM   246  N  N   . PHE A 1 206 ? -2.226  6.225   9.333   1.00 23.46 ? 206 PHE A N   1 
ATOM   247  C  CA  . PHE A 1 206 ? -1.782  5.467   8.172   1.00 31.21 ? 206 PHE A CA  1 
ATOM   248  C  C   . PHE A 1 206 ? -0.332  5.808   7.866   1.00 23.71 ? 206 PHE A C   1 
ATOM   249  O  O   . PHE A 1 206 ? 0.374   5.027   7.219   1.00 34.97 ? 206 PHE A O   1 
ATOM   250  C  CB  . PHE A 1 206 ? -2.663  5.764   6.955   1.00 27.57 ? 206 PHE A CB  1 
ATOM   251  C  CG  . PHE A 1 206 ? -4.116  5.954   7.285   1.00 22.93 ? 206 PHE A CG  1 
ATOM   252  C  CD1 . PHE A 1 206 ? -4.760  7.139   6.967   1.00 27.06 ? 206 PHE A CD1 1 
ATOM   253  C  CD2 . PHE A 1 206 ? -4.838  4.954   7.909   1.00 21.67 ? 206 PHE A CD2 1 
ATOM   254  C  CE1 . PHE A 1 206 ? -6.094  7.320   7.266   1.00 20.67 ? 206 PHE A CE1 1 
ATOM   255  C  CE2 . PHE A 1 206 ? -6.173  5.130   8.211   1.00 23.87 ? 206 PHE A CE2 1 
ATOM   256  C  CZ  . PHE A 1 206 ? -6.802  6.315   7.890   1.00 18.91 ? 206 PHE A CZ  1 
ATOM   257  N  N   . HIS A 1 207 ? 0.106   6.972   8.362   1.00 21.66 ? 207 HIS A N   1 
ATOM   258  C  CA  . HIS A 1 207 ? 1.504   7.373   8.256   1.00 28.88 ? 207 HIS A CA  1 
ATOM   259  C  C   . HIS A 1 207 ? 2.429   6.211   8.570   1.00 29.49 ? 207 HIS A C   1 
ATOM   260  O  O   . HIS A 1 207 ? 3.284   5.849   7.752   1.00 27.27 ? 207 HIS A O   1 
ATOM   261  C  CB  . HIS A 1 207 ? 1.787   8.538   9.203   1.00 26.13 ? 207 HIS A CB  1 
ATOM   262  C  CG  . HIS A 1 207 ? 3.223   8.959   9.235   1.00 33.23 ? 207 HIS A CG  1 
ATOM   263  N  ND1 . HIS A 1 207 ? 3.830   9.618   8.188   1.00 30.70 ? 207 HIS A ND1 1 
ATOM   264  C  CD2 . HIS A 1 207 ? 4.175   8.805   10.186  1.00 21.72 ? 207 HIS A CD2 1 
ATOM   265  C  CE1 . HIS A 1 207 ? 5.093   9.860   8.495   1.00 24.44 ? 207 HIS A CE1 1 
ATOM   266  N  NE2 . HIS A 1 207 ? 5.327   9.376   9.702   1.00 30.03 ? 207 HIS A NE2 1 
ATOM   267  N  N   . GLN A 1 208 ? 2.242   5.581   9.732   1.00 32.01 ? 208 GLN A N   1 
ATOM   268  C  CA  . GLN A 1 208 ? 3.117   4.474   10.094  1.00 23.96 ? 208 GLN A CA  1 
ATOM   269  C  C   . GLN A 1 208 ? 3.078   3.400   9.020   1.00 30.52 ? 208 GLN A C   1 
ATOM   270  O  O   . GLN A 1 208 ? 4.111   3.063   8.424   1.00 27.76 ? 208 GLN A O   1 
ATOM   271  C  CB  . GLN A 1 208 ? 2.715   3.902   11.451  1.00 31.06 ? 208 GLN A CB  1 
ATOM   272  C  CG  . GLN A 1 208 ? 3.624   2.788   11.936  1.00 27.87 ? 208 GLN A CG  1 
ATOM   273  C  CD  . GLN A 1 208 ? 5.050   3.259   12.139  1.00 33.05 ? 208 GLN A CD  1 
ATOM   274  O  OE1 . GLN A 1 208 ? 5.934   2.966   11.335  1.00 39.17 ? 208 GLN A OE1 1 
ATOM   275  N  NE2 . GLN A 1 208 ? 5.280   4.000   13.217  1.00 34.09 ? 208 GLN A NE2 1 
ATOM   276  N  N   . THR A 1 209 ? 1.875   2.933   8.679   1.00 30.90 ? 209 THR A N   1 
ATOM   277  C  CA  . THR A 1 209 ? 1.759   1.939   7.623   1.00 24.95 ? 209 THR A CA  1 
ATOM   278  C  C   . THR A 1 209 ? 2.430   2.439   6.357   1.00 17.35 ? 209 THR A C   1 
ATOM   279  O  O   . THR A 1 209 ? 3.235   1.723   5.746   1.00 27.32 ? 209 THR A O   1 
ATOM   280  C  CB  . THR A 1 209 ? 0.290   1.612   7.363   1.00 22.17 ? 209 THR A CB  1 
ATOM   281  O  OG1 . THR A 1 209 ? -0.262  0.950   8.508   1.00 25.44 ? 209 THR A OG1 1 
ATOM   282  C  CG2 . THR A 1 209 ? 0.151   0.709   6.155   1.00 19.91 ? 209 THR A CG2 1 
ATOM   283  N  N   . ALA A 1 210 ? 2.188   3.707   6.010   1.00 8.82  ? 210 ALA A N   1 
ATOM   284  C  CA  . ALA A 1 210 ? 2.783   4.266   4.806   1.00 16.75 ? 210 ALA A CA  1 
ATOM   285  C  C   . ALA A 1 210 ? 4.290   4.074   4.815   1.00 24.66 ? 210 ALA A C   1 
ATOM   286  O  O   . ALA A 1 210 ? 4.849   3.456   3.900   1.00 26.30 ? 210 ALA A O   1 
ATOM   287  C  CB  . ALA A 1 210 ? 2.424   5.747   4.679   1.00 16.29 ? 210 ALA A CB  1 
ATOM   288  N  N   . VAL A 1 211 ? 4.955   4.504   5.894   1.00 23.94 ? 211 VAL A N   1 
ATOM   289  C  CA  . VAL A 1 211 ? 6.408   4.430   5.867   1.00 26.36 ? 211 VAL A CA  1 
ATOM   290  C  C   . VAL A 1 211 ? 6.835   2.974   5.813   1.00 25.34 ? 211 VAL A C   1 
ATOM   291  O  O   . VAL A 1 211 ? 7.756   2.621   5.065   1.00 31.08 ? 211 VAL A O   1 
ATOM   292  C  CB  . VAL A 1 211 ? 7.052   5.189   7.047   1.00 27.81 ? 211 VAL A CB  1 
ATOM   293  C  CG1 . VAL A 1 211 ? 6.655   6.661   7.015   1.00 29.17 ? 211 VAL A CG1 1 
ATOM   294  C  CG2 . VAL A 1 211 ? 6.715   4.563   8.390   1.00 26.89 ? 211 VAL A CG2 1 
ATOM   295  N  N   . ASP A 1 212 ? 6.117   2.094   6.520   1.00 13.50 ? 212 ASP A N   1 
ATOM   296  C  CA  . ASP A 1 212 ? 6.446   0.678   6.453   1.00 23.18 ? 212 ASP A CA  1 
ATOM   297  C  C   . ASP A 1 212 ? 6.355   0.186   5.021   1.00 26.59 ? 212 ASP A C   1 
ATOM   298  O  O   . ASP A 1 212 ? 7.307   -0.412  4.500   1.00 29.07 ? 212 ASP A O   1 
ATOM   299  C  CB  . ASP A 1 212 ? 5.519   -0.127  7.362   1.00 23.45 ? 212 ASP A CB  1 
ATOM   300  C  CG  . ASP A 1 212 ? 5.819   0.083   8.833   1.00 31.02 ? 212 ASP A CG  1 
ATOM   301  O  OD1 . ASP A 1 212 ? 6.880   0.660   9.149   1.00 38.20 ? 212 ASP A OD1 1 
ATOM   302  O  OD2 . ASP A 1 212 ? 4.995   -0.333  9.674   1.00 33.70 ? 212 ASP A OD2 1 
ATOM   303  N  N   . MET A 1 213 ? 5.256   0.514   4.336   1.00 24.80 ? 213 MET A N   1 
ATOM   304  C  CA  . MET A 1 213 ? 5.131   0.109   2.945   1.00 24.91 ? 213 MET A CA  1 
ATOM   305  C  C   . MET A 1 213 ? 6.266   0.692   2.123   1.00 19.59 ? 213 MET A C   1 
ATOM   306  O  O   . MET A 1 213 ? 6.880   -0.014  1.313   1.00 20.30 ? 213 MET A O   1 
ATOM   307  C  CB  . MET A 1 213 ? 3.774   0.536   2.387   1.00 20.28 ? 213 MET A CB  1 
ATOM   308  C  CG  . MET A 1 213 ? 2.620   -0.331  2.853   1.00 21.32 ? 213 MET A CG  1 
ATOM   309  S  SD  . MET A 1 213 ? 1.026   0.490   2.697   1.00 29.54 ? 213 MET A SD  1 
ATOM   310  C  CE  . MET A 1 213 ? 0.852   0.564   0.918   1.00 10.32 ? 213 MET A CE  1 
ATOM   311  N  N   . ALA A 1 214 ? 6.610   1.958   2.379   1.00 8.97  ? 214 ALA A N   1 
ATOM   312  C  CA  . ALA A 1 214 ? 7.714   2.571   1.655   1.00 16.93 ? 214 ALA A CA  1 
ATOM   313  C  C   . ALA A 1 214 ? 8.989   1.774   1.860   1.00 21.40 ? 214 ALA A C   1 
ATOM   314  O  O   . ALA A 1 214 ? 9.701   1.465   0.894   1.00 16.81 ? 214 ALA A O   1 
ATOM   315  C  CB  . ALA A 1 214 ? 7.898   4.019   2.106   1.00 16.55 ? 214 ALA A CB  1 
ATOM   316  N  N   . GLU A 1 215 ? 9.257   1.368   3.103   1.00 18.89 ? 215 GLU A N   1 
ATOM   317  C  CA  . GLU A 1 215 ? 10.460  0.594   3.369   1.00 18.82 ? 215 GLU A CA  1 
ATOM   318  C  C   . GLU A 1 215 ? 10.429  -0.713  2.594   1.00 29.20 ? 215 GLU A C   1 
ATOM   319  O  O   . GLU A 1 215 ? 11.443  -1.128  2.017   1.00 23.88 ? 215 GLU A O   1 
ATOM   320  C  CB  . GLU A 1 215 ? 10.604  0.343   4.870   1.00 24.00 ? 215 GLU A CB  1 
ATOM   321  C  CG  . GLU A 1 215 ? 11.875  -0.389  5.260   1.00 28.87 ? 215 GLU A CG  1 
ATOM   322  C  CD  . GLU A 1 215 ? 12.001  -0.569  6.759   1.00 35.20 ? 215 GLU A CD  1 
ATOM   323  O  OE1 . GLU A 1 215 ? 11.084  -0.139  7.488   1.00 43.63 ? 215 GLU A OE1 1 
ATOM   324  O  OE2 . GLU A 1 215 ? 13.019  -1.137  7.209   1.00 40.72 ? 215 GLU A OE2 1 
ATOM   325  N  N   . ILE A 1 216 ? 9.254   -1.346  2.519   1.00 19.34 ? 216 ILE A N   1 
ATOM   326  C  CA  . ILE A 1 216 ? 9.127   -2.576  1.746   1.00 13.60 ? 216 ILE A CA  1 
ATOM   327  C  C   . ILE A 1 216 ? 9.517   -2.320  0.298   1.00 18.33 ? 216 ILE A C   1 
ATOM   328  O  O   . ILE A 1 216 ? 10.289  -3.078  -0.303  1.00 27.82 ? 216 ILE A O   1 
ATOM   329  C  CB  . ILE A 1 216 ? 7.699   -3.137  1.861   1.00 17.07 ? 216 ILE A CB  1 
ATOM   330  C  CG1 . ILE A 1 216 ? 7.448   -3.670  3.272   1.00 19.81 ? 216 ILE A CG1 1 
ATOM   331  C  CG2 . ILE A 1 216 ? 7.471   -4.234  0.834   1.00 19.25 ? 216 ILE A CG2 1 
ATOM   332  C  CD1 . ILE A 1 216 ? 6.014   -4.070  3.528   1.00 15.03 ? 216 ILE A CD1 1 
ATOM   333  N  N   . TYR A 1 217 ? 9.042   -1.203  -0.264  1.00 7.45  ? 217 TYR A N   1 
ATOM   334  C  CA  . TYR A 1 217 ? 9.312   -0.922  -1.667  1.00 9.87  ? 217 TYR A CA  1 
ATOM   335  C  C   . TYR A 1 217 ? 10.791  -0.665  -1.911  1.00 18.14 ? 217 TYR A C   1 
ATOM   336  O  O   . TYR A 1 217 ? 11.243  -0.692  -3.062  1.00 25.29 ? 217 TYR A O   1 
ATOM   337  C  CB  . TYR A 1 217 ? 8.464   0.259   -2.137  1.00 9.41  ? 217 TYR A CB  1 
ATOM   338  C  CG  . TYR A 1 217 ? 6.999   -0.088  -2.286  1.00 26.48 ? 217 TYR A CG  1 
ATOM   339  C  CD1 . TYR A 1 217 ? 6.600   -1.159  -3.071  1.00 16.83 ? 217 TYR A CD1 1 
ATOM   340  C  CD2 . TYR A 1 217 ? 6.020   0.648   -1.634  1.00 23.98 ? 217 TYR A CD2 1 
ATOM   341  C  CE1 . TYR A 1 217 ? 5.267   -1.485  -3.209  1.00 21.20 ? 217 TYR A CE1 1 
ATOM   342  C  CE2 . TYR A 1 217 ? 4.683   0.328   -1.764  1.00 24.68 ? 217 TYR A CE2 1 
ATOM   343  C  CZ  . TYR A 1 217 ? 4.313   -0.739  -2.554  1.00 26.90 ? 217 TYR A CZ  1 
ATOM   344  O  OH  . TYR A 1 217 ? 2.983   -1.063  -2.690  1.00 28.66 ? 217 TYR A OH  1 
ATOM   345  N  N   . THR A 1 218 ? 11.562  -0.420  -0.850  1.00 23.29 ? 218 THR A N   1 
ATOM   346  C  CA  . THR A 1 218 ? 13.006  -0.315  -1.014  1.00 28.20 ? 218 THR A CA  1 
ATOM   347  C  C   . THR A 1 218 ? 13.687  -1.662  -0.834  1.00 21.22 ? 218 THR A C   1 
ATOM   348  O  O   . THR A 1 218 ? 14.690  -1.946  -1.498  1.00 31.61 ? 218 THR A O   1 
ATOM   349  C  CB  . THR A 1 218 ? 13.581  0.705   -0.033  1.00 30.44 ? 218 THR A CB  1 
ATOM   350  O  OG1 . THR A 1 218 ? 13.212  0.349   1.305   1.00 29.49 ? 218 THR A OG1 1 
ATOM   351  C  CG2 . THR A 1 218 ? 13.067  2.085   -0.355  1.00 24.83 ? 218 THR A CG2 1 
ATOM   352  N  N   . MET A 1 219 ? 13.162  -2.500  0.063   1.00 17.99 ? 219 MET A N   1 
ATOM   353  C  CA  . MET A 1 219 ? 13.768  -3.800  0.314   1.00 16.68 ? 219 MET A CA  1 
ATOM   354  C  C   . MET A 1 219 ? 13.715  -4.682  -0.927  1.00 19.04 ? 219 MET A C   1 
ATOM   355  O  O   . MET A 1 219 ? 14.651  -5.437  -1.213  1.00 27.30 ? 219 MET A O   1 
ATOM   356  C  CB  . MET A 1 219 ? 13.078  -4.477  1.500   1.00 19.52 ? 219 MET A CB  1 
ATOM   357  C  CG  . MET A 1 219 ? 13.384  -3.830  2.835   1.00 24.09 ? 219 MET A CG  1 
ATOM   358  S  SD  . MET A 1 219 ? 12.857  -4.845  4.222   1.00 41.34 ? 219 MET A SD  1 
ATOM   359  C  CE  . MET A 1 219 ? 11.333  -4.026  4.685   1.00 33.09 ? 219 MET A CE  1 
ATOM   360  N  N   . TRP A 1 220 ? 12.614  -4.604  -1.672  1.00 27.39 ? 220 TRP A N   1 
ATOM   361  C  CA  . TRP A 1 220 ? 12.465  -5.349  -2.911  1.00 20.27 ? 220 TRP A CA  1 
ATOM   362  C  C   . TRP A 1 220 ? 12.365  -4.365  -4.068  1.00 19.01 ? 220 TRP A C   1 
ATOM   363  O  O   . TRP A 1 220 ? 11.295  -3.778  -4.285  1.00 27.29 ? 220 TRP A O   1 
ATOM   364  C  CB  . TRP A 1 220 ? 11.229  -6.246  -2.848  1.00 17.63 ? 220 TRP A CB  1 
ATOM   365  C  CG  . TRP A 1 220 ? 11.477  -7.455  -2.012  1.00 23.07 ? 220 TRP A CG  1 
ATOM   366  C  CD1 . TRP A 1 220 ? 12.017  -8.636  -2.416  1.00 18.79 ? 220 TRP A CD1 1 
ATOM   367  C  CD2 . TRP A 1 220 ? 11.249  -7.578  -0.604  1.00 25.87 ? 220 TRP A CD2 1 
ATOM   368  N  NE1 . TRP A 1 220 ? 12.114  -9.501  -1.355  1.00 26.83 ? 220 TRP A NE1 1 
ATOM   369  C  CE2 . TRP A 1 220 ? 11.652  -8.875  -0.230  1.00 20.35 ? 220 TRP A CE2 1 
ATOM   370  C  CE3 . TRP A 1 220 ? 10.733  -6.725  0.372   1.00 20.12 ? 220 TRP A CE3 1 
ATOM   371  C  CZ2 . TRP A 1 220 ? 11.552  -9.336  1.079   1.00 18.95 ? 220 TRP A CZ2 1 
ATOM   372  C  CZ3 . TRP A 1 220 ? 10.638  -7.182  1.669   1.00 27.67 ? 220 TRP A CZ3 1 
ATOM   373  C  CH2 . TRP A 1 220 ? 11.044  -8.477  2.013   1.00 25.21 ? 220 TRP A CH2 1 
ATOM   374  N  N   . PRO A 1 221 ? 13.445  -4.133  -4.820  1.00 28.46 ? 221 PRO A N   1 
ATOM   375  C  CA  . PRO A 1 221 ? 13.404  -3.094  -5.865  1.00 28.29 ? 221 PRO A CA  1 
ATOM   376  C  C   . PRO A 1 221 ? 12.356  -3.331  -6.937  1.00 28.65 ? 221 PRO A C   1 
ATOM   377  O  O   . PRO A 1 221 ? 11.763  -2.366  -7.434  1.00 31.45 ? 221 PRO A O   1 
ATOM   378  C  CB  . PRO A 1 221 ? 14.826  -3.130  -6.446  1.00 30.09 ? 221 PRO A CB  1 
ATOM   379  C  CG  . PRO A 1 221 ? 15.663  -3.774  -5.391  1.00 31.94 ? 221 PRO A CG  1 
ATOM   380  C  CD  . PRO A 1 221 ? 14.773  -4.755  -4.703  1.00 30.91 ? 221 PRO A CD  1 
ATOM   381  N  N   . LYS A 1 222 ? 12.113  -4.580  -7.321  1.00 23.60 ? 222 LYS A N   1 
ATOM   382  C  CA  . LYS A 1 222 ? 11.124  -4.854  -8.353  1.00 24.43 ? 222 LYS A CA  1 
ATOM   383  C  C   . LYS A 1 222 ? 9.725   -4.892  -7.752  1.00 25.27 ? 222 LYS A C   1 
ATOM   384  O  O   . LYS A 1 222 ? 9.513   -5.408  -6.650  1.00 18.07 ? 222 LYS A O   1 
ATOM   385  C  CB  . LYS A 1 222 ? 11.446  -6.162  -9.079  1.00 27.92 ? 222 LYS A CB  1 
ATOM   386  C  CG  . LYS A 1 222 ? 11.371  -7.402  -8.229  1.00 28.09 ? 222 LYS A CG  1 
ATOM   387  C  CD  . LYS A 1 222 ? 11.686  -8.635  -9.054  1.00 26.58 ? 222 LYS A CD  1 
ATOM   388  C  CE  . LYS A 1 222 ? 13.168  -8.717  -9.383  1.00 26.67 ? 222 LYS A CE  1 
ATOM   389  N  NZ  . LYS A 1 222 ? 13.508  -9.990  -10.077 1.00 31.90 ? 222 LYS A NZ  1 
ATOM   390  N  N   . GLN A 1 223 ? 8.766   -4.328  -8.490  1.00 25.74 ? 223 GLN A N   1 
ATOM   391  C  CA  . GLN A 1 223 ? 7.449   -4.054  -7.929  1.00 22.90 ? 223 GLN A CA  1 
ATOM   392  C  C   . GLN A 1 223 ? 6.693   -5.333  -7.593  1.00 20.41 ? 223 GLN A C   1 
ATOM   393  O  O   . GLN A 1 223 ? 5.838   -5.324  -6.705  1.00 24.80 ? 223 GLN A O   1 
ATOM   394  C  CB  . GLN A 1 223 ? 6.637   -3.196  -8.905  1.00 23.52 ? 223 GLN A CB  1 
ATOM   395  C  CG  . GLN A 1 223 ? 5.378   -2.511  -8.342  1.00 24.99 ? 223 GLN A CG  1 
ATOM   396  C  CD  . GLN A 1 223 ? 5.614   -1.643  -7.100  1.00 30.81 ? 223 GLN A CD  1 
ATOM   397  O  OE1 . GLN A 1 223 ? 6.721   -1.556  -6.568  1.00 33.76 ? 223 GLN A OE1 1 
ATOM   398  N  NE2 . GLN A 1 223 ? 4.554   -0.983  -6.645  1.00 32.38 ? 223 GLN A NE2 1 
ATOM   399  N  N   . THR A 1 224 ? 6.993   -6.435  -8.278  1.00 27.03 ? 224 THR A N   1 
ATOM   400  C  CA  . THR A 1 224 ? 6.190   -7.646  -8.134  1.00 24.78 ? 224 THR A CA  1 
ATOM   401  C  C   . THR A 1 224 ? 6.327   -8.255  -6.740  1.00 22.92 ? 224 THR A C   1 
ATOM   402  O  O   . THR A 1 224 ? 5.333   -8.425  -6.020  1.00 27.37 ? 224 THR A O   1 
ATOM   403  C  CB  . THR A 1 224 ? 6.596   -8.651  -9.210  1.00 33.74 ? 224 THR A CB  1 
ATOM   404  O  OG1 . THR A 1 224 ? 6.373   -8.081  -10.505 1.00 40.25 ? 224 THR A OG1 1 
ATOM   405  C  CG2 . THR A 1 224 ? 5.790   -9.905  -9.090  1.00 28.57 ? 224 THR A CG2 1 
ATOM   406  N  N   . GLU A 1 225 ? 7.554   -8.574  -6.327  1.00 19.78 ? 225 GLU A N   1 
ATOM   407  C  CA  . GLU A 1 225 ? 7.715   -9.184  -5.014  1.00 24.08 ? 225 GLU A CA  1 
ATOM   408  C  C   . GLU A 1 225 ? 7.614   -8.154  -3.897  1.00 21.99 ? 225 GLU A C   1 
ATOM   409  O  O   . GLU A 1 225 ? 7.270   -8.510  -2.765  1.00 27.05 ? 225 GLU A O   1 
ATOM   410  C  CB  . GLU A 1 225 ? 9.031   -9.968  -4.948  1.00 27.27 ? 225 GLU A CB  1 
ATOM   411  C  CG  . GLU A 1 225 ? 10.248  -9.261  -5.493  1.00 25.62 ? 225 GLU A CG  1 
ATOM   412  C  CD  . GLU A 1 225 ? 11.416  -10.211 -5.702  1.00 33.15 ? 225 GLU A CD  1 
ATOM   413  O  OE1 . GLU A 1 225 ? 11.419  -10.922 -6.727  1.00 35.55 ? 225 GLU A OE1 1 
ATOM   414  O  OE2 . GLU A 1 225 ? 12.325  -10.257 -4.849  1.00 38.30 ? 225 GLU A OE2 1 
ATOM   415  N  N   . ALA A 1 226 ? 7.854   -6.877  -4.198  1.00 20.57 ? 226 ALA A N   1 
ATOM   416  C  CA  . ALA A 1 226 ? 7.542   -5.830  -3.231  1.00 17.28 ? 226 ALA A CA  1 
ATOM   417  C  C   . ALA A 1 226 ? 6.047   -5.785  -2.939  1.00 13.49 ? 226 ALA A C   1 
ATOM   418  O  O   . ALA A 1 226 ? 5.635   -5.669  -1.780  1.00 15.16 ? 226 ALA A O   1 
ATOM   419  C  CB  . ALA A 1 226 ? 8.033   -4.476  -3.741  1.00 15.08 ? 226 ALA A CB  1 
ATOM   420  N  N   . ASN A 1 227 ? 5.215   -5.901  -3.977  1.00 16.92 ? 227 ASN A N   1 
ATOM   421  C  CA  . ASN A 1 227 ? 3.771   -5.942  -3.771  1.00 10.03 ? 227 ASN A CA  1 
ATOM   422  C  C   . ASN A 1 227 ? 3.351   -7.226  -3.076  1.00 12.70 ? 227 ASN A C   1 
ATOM   423  O  O   . ASN A 1 227 ? 2.391   -7.231  -2.302  1.00 14.67 ? 227 ASN A O   1 
ATOM   424  C  CB  . ASN A 1 227 ? 3.039   -5.798  -5.103  1.00 9.16  ? 227 ASN A CB  1 
ATOM   425  C  CG  . ASN A 1 227 ? 3.121   -4.400  -5.663  1.00 10.78 ? 227 ASN A CG  1 
ATOM   426  O  OD1 . ASN A 1 227 ? 3.600   -3.483  -5.001  1.00 22.77 ? 227 ASN A OD1 1 
ATOM   427  N  ND2 . ASN A 1 227 ? 2.657   -4.230  -6.893  1.00 19.55 ? 227 ASN A ND2 1 
ATOM   428  N  N   . GLU A 1 228 ? 4.046   -8.331  -3.351  1.00 26.48 ? 228 GLU A N   1 
ATOM   429  C  CA  . GLU A 1 228 ? 3.775   -9.559  -2.608  1.00 21.64 ? 228 GLU A CA  1 
ATOM   430  C  C   . GLU A 1 228 ? 4.041   -9.369  -1.117  1.00 20.64 ? 228 GLU A C   1 
ATOM   431  O  O   . GLU A 1 228 ? 3.240   -9.788  -0.271  1.00 25.33 ? 228 GLU A O   1 
ATOM   432  C  CB  . GLU A 1 228 ? 4.619   -10.703 -3.164  1.00 25.11 ? 228 GLU A CB  1 
ATOM   433  C  CG  . GLU A 1 228 ? 4.444   -12.020 -2.433  1.00 23.73 ? 228 GLU A CG  1 
ATOM   434  C  CD  . GLU A 1 228 ? 5.677   -12.893 -2.518  1.00 35.35 ? 228 GLU A CD  1 
ATOM   435  O  OE1 . GLU A 1 228 ? 5.555   -14.120 -2.318  1.00 32.38 ? 228 GLU A OE1 1 
ATOM   436  O  OE2 . GLU A 1 228 ? 6.770   -12.353 -2.787  1.00 37.83 ? 228 GLU A OE2 1 
ATOM   437  N  N   . GLN A 1 229 ? 5.158   -8.722  -0.780  1.00 20.84 ? 229 GLN A N   1 
ATOM   438  C  CA  . GLN A 1 229 ? 5.465   -8.456  0.621   1.00 16.90 ? 229 GLN A CA  1 
ATOM   439  C  C   . GLN A 1 229 ? 4.466   -7.481  1.232   1.00 26.47 ? 229 GLN A C   1 
ATOM   440  O  O   . GLN A 1 229 ? 4.112   -7.601  2.407   1.00 28.08 ? 229 GLN A O   1 
ATOM   441  C  CB  . GLN A 1 229 ? 6.892   -7.926  0.752   1.00 22.09 ? 229 GLN A CB  1 
ATOM   442  C  CG  . GLN A 1 229 ? 7.955   -8.918  0.310   1.00 23.44 ? 229 GLN A CG  1 
ATOM   443  C  CD  . GLN A 1 229 ? 7.742   -10.303 0.885   1.00 26.19 ? 229 GLN A CD  1 
ATOM   444  O  OE1 . GLN A 1 229 ? 7.564   -10.465 2.091   1.00 24.85 ? 229 GLN A OE1 1 
ATOM   445  N  NE2 . GLN A 1 229 ? 7.761   -11.311 0.022   1.00 23.56 ? 229 GLN A NE2 1 
ATOM   446  N  N   . VAL A 1 230 ? 3.999   -6.507  0.448   1.00 28.61 ? 230 VAL A N   1 
ATOM   447  C  CA  . VAL A 1 230 ? 2.975   -5.582  0.931   1.00 21.97 ? 230 VAL A CA  1 
ATOM   448  C  C   . VAL A 1 230 ? 1.674   -6.325  1.218   1.00 19.95 ? 230 VAL A C   1 
ATOM   449  O  O   . VAL A 1 230 ? 1.002   -6.066  2.223   1.00 22.46 ? 230 VAL A O   1 
ATOM   450  C  CB  . VAL A 1 230 ? 2.765   -4.438  -0.078  1.00 17.19 ? 230 VAL A CB  1 
ATOM   451  C  CG1 . VAL A 1 230 ? 1.482   -3.680  0.231   1.00 20.75 ? 230 VAL A CG1 1 
ATOM   452  C  CG2 . VAL A 1 230 ? 3.951   -3.494  -0.062  1.00 14.39 ? 230 VAL A CG2 1 
ATOM   453  N  N   . CYS A 1 231 ? 1.295   -7.251  0.335   1.00 20.75 ? 231 CYS A N   1 
ATOM   454  C  CA  . CYS A 1 231 ? 0.099   -8.056  0.559   1.00 14.89 ? 231 CYS A CA  1 
ATOM   455  C  C   . CYS A 1 231 ? 0.234   -8.891  1.824   1.00 23.37 ? 231 CYS A C   1 
ATOM   456  O  O   . CYS A 1 231 ? -0.711  -9.004  2.613   1.00 28.22 ? 231 CYS A O   1 
ATOM   457  C  CB  . CYS A 1 231 ? -0.166  -8.954  -0.651  1.00 22.84 ? 231 CYS A CB  1 
ATOM   458  S  SG  . CYS A 1 231 ? -0.885  -8.111  -2.076  1.00 38.49 ? 231 CYS A SG  1 
ATOM   459  N  N   . LEU A 1 232 ? 1.408   -9.492  2.031   1.00 33.02 ? 232 LEU A N   1 
ATOM   460  C  CA  . LEU A 1 232 ? 1.646   -10.234 3.266   1.00 25.27 ? 232 LEU A CA  1 
ATOM   461  C  C   . LEU A 1 232 ? 1.595   -9.317  4.484   1.00 28.15 ? 232 LEU A C   1 
ATOM   462  O  O   . LEU A 1 232 ? 1.137   -9.729  5.556   1.00 32.55 ? 232 LEU A O   1 
ATOM   463  C  CB  . LEU A 1 232 ? 2.992   -10.954 3.194   1.00 26.77 ? 232 LEU A CB  1 
ATOM   464  C  CG  . LEU A 1 232 ? 3.026   -12.215 2.328   1.00 30.81 ? 232 LEU A CG  1 
ATOM   465  C  CD1 . LEU A 1 232 ? 4.386   -12.883 2.415   1.00 30.82 ? 232 LEU A CD1 1 
ATOM   466  C  CD2 . LEU A 1 232 ? 1.923   -13.179 2.728   1.00 27.34 ? 232 LEU A CD2 1 
ATOM   467  N  N   . TYR A 1 233 ? 2.069   -8.079  4.336   1.00 30.43 ? 233 TYR A N   1 
ATOM   468  C  CA  . TYR A 1 233 ? 1.970   -7.089  5.403   1.00 26.00 ? 233 TYR A CA  1 
ATOM   469  C  C   . TYR A 1 233 ? 0.515   -6.790  5.737   1.00 31.50 ? 233 TYR A C   1 
ATOM   470  O  O   . TYR A 1 233 ? 0.155   -6.649  6.911   1.00 39.36 ? 233 TYR A O   1 
ATOM   471  C  CB  . TYR A 1 233 ? 2.696   -5.813  4.976   1.00 27.57 ? 233 TYR A CB  1 
ATOM   472  C  CG  . TYR A 1 233 ? 2.778   -4.732  6.027   1.00 29.85 ? 233 TYR A CG  1 
ATOM   473  C  CD1 . TYR A 1 233 ? 3.345   -4.979  7.268   1.00 31.71 ? 233 TYR A CD1 1 
ATOM   474  C  CD2 . TYR A 1 233 ? 2.289   -3.457  5.772   1.00 31.23 ? 233 TYR A CD2 1 
ATOM   475  C  CE1 . TYR A 1 233 ? 3.426   -3.987  8.226   1.00 32.69 ? 233 TYR A CE1 1 
ATOM   476  C  CE2 . TYR A 1 233 ? 2.361   -2.461  6.723   1.00 33.75 ? 233 TYR A CE2 1 
ATOM   477  C  CZ  . TYR A 1 233 ? 2.930   -2.731  7.948   1.00 37.59 ? 233 TYR A CZ  1 
ATOM   478  O  OH  . TYR A 1 233 ? 3.004   -1.738  8.897   1.00 37.11 ? 233 TYR A OH  1 
ATOM   479  N  N   . ALA A 1 234 ? -0.333  -6.687  4.712   1.00 27.48 ? 234 ALA A N   1 
ATOM   480  C  CA  . ALA A 1 234 ? -1.750  -6.425  4.934   1.00 26.72 ? 234 ALA A CA  1 
ATOM   481  C  C   . ALA A 1 234 ? -2.423  -7.588  5.650   1.00 32.32 ? 234 ALA A C   1 
ATOM   482  O  O   . ALA A 1 234 ? -3.375  -7.388  6.413   1.00 42.00 ? 234 ALA A O   1 
ATOM   483  C  CB  . ALA A 1 234 ? -2.443  -6.137  3.603   1.00 25.95 ? 234 ALA A CB  1 
ATOM   484  N  N   . LEU A 1 235 ? -1.948  -8.811  5.413   1.00 31.55 ? 235 LEU A N   1 
ATOM   485  C  CA  . LEU A 1 235 ? -2.498  -9.996  6.062   1.00 32.31 ? 235 LEU A CA  1 
ATOM   486  C  C   . LEU A 1 235 ? -2.078  -10.130 7.521   1.00 32.55 ? 235 LEU A C   1 
ATOM   487  O  O   . LEU A 1 235 ? -2.383  -11.156 8.137   1.00 37.31 ? 235 LEU A O   1 
ATOM   488  C  CB  . LEU A 1 235 ? -2.093  -11.249 5.287   1.00 28.47 ? 235 LEU A CB  1 
ATOM   489  C  CG  . LEU A 1 235 ? -2.621  -11.327 3.855   1.00 29.70 ? 235 LEU A CG  1 
ATOM   490  C  CD1 . LEU A 1 235 ? -2.143  -12.595 3.172   1.00 34.25 ? 235 LEU A CD1 1 
ATOM   491  C  CD2 . LEU A 1 235 ? -4.137  -11.255 3.840   1.00 32.22 ? 235 LEU A CD2 1 
ATOM   492  N  N   . GLY A 1 236 ? -1.395  -9.136  8.084   1.00 29.83 ? 236 GLY A N   1 
ATOM   493  C  CA  . GLY A 1 236 ? -1.063  -9.128  9.492   1.00 35.37 ? 236 GLY A CA  1 
ATOM   494  C  C   . GLY A 1 236 ? 0.361   -9.505  9.833   1.00 41.39 ? 236 GLY A C   1 
ATOM   495  O  O   . GLY A 1 236 ? 0.732   -9.437  11.011  1.00 44.06 ? 236 GLY A O   1 
ATOM   496  N  N   . GLU A 1 237 ? 1.166   -9.896  8.851   1.00 40.00 ? 237 GLU A N   1 
ATOM   497  C  CA  . GLU A 1 237 ? 2.545   -10.270 9.126   1.00 41.55 ? 237 GLU A CA  1 
ATOM   498  C  C   . GLU A 1 237 ? 3.347   -9.050  9.562   1.00 41.00 ? 237 GLU A C   1 
ATOM   499  O  O   . GLU A 1 237 ? 3.208   -7.961  9.000   1.00 43.96 ? 237 GLU A O   1 
ATOM   500  C  CB  . GLU A 1 237 ? 3.175   -10.914 7.893   1.00 41.07 ? 237 GLU A CB  1 
ATOM   501  C  CG  . GLU A 1 237 ? 4.590   -11.413 8.107   1.00 43.54 ? 237 GLU A CG  1 
ATOM   502  C  CD  . GLU A 1 237 ? 5.162   -12.091 6.880   1.00 46.22 ? 237 GLU A CD  1 
ATOM   503  O  OE1 . GLU A 1 237 ? 4.458   -12.152 5.851   1.00 47.06 ? 237 GLU A OE1 1 
ATOM   504  O  OE2 . GLU A 1 237 ? 6.312   -12.569 6.947   1.00 46.67 ? 237 GLU A OE2 1 
ATOM   505  N  N   . SER A 1 238 ? 4.185   -9.239  10.577  1.00 43.11 ? 238 SER A N   1 
ATOM   506  C  CA  . SER A 1 238 ? 4.930   -8.133  11.158  1.00 41.08 ? 238 SER A CA  1 
ATOM   507  C  C   . SER A 1 238 ? 5.961   -7.585  10.177  1.00 41.98 ? 238 SER A C   1 
ATOM   508  O  O   . SER A 1 238 ? 6.496   -8.306  9.331   1.00 49.99 ? 238 SER A O   1 
ATOM   509  C  CB  . SER A 1 238 ? 5.621   -8.574  12.448  1.00 44.72 ? 238 SER A CB  1 
ATOM   510  O  OG  . SER A 1 238 ? 6.377   -7.514  13.007  1.00 42.19 ? 238 SER A OG  1 
ATOM   511  N  N   . ILE A 1 239 ? 6.234   -6.284  10.300  1.00 36.26 ? 239 ILE A N   1 
ATOM   512  C  CA  . ILE A 1 239 ? 7.229   -5.640  9.451   1.00 34.44 ? 239 ILE A CA  1 
ATOM   513  C  C   . ILE A 1 239 ? 8.637   -6.115  9.793   1.00 41.95 ? 239 ILE A C   1 
ATOM   514  O  O   . ILE A 1 239 ? 9.536   -6.076  8.943   1.00 49.69 ? 239 ILE A O   1 
ATOM   515  C  CB  . ILE A 1 239 ? 7.094   -4.108  9.557   1.00 39.93 ? 239 ILE A CB  1 
ATOM   516  C  CG1 . ILE A 1 239 ? 7.981   -3.408  8.522   1.00 40.60 ? 239 ILE A CG1 1 
ATOM   517  C  CG2 . ILE A 1 239 ? 7.406   -3.632  10.968  1.00 43.22 ? 239 ILE A CG2 1 
ATOM   518  C  CD1 . ILE A 1 239 ? 7.587   -3.682  7.093   1.00 39.57 ? 239 ILE A CD1 1 
ATOM   519  N  N   . GLU A 1 240 ? 8.860   -6.565  11.031  1.00 51.16 ? 240 GLU A N   1 
ATOM   520  C  CA  . GLU A 1 240 ? 10.177  -7.075  11.404  1.00 47.82 ? 240 GLU A CA  1 
ATOM   521  C  C   . GLU A 1 240 ? 10.528  -8.326  10.607  1.00 44.94 ? 240 GLU A C   1 
ATOM   522  O  O   . GLU A 1 240 ? 11.656  -8.468  10.117  1.00 44.58 ? 240 GLU A O   1 
ATOM   523  C  CB  . GLU A 1 240 ? 10.219  -7.361  12.905  1.00 48.76 ? 240 GLU A CB  1 
ATOM   524  C  CG  . GLU A 1 240 ? 10.127  -6.116  13.773  1.00 47.91 ? 240 GLU A CG  1 
ATOM   525  C  CD  . GLU A 1 240 ? 10.118  -6.438  15.255  1.00 50.45 ? 240 GLU A CD  1 
ATOM   526  O  OE1 . GLU A 1 240 ? 9.993   -7.630  15.606  1.00 52.54 ? 240 GLU A OE1 1 
ATOM   527  O  OE2 . GLU A 1 240 ? 10.235  -5.497  16.069  1.00 49.65 ? 240 GLU A OE2 1 
ATOM   528  N  N   . SER A 1 241 ? 9.569   -9.241  10.455  1.00 35.88 ? 241 SER A N   1 
ATOM   529  C  CA  . SER A 1 241 ? 9.795   -10.408 9.610   1.00 41.79 ? 241 SER A CA  1 
ATOM   530  C  C   . SER A 1 241 ? 10.006  -10.009 8.155   1.00 43.43 ? 241 SER A C   1 
ATOM   531  O  O   . SER A 1 241 ? 10.769  -10.665 7.437   1.00 47.96 ? 241 SER A O   1 
ATOM   532  C  CB  . SER A 1 241 ? 8.624   -11.381 9.737   1.00 39.88 ? 241 SER A CB  1 
ATOM   533  O  OG  . SER A 1 241 ? 7.401   -10.741 9.430   1.00 40.66 ? 241 SER A OG  1 
ATOM   534  N  N   . ILE A 1 242 ? 9.340   -8.944  7.705   1.00 36.00 ? 242 ILE A N   1 
ATOM   535  C  CA  . ILE A 1 242 ? 9.550   -8.453  6.345   1.00 37.38 ? 242 ILE A CA  1 
ATOM   536  C  C   . ILE A 1 242 ? 10.990  -7.985  6.171   1.00 36.72 ? 242 ILE A C   1 
ATOM   537  O  O   . ILE A 1 242 ? 11.636  -8.274  5.157   1.00 38.40 ? 242 ILE A O   1 
ATOM   538  C  CB  . ILE A 1 242 ? 8.548   -7.331  6.017   1.00 39.60 ? 242 ILE A CB  1 
ATOM   539  C  CG1 . ILE A 1 242 ? 7.111   -7.822  6.204   1.00 35.24 ? 242 ILE A CG1 1 
ATOM   540  C  CG2 . ILE A 1 242 ? 8.756   -6.833  4.600   1.00 31.36 ? 242 ILE A CG2 1 
ATOM   541  C  CD1 . ILE A 1 242 ? 6.732   -8.968  5.301   1.00 36.42 ? 242 ILE A CD1 1 
ATOM   542  N  N   . ARG A 1 243 ? 11.513  -7.249  7.157   1.00 36.91 ? 243 ARG A N   1 
ATOM   543  C  CA  . ARG A 1 243 ? 12.921  -6.863  7.113   1.00 35.52 ? 243 ARG A CA  1 
ATOM   544  C  C   . ARG A 1 243 ? 13.823  -8.089  7.117   1.00 39.64 ? 243 ARG A C   1 
ATOM   545  O  O   . ARG A 1 243 ? 14.845  -8.120  6.423   1.00 37.85 ? 243 ARG A O   1 
ATOM   546  C  CB  . ARG A 1 243 ? 13.275  -5.953  8.289   1.00 38.70 ? 243 ARG A CB  1 
ATOM   547  C  CG  . ARG A 1 243 ? 12.642  -4.574  8.271   1.00 37.33 ? 243 ARG A CG  1 
ATOM   548  C  CD  . ARG A 1 243 ? 13.090  -3.791  9.498   1.00 38.20 ? 243 ARG A CD  1 
ATOM   549  N  NE  . ARG A 1 243 ? 12.547  -2.441  9.547   1.00 37.20 ? 243 ARG A NE  1 
ATOM   550  C  CZ  . ARG A 1 243 ? 11.406  -2.114  10.138  1.00 39.68 ? 243 ARG A CZ  1 
ATOM   551  N  NH1 . ARG A 1 243 ? 10.659  -3.020  10.746  1.00 42.16 ? 243 ARG A NH1 1 
ATOM   552  N  NH2 . ARG A 1 243 ? 11.008  -0.845  10.123  1.00 41.49 ? 243 ARG A NH2 1 
ATOM   553  N  N   . GLN A 1 244 ? 13.463  -9.104  7.906   1.00 42.40 ? 244 GLN A N   1 
ATOM   554  C  CA  . GLN A 1 244 ? 14.263  -10.323 7.961   1.00 38.61 ? 244 GLN A CA  1 
ATOM   555  C  C   . GLN A 1 244 ? 14.320  -11.012 6.603   1.00 36.79 ? 244 GLN A C   1 
ATOM   556  O  O   . GLN A 1 244 ? 15.371  -11.528 6.202   1.00 44.22 ? 244 GLN A O   1 
ATOM   557  C  CB  . GLN A 1 244 ? 13.697  -11.272 9.015   1.00 41.64 ? 244 GLN A CB  1 
ATOM   558  C  CG  . GLN A 1 244 ? 14.056  -10.903 10.443  1.00 40.13 ? 244 GLN A CG  1 
ATOM   559  C  CD  . GLN A 1 244 ? 12.991  -11.324 11.435  1.00 45.47 ? 244 GLN A CD  1 
ATOM   560  O  OE1 . GLN A 1 244 ? 12.475  -12.440 11.373  1.00 43.05 ? 244 GLN A OE1 1 
ATOM   561  N  NE2 . GLN A 1 244 ? 12.654  -10.430 12.356  1.00 44.71 ? 244 GLN A NE2 1 
ATOM   562  N  N   . LYS A 1 245 ? 13.201  -11.029 5.877   1.00 27.60 ? 245 LYS A N   1 
ATOM   563  C  CA  . LYS A 1 245 ? 13.119  -11.753 4.613   1.00 24.71 ? 245 LYS A CA  1 
ATOM   564  C  C   . LYS A 1 245 ? 13.912  -11.101 3.486   1.00 28.82 ? 245 LYS A C   1 
ATOM   565  O  O   . LYS A 1 245 ? 14.067  -11.723 2.431   1.00 35.34 ? 245 LYS A O   1 
ATOM   566  C  CB  . LYS A 1 245 ? 11.658  -11.896 4.187   1.00 31.72 ? 245 LYS A CB  1 
ATOM   567  C  CG  . LYS A 1 245 ? 10.881  -12.919 4.991   1.00 32.36 ? 245 LYS A CG  1 
ATOM   568  C  CD  . LYS A 1 245 ? 9.553   -13.242 4.334   1.00 34.52 ? 245 LYS A CD  1 
ATOM   569  C  CE  . LYS A 1 245 ? 8.513   -12.189 4.658   1.00 32.68 ? 245 LYS A CE  1 
ATOM   570  N  NZ  . LYS A 1 245 ? 7.145   -12.633 4.282   1.00 30.31 ? 245 LYS A NZ  1 
ATOM   571  N  N   . CYS A 1 246 ? 14.405  -9.883  3.670   1.00 24.19 ? 246 CYS A N   1 
ATOM   572  C  CA  . CYS A 1 246 ? 15.150  -9.221  2.606   1.00 24.47 ? 246 CYS A CA  1 
ATOM   573  C  C   . CYS A 1 246 ? 16.479  -9.934  2.378   1.00 30.23 ? 246 CYS A C   1 
ATOM   574  O  O   . CYS A 1 246 ? 17.203  -10.206 3.342   1.00 32.47 ? 246 CYS A O   1 
ATOM   575  C  CB  . CYS A 1 246 ? 15.391  -7.753  2.945   1.00 18.97 ? 246 CYS A CB  1 
ATOM   576  S  SG  . CYS A 1 246 ? 16.275  -6.839  1.662   1.00 24.78 ? 246 CYS A SG  1 
ATOM   577  N  N   . PRO A 1 247 ? 16.827  -10.265 1.131   1.00 28.48 ? 247 PRO A N   1 
ATOM   578  C  CA  . PRO A 1 247 ? 18.089  -10.985 0.889   1.00 30.48 ? 247 PRO A CA  1 
ATOM   579  C  C   . PRO A 1 247 ? 19.330  -10.226 1.323   1.00 23.78 ? 247 PRO A C   1 
ATOM   580  O  O   . PRO A 1 247 ? 20.300  -10.853 1.766   1.00 31.34 ? 247 PRO A O   1 
ATOM   581  C  CB  . PRO A 1 247 ? 18.073  -11.218 -0.629  1.00 29.50 ? 247 PRO A CB  1 
ATOM   582  C  CG  . PRO A 1 247 ? 17.113  -10.217 -1.168  1.00 28.17 ? 247 PRO A CG  1 
ATOM   583  C  CD  . PRO A 1 247 ? 16.074  -10.029 -0.111  1.00 27.38 ? 247 PRO A CD  1 
ATOM   584  N  N   . VAL A 1 248 ? 19.338  -8.899  1.216   1.00 32.13 ? 248 VAL A N   1 
ATOM   585  C  CA  . VAL A 1 248 ? 20.513  -8.098  1.526   1.00 30.09 ? 248 VAL A CA  1 
ATOM   586  C  C   . VAL A 1 248 ? 20.213  -7.221  2.736   1.00 30.89 ? 248 VAL A C   1 
ATOM   587  O  O   . VAL A 1 248 ? 19.068  -7.080  3.166   1.00 30.73 ? 248 VAL A O   1 
ATOM   588  C  CB  . VAL A 1 248 ? 20.966  -7.236  0.333   1.00 32.94 ? 248 VAL A CB  1 
ATOM   589  C  CG1 . VAL A 1 248 ? 21.618  -8.098  -0.730  1.00 31.21 ? 248 VAL A CG1 1 
ATOM   590  C  CG2 . VAL A 1 248 ? 19.791  -6.464  -0.241  1.00 34.62 ? 248 VAL A CG2 1 
ATOM   591  N  N   . ASP A 1 249 ? 21.273  -6.635  3.286   1.00 45.25 ? 249 ASP A N   1 
ATOM   592  C  CA  . ASP A 1 249 ? 21.170  -5.693  4.391   1.00 45.21 ? 249 ASP A CA  1 
ATOM   593  C  C   . ASP A 1 249 ? 21.304  -4.247  3.935   1.00 45.26 ? 249 ASP A C   1 
ATOM   594  O  O   . ASP A 1 249 ? 21.380  -3.346  4.776   1.00 44.14 ? 249 ASP A O   1 
ATOM   595  C  CB  . ASP A 1 249 ? 22.224  -6.008  5.453   1.00 43.31 ? 249 ASP A CB  1 
ATOM   596  C  CG  . ASP A 1 249 ? 21.933  -7.295  6.196   1.00 49.52 ? 249 ASP A CG  1 
ATOM   597  O  OD1 . ASP A 1 249 ? 20.743  -7.650  6.325   1.00 51.53 ? 249 ASP A OD1 1 
ATOM   598  O  OD2 . ASP A 1 249 ? 22.892  -7.952  6.650   1.00 50.37 ? 249 ASP A OD2 1 
ATOM   599  N  N   . ASP A 1 250 ? 21.349  -4.009  2.626   1.00 48.57 ? 250 ASP A N   1 
ATOM   600  C  CA  . ASP A 1 250 ? 21.380  -2.649  2.109   1.00 46.16 ? 250 ASP A CA  1 
ATOM   601  C  C   . ASP A 1 250 ? 20.102  -1.913  2.493   1.00 50.92 ? 250 ASP A C   1 
ATOM   602  O  O   . ASP A 1 250 ? 18.995  -2.435  2.339   1.00 52.35 ? 250 ASP A O   1 
ATOM   603  C  CB  . ASP A 1 250 ? 21.547  -2.670  0.588   1.00 48.56 ? 250 ASP A CB  1 
ATOM   604  C  CG  . ASP A 1 250 ? 21.725  -1.283  -0.004  1.00 51.78 ? 250 ASP A CG  1 
ATOM   605  O  OD1 . ASP A 1 250 ? 21.888  -0.313  0.764   1.00 50.66 ? 250 ASP A OD1 1 
ATOM   606  O  OD2 . ASP A 1 250 ? 21.699  -1.166  -1.248  1.00 53.41 ? 250 ASP A OD2 1 
ATOM   607  N  N   . ALA A 1 251 ? 20.262  -0.691  2.995   1.00 52.41 ? 251 ALA A N   1 
ATOM   608  C  CA  . ALA A 1 251 ? 19.144  0.143   3.424   1.00 51.91 ? 251 ALA A CA  1 
ATOM   609  C  C   . ALA A 1 251 ? 19.286  1.513   2.775   1.00 49.41 ? 251 ALA A C   1 
ATOM   610  O  O   . ALA A 1 251 ? 20.179  2.287   3.138   1.00 50.75 ? 251 ALA A O   1 
ATOM   611  C  CB  . ALA A 1 251 ? 19.097  0.259   4.947   1.00 42.77 ? 251 ALA A CB  1 
ATOM   612  N  N   . ASP A 1 252 ? 18.410  1.810   1.821   1.00 41.58 ? 252 ASP A N   1 
ATOM   613  C  CA  . ASP A 1 252 ? 18.370  3.103   1.158   1.00 44.11 ? 252 ASP A CA  1 
ATOM   614  C  C   . ASP A 1 252 ? 17.113  3.853   1.577   1.00 45.17 ? 252 ASP A C   1 
ATOM   615  O  O   . ASP A 1 252 ? 16.155  3.258   2.080   1.00 41.72 ? 252 ASP A O   1 
ATOM   616  C  CB  . ASP A 1 252 ? 18.419  2.952   -0.369  1.00 40.92 ? 252 ASP A CB  1 
ATOM   617  C  CG  . ASP A 1 252 ? 17.357  2.008   -0.898  1.00 48.21 ? 252 ASP A CG  1 
ATOM   618  O  OD1 . ASP A 1 252 ? 16.694  1.340   -0.080  1.00 50.47 ? 252 ASP A OD1 1 
ATOM   619  O  OD2 . ASP A 1 252 ? 17.185  1.933   -2.133  1.00 47.79 ? 252 ASP A OD2 1 
ATOM   620  N  N   . ALA A 1 253 ? 17.134  5.171   1.385   1.00 40.85 ? 253 ALA A N   1 
ATOM   621  C  CA  . ALA A 1 253 ? 16.000  6.002   1.766   1.00 33.54 ? 253 ALA A CA  1 
ATOM   622  C  C   . ALA A 1 253 ? 14.743  5.573   1.019   1.00 33.09 ? 253 ALA A C   1 
ATOM   623  O  O   . ALA A 1 253 ? 14.788  5.237   -0.168  1.00 35.26 ? 253 ALA A O   1 
ATOM   624  C  CB  . ALA A 1 253 ? 16.302  7.474   1.487   1.00 26.30 ? 253 ALA A CB  1 
ATOM   625  N  N   . SER A 1 254 ? 13.617  5.585   1.725   1.00 28.63 ? 254 SER A N   1 
ATOM   626  C  CA  . SER A 1 254 ? 12.351  5.123   1.174   1.00 19.45 ? 254 SER A CA  1 
ATOM   627  C  C   . SER A 1 254 ? 11.606  6.277   0.520   1.00 17.40 ? 254 SER A C   1 
ATOM   628  O  O   . SER A 1 254 ? 11.493  7.361   1.101   1.00 40.05 ? 254 SER A O   1 
ATOM   629  C  CB  . SER A 1 254 ? 11.486  4.487   2.262   1.00 20.37 ? 254 SER A CB  1 
ATOM   630  O  OG  . SER A 1 254 ? 11.019  5.454   3.184   1.00 20.79 ? 254 SER A OG  1 
ATOM   631  N  N   . SER A 1 255 ? 11.115  6.045   -0.690  1.00 20.06 ? 255 SER A N   1 
ATOM   632  C  CA  . SER A 1 255 ? 10.258  7.001   -1.378  1.00 22.60 ? 255 SER A CA  1 
ATOM   633  C  C   . SER A 1 255 ? 8.822   6.869   -0.868  1.00 22.08 ? 255 SER A C   1 
ATOM   634  O  O   . SER A 1 255 ? 8.398   5.773   -0.496  1.00 25.62 ? 255 SER A O   1 
ATOM   635  C  CB  . SER A 1 255 ? 10.306  6.763   -2.886  1.00 29.25 ? 255 SER A CB  1 
ATOM   636  O  OG  . SER A 1 255 ? 9.491   7.684   -3.587  1.00 33.87 ? 255 SER A OG  1 
ATOM   637  N  N   . PRO A 1 256 ? 8.065   7.962   -0.820  1.00 25.56 ? 256 PRO A N   1 
ATOM   638  C  CA  . PRO A 1 256 ? 6.683   7.890   -0.327  1.00 28.61 ? 256 PRO A CA  1 
ATOM   639  C  C   . PRO A 1 256 ? 5.835   6.975   -1.191  1.00 26.97 ? 256 PRO A C   1 
ATOM   640  O  O   . PRO A 1 256 ? 5.939   6.998   -2.427  1.00 25.83 ? 256 PRO A O   1 
ATOM   641  C  CB  . PRO A 1 256 ? 6.198   9.346   -0.411  1.00 18.13 ? 256 PRO A CB  1 
ATOM   642  C  CG  . PRO A 1 256 ? 7.134   10.011  -1.364  1.00 16.21 ? 256 PRO A CG  1 
ATOM   643  C  CD  . PRO A 1 256 ? 8.453   9.340   -1.160  1.00 22.15 ? 256 PRO A CD  1 
ATOM   644  N  N   . PRO A 1 257 ? 4.982   6.158   -0.580  1.00 20.10 ? 257 PRO A N   1 
ATOM   645  C  CA  . PRO A 1 257 ? 4.120   5.272   -1.368  1.00 19.76 ? 257 PRO A CA  1 
ATOM   646  C  C   . PRO A 1 257 ? 3.017   6.045   -2.069  1.00 18.08 ? 257 PRO A C   1 
ATOM   647  O  O   . PRO A 1 257 ? 2.661   7.160   -1.681  1.00 29.20 ? 257 PRO A O   1 
ATOM   648  C  CB  . PRO A 1 257 ? 3.547   4.308   -0.324  1.00 17.66 ? 257 PRO A CB  1 
ATOM   649  C  CG  . PRO A 1 257 ? 3.635   5.039   0.963   1.00 20.22 ? 257 PRO A CG  1 
ATOM   650  C  CD  . PRO A 1 257 ? 4.801   5.977   0.870   1.00 15.30 ? 257 PRO A CD  1 
ATOM   651  N  N   . LYS A 1 258 ? 2.476   5.435   -3.120  1.00 22.46 ? 258 LYS A N   1 
ATOM   652  C  CA  . LYS A 1 258 ? 1.399   6.056   -3.880  1.00 23.22 ? 258 LYS A CA  1 
ATOM   653  C  C   . LYS A 1 258 ? 0.152   6.159   -3.011  1.00 15.69 ? 258 LYS A C   1 
ATOM   654  O  O   . LYS A 1 258 ? -0.310  5.158   -2.453  1.00 20.72 ? 258 LYS A O   1 
ATOM   655  C  CB  . LYS A 1 258 ? 1.104   5.250   -5.143  1.00 17.08 ? 258 LYS A CB  1 
ATOM   656  C  CG  . LYS A 1 258 ? 2.213   5.294   -6.176  1.00 20.99 ? 258 LYS A CG  1 
ATOM   657  C  CD  . LYS A 1 258 ? 1.903   4.419   -7.379  1.00 22.08 ? 258 LYS A CD  1 
ATOM   658  C  CE  . LYS A 1 258 ? 0.784   5.009   -8.219  1.00 29.62 ? 258 LYS A CE  1 
ATOM   659  N  NZ  . LYS A 1 258 ? 1.200   6.274   -8.884  1.00 32.60 ? 258 LYS A NZ  1 
ATOM   660  N  N   . THR A 1 259 ? -0.388  7.371   -2.889  1.00 24.95 ? 259 THR A N   1 
ATOM   661  C  CA  . THR A 1 259 ? -1.639  7.540   -2.162  1.00 23.55 ? 259 THR A CA  1 
ATOM   662  C  C   . THR A 1 259 ? -2.828  7.077   -2.990  1.00 16.62 ? 259 THR A C   1 
ATOM   663  O  O   . THR A 1 259 ? -3.846  6.655   -2.430  1.00 17.07 ? 259 THR A O   1 
ATOM   664  C  CB  . THR A 1 259 ? -1.817  9.000   -1.743  1.00 14.69 ? 259 THR A CB  1 
ATOM   665  O  OG1 . THR A 1 259 ? -1.849  9.835   -2.907  1.00 18.46 ? 259 THR A OG1 1 
ATOM   666  C  CG2 . THR A 1 259 ? -0.674  9.432   -0.848  1.00 15.57 ? 259 THR A CG2 1 
ATOM   667  N  N   . VAL A 1 260 ? -2.723  7.152   -4.312  1.00 22.61 ? 260 VAL A N   1 
ATOM   668  C  CA  . VAL A 1 260 ? -3.774  6.675   -5.205  1.00 19.68 ? 260 VAL A CA  1 
ATOM   669  C  C   . VAL A 1 260 ? -3.149  5.755   -6.247  1.00 21.03 ? 260 VAL A C   1 
ATOM   670  O  O   . VAL A 1 260 ? -2.943  6.177   -7.395  1.00 31.58 ? 260 VAL A O   1 
ATOM   671  C  CB  . VAL A 1 260 ? -4.518  7.843   -5.874  1.00 25.17 ? 260 VAL A CB  1 
ATOM   672  C  CG1 . VAL A 1 260 ? -5.738  7.336   -6.615  1.00 24.84 ? 260 VAL A CG1 1 
ATOM   673  C  CG2 . VAL A 1 260 ? -4.919  8.890   -4.851  1.00 18.15 ? 260 VAL A CG2 1 
ATOM   674  N  N   . PRO A 1 261 ? -2.804  4.511   -5.900  1.00 25.02 ? 261 PRO A N   1 
ATOM   675  C  CA  . PRO A 1 261 ? -2.316  3.582   -6.932  1.00 26.75 ? 261 PRO A CA  1 
ATOM   676  C  C   . PRO A 1 261 ? -3.333  3.331   -8.030  1.00 24.84 ? 261 PRO A C   1 
ATOM   677  O  O   . PRO A 1 261 ? -2.950  3.129   -9.188  1.00 27.99 ? 261 PRO A O   1 
ATOM   678  C  CB  . PRO A 1 261 ? -2.004  2.305   -6.138  1.00 15.27 ? 261 PRO A CB  1 
ATOM   679  C  CG  . PRO A 1 261 ? -2.800  2.424   -4.880  1.00 17.72 ? 261 PRO A CG  1 
ATOM   680  C  CD  . PRO A 1 261 ? -2.863  3.886   -4.569  1.00 21.56 ? 261 PRO A CD  1 
ATOM   681  N  N   . CYS A 1 262 ? -4.620  3.349   -7.694  1.00 26.63 ? 262 CYS A N   1 
ATOM   682  C  CA  . CYS A 1 262 ? -5.698  3.212   -8.662  1.00 24.68 ? 262 CYS A CA  1 
ATOM   683  C  C   . CYS A 1 262 ? -6.963  3.781   -8.037  1.00 27.71 ? 262 CYS A C   1 
ATOM   684  O  O   . CYS A 1 262 ? -6.961  4.244   -6.895  1.00 27.77 ? 262 CYS A O   1 
ATOM   685  C  CB  . CYS A 1 262 ? -5.894  1.757   -9.084  1.00 22.63 ? 262 CYS A CB  1 
ATOM   686  S  SG  . CYS A 1 262 ? -6.448  0.711   -7.744  1.00 16.65 ? 262 CYS A SG  1 
ATOM   687  N  N   . LEU A 1 263 ? -8.046  3.747   -8.808  1.00 30.72 ? 263 LEU A N   1 
ATOM   688  C  CA  . LEU A 1 263 ? -9.295  4.374   -8.407  1.00 21.81 ? 263 LEU A CA  1 
ATOM   689  C  C   . LEU A 1 263 ? -10.405 3.388   -8.063  1.00 27.41 ? 263 LEU A C   1 
ATOM   690  O  O   . LEU A 1 263 ? -11.539 3.820   -7.840  1.00 28.57 ? 263 LEU A O   1 
ATOM   691  C  CB  . LEU A 1 263 ? -9.766  5.333   -9.504  1.00 30.58 ? 263 LEU A CB  1 
ATOM   692  C  CG  . LEU A 1 263 ? -8.815  6.515   -9.668  1.00 31.24 ? 263 LEU A CG  1 
ATOM   693  C  CD1 . LEU A 1 263 ? -9.202  7.387   -10.844 1.00 36.05 ? 263 LEU A CD1 1 
ATOM   694  C  CD2 . LEU A 1 263 ? -8.815  7.320   -8.385  1.00 22.81 ? 263 LEU A CD2 1 
ATOM   695  N  N   . CYS A 1 264 ? -10.125 2.086   -8.010  1.00 21.52 ? 264 CYS A N   1 
ATOM   696  C  CA  . CYS A 1 264 ? -11.175 1.154   -7.626  1.00 22.37 ? 264 CYS A CA  1 
ATOM   697  C  C   . CYS A 1 264 ? -11.197 0.993   -6.108  1.00 20.26 ? 264 CYS A C   1 
ATOM   698  O  O   . CYS A 1 264 ? -10.418 1.604   -5.374  1.00 28.25 ? 264 CYS A O   1 
ATOM   699  C  CB  . CYS A 1 264 ? -10.993 -0.205  -8.299  1.00 20.00 ? 264 CYS A CB  1 
ATOM   700  S  SG  . CYS A 1 264 ? -9.521  -1.122  -7.818  1.00 30.00 ? 264 CYS A SG  1 
ATOM   701  N  N   . ARG A 1 265 ? -12.097 0.133   -5.636  1.00 17.31 ? 265 ARG A N   1 
ATOM   702  C  CA  . ARG A 1 265 ? -12.289 -0.092  -4.211  1.00 16.81 ? 265 ARG A CA  1 
ATOM   703  C  C   . ARG A 1 265 ? -11.211 -0.982  -3.602  1.00 19.16 ? 265 ARG A C   1 
ATOM   704  O  O   . ARG A 1 265 ? -11.095 -1.042  -2.373  1.00 32.76 ? 265 ARG A O   1 
ATOM   705  C  CB  . ARG A 1 265 ? -13.684 -0.694  -3.997  1.00 28.72 ? 265 ARG A CB  1 
ATOM   706  C  CG  . ARG A 1 265 ? -14.101 -0.939  -2.559  1.00 38.88 ? 265 ARG A CG  1 
ATOM   707  C  CD  . ARG A 1 265 ? -15.528 -1.461  -2.499  1.00 36.47 ? 265 ARG A CD  1 
ATOM   708  N  NE  . ARG A 1 265 ? -16.490 -0.445  -2.912  1.00 39.41 ? 265 ARG A NE  1 
ATOM   709  C  CZ  . ARG A 1 265 ? -17.781 -0.674  -3.114  1.00 40.74 ? 265 ARG A CZ  1 
ATOM   710  N  NH1 . ARG A 1 265 ? -18.303 -1.878  -2.951  1.00 34.95 ? 265 ARG A NH1 1 
ATOM   711  N  NH2 . ARG A 1 265 ? -18.566 0.332   -3.493  1.00 36.15 ? 265 ARG A NH2 1 
ATOM   712  N  N   . TYR A 1 266 ? -10.393 -1.638  -4.425  1.00 20.64 ? 266 TYR A N   1 
ATOM   713  C  CA  . TYR A 1 266 ? -9.332  -2.513  -3.946  1.00 20.16 ? 266 TYR A CA  1 
ATOM   714  C  C   . TYR A 1 266 ? -7.958  -1.854  -4.003  1.00 20.17 ? 266 TYR A C   1 
ATOM   715  O  O   . TYR A 1 266 ? -6.943  -2.555  -3.947  1.00 29.08 ? 266 TYR A O   1 
ATOM   716  C  CB  . TYR A 1 266 ? -9.315  -3.817  -4.746  1.00 20.50 ? 266 TYR A CB  1 
ATOM   717  C  CG  . TYR A 1 266 ? -10.675 -4.429  -4.980  1.00 22.82 ? 266 TYR A CG  1 
ATOM   718  C  CD1 . TYR A 1 266 ? -11.351 -5.078  -3.956  1.00 20.78 ? 266 TYR A CD1 1 
ATOM   719  C  CD2 . TYR A 1 266 ? -11.278 -4.369  -6.228  1.00 21.75 ? 266 TYR A CD2 1 
ATOM   720  C  CE1 . TYR A 1 266 ? -12.594 -5.641  -4.168  1.00 13.55 ? 266 TYR A CE1 1 
ATOM   721  C  CE2 . TYR A 1 266 ? -12.518 -4.929  -6.449  1.00 21.17 ? 266 TYR A CE2 1 
ATOM   722  C  CZ  . TYR A 1 266 ? -13.171 -5.565  -5.416  1.00 19.70 ? 266 TYR A CZ  1 
ATOM   723  O  OH  . TYR A 1 266 ? -14.407 -6.125  -5.635  1.00 32.84 ? 266 TYR A OH  1 
ATOM   724  N  N   . ALA A 1 267 ? -7.905  -0.529  -4.127  1.00 16.33 ? 267 ALA A N   1 
ATOM   725  C  CA  . ALA A 1 267 ? -6.627  0.168   -4.179  1.00 18.96 ? 267 ALA A CA  1 
ATOM   726  C  C   . ALA A 1 267 ? -5.821  -0.097  -2.915  1.00 18.84 ? 267 ALA A C   1 
ATOM   727  O  O   . ALA A 1 267 ? -6.306  0.107   -1.799  1.00 27.27 ? 267 ALA A O   1 
ATOM   728  C  CB  . ALA A 1 267 ? -6.849  1.670   -4.355  1.00 16.40 ? 267 ALA A CB  1 
ATOM   729  N  N   . MET A 1 268 ? -4.579  -0.542  -3.093  1.00 17.17 ? 268 MET A N   1 
ATOM   730  C  CA  . MET A 1 268 ? -3.712  -0.876  -1.965  1.00 23.23 ? 268 MET A CA  1 
ATOM   731  C  C   . MET A 1 268 ? -3.010  0.378   -1.438  1.00 18.87 ? 268 MET A C   1 
ATOM   732  O  O   . MET A 1 268 ? -1.786  0.496   -1.427  1.00 29.30 ? 268 MET A O   1 
ATOM   733  C  CB  . MET A 1 268 ? -2.711  -1.953  -2.366  1.00 13.93 ? 268 MET A CB  1 
ATOM   734  C  CG  . MET A 1 268 ? -3.293  -3.355  -2.386  1.00 14.22 ? 268 MET A CG  1 
ATOM   735  S  SD  . MET A 1 268 ? -3.780  -3.926  -0.746  1.00 42.65 ? 268 MET A SD  1 
ATOM   736  C  CE  . MET A 1 268 ? -2.515  -5.148  -0.416  1.00 21.75 ? 268 MET A CE  1 
ATOM   737  N  N   . THR A 1 269 ? -3.829  1.327   -0.999  1.00 27.55 ? 269 THR A N   1 
ATOM   738  C  CA  . THR A 1 269 ? -3.326  2.521   -0.353  1.00 17.83 ? 269 THR A CA  1 
ATOM   739  C  C   . THR A 1 269 ? -2.833  2.182   1.052   1.00 14.92 ? 269 THR A C   1 
ATOM   740  O  O   . THR A 1 269 ? -3.203  1.149   1.616   1.00 19.20 ? 269 THR A O   1 
ATOM   741  C  CB  . THR A 1 269 ? -4.419  3.584   -0.280  1.00 16.02 ? 269 THR A CB  1 
ATOM   742  O  OG1 . THR A 1 269 ? -5.416  3.180   0.666   1.00 23.44 ? 269 THR A OG1 1 
ATOM   743  C  CG2 . THR A 1 269 ? -5.073  3.769   -1.637  1.00 11.85 ? 269 THR A CG2 1 
ATOM   744  N  N   . PRO A 1 270 ? -1.976  3.026   1.631   1.00 16.38 ? 270 PRO A N   1 
ATOM   745  C  CA  . PRO A 1 270 ? -1.623  2.831   3.047   1.00 18.53 ? 270 PRO A CA  1 
ATOM   746  C  C   . PRO A 1 270 ? -2.829  2.835   3.965   1.00 21.42 ? 270 PRO A C   1 
ATOM   747  O  O   . PRO A 1 270 ? -2.842  2.106   4.963   1.00 25.41 ? 270 PRO A O   1 
ATOM   748  C  CB  . PRO A 1 270 ? -0.684  4.011   3.336   1.00 17.11 ? 270 PRO A CB  1 
ATOM   749  C  CG  . PRO A 1 270 ? -0.097  4.350   2.017   1.00 15.61 ? 270 PRO A CG  1 
ATOM   750  C  CD  . PRO A 1 270 ? -1.167  4.082   0.999   1.00 17.49 ? 270 PRO A CD  1 
ATOM   751  N  N   . GLU A 1 271 ? -3.851  3.635   3.651   1.00 16.50 ? 271 GLU A N   1 
ATOM   752  C  CA  . GLU A 1 271 ? -5.078  3.620   4.441   1.00 17.40 ? 271 GLU A CA  1 
ATOM   753  C  C   . GLU A 1 271 ? -5.778  2.269   4.368   1.00 19.20 ? 271 GLU A C   1 
ATOM   754  O  O   . GLU A 1 271 ? -6.235  1.743   5.391   1.00 20.92 ? 271 GLU A O   1 
ATOM   755  C  CB  . GLU A 1 271 ? -6.008  4.733   3.969   1.00 17.98 ? 271 GLU A CB  1 
ATOM   756  C  CG  . GLU A 1 271 ? -7.280  4.852   4.772   1.00 22.41 ? 271 GLU A CG  1 
ATOM   757  C  CD  . GLU A 1 271 ? -8.144  5.996   4.305   1.00 33.17 ? 271 GLU A CD  1 
ATOM   758  O  OE1 . GLU A 1 271 ? -7.747  6.680   3.342   1.00 31.38 ? 271 GLU A OE1 1 
ATOM   759  O  OE2 . GLU A 1 271 ? -9.226  6.200   4.889   1.00 25.61 ? 271 GLU A OE2 1 
ATOM   760  N  N   . ARG A 1 272 ? -5.885  1.693   3.168   1.00 15.92 ? 272 ARG A N   1 
ATOM   761  C  CA  . ARG A 1 272 ? -6.530  0.390   3.041   1.00 15.56 ? 272 ARG A CA  1 
ATOM   762  C  C   . ARG A 1 272 ? -5.733  -0.689  3.761   1.00 22.16 ? 272 ARG A C   1 
ATOM   763  O  O   . ARG A 1 272 ? -6.313  -1.577  4.397   1.00 26.23 ? 272 ARG A O   1 
ATOM   764  C  CB  . ARG A 1 272 ? -6.717  0.026   1.568   1.00 21.82 ? 272 ARG A CB  1 
ATOM   765  C  CG  . ARG A 1 272 ? -6.990  -1.454  1.343   1.00 17.18 ? 272 ARG A CG  1 
ATOM   766  C  CD  . ARG A 1 272 ? -7.976  -1.692  0.216   1.00 18.25 ? 272 ARG A CD  1 
ATOM   767  N  NE  . ARG A 1 272 ? -8.481  -3.059  0.231   1.00 31.97 ? 272 ARG A NE  1 
ATOM   768  C  CZ  . ARG A 1 272 ? -8.128  -4.002  -0.631  1.00 20.40 ? 272 ARG A CZ  1 
ATOM   769  N  NH1 . ARG A 1 272 ? -7.253  -3.765  -1.594  1.00 25.93 ? 272 ARG A NH1 1 
ATOM   770  N  NH2 . ARG A 1 272 ? -8.662  -5.213  -0.520  1.00 21.01 ? 272 ARG A NH2 1 
ATOM   771  N  N   . VAL A 1 273 ? -4.403  -0.634  3.670   1.00 20.53 ? 273 VAL A N   1 
ATOM   772  C  CA  . VAL A 1 273 ? -3.570  -1.601  4.382   1.00 22.99 ? 273 VAL A CA  1 
ATOM   773  C  C   . VAL A 1 273 ? -3.759  -1.454  5.886   1.00 23.63 ? 273 VAL A C   1 
ATOM   774  O  O   . VAL A 1 273 ? -3.838  -2.450  6.616   1.00 30.72 ? 273 VAL A O   1 
ATOM   775  C  CB  . VAL A 1 273 ? -2.094  -1.443  3.972   1.00 18.21 ? 273 VAL A CB  1 
ATOM   776  C  CG1 . VAL A 1 273 ? -1.212  -2.378  4.783   1.00 18.24 ? 273 VAL A CG1 1 
ATOM   777  C  CG2 . VAL A 1 273 ? -1.927  -1.714  2.487   1.00 17.98 ? 273 VAL A CG2 1 
ATOM   778  N  N   . THR A 1 274 ? -3.839  -0.213  6.373   1.00 22.91 ? 274 THR A N   1 
ATOM   779  C  CA  . THR A 1 274 ? -4.095  0.014   7.791   1.00 25.11 ? 274 THR A CA  1 
ATOM   780  C  C   . THR A 1 274 ? -5.435  -0.575  8.209   1.00 25.94 ? 274 THR A C   1 
ATOM   781  O  O   . THR A 1 274 ? -5.537  -1.229  9.253   1.00 35.37 ? 274 THR A O   1 
ATOM   782  C  CB  . THR A 1 274 ? -4.064  1.511   8.098   1.00 23.89 ? 274 THR A CB  1 
ATOM   783  O  OG1 . THR A 1 274 ? -2.810  2.063   7.684   1.00 30.58 ? 274 THR A OG1 1 
ATOM   784  C  CG2 . THR A 1 274 ? -4.249  1.756   9.585   1.00 25.58 ? 274 THR A CG2 1 
ATOM   785  N  N   . ARG A 1 275 ? -6.472  -0.357  7.399   1.00 24.74 ? 275 ARG A N   1 
ATOM   786  C  CA  . ARG A 1 275 ? -7.793  -0.889  7.720   1.00 23.95 ? 275 ARG A CA  1 
ATOM   787  C  C   . ARG A 1 275 ? -7.790  -2.415  7.732   1.00 30.62 ? 275 ARG A C   1 
ATOM   788  O  O   . ARG A 1 275 ? -8.387  -3.038  8.618   1.00 38.97 ? 275 ARG A O   1 
ATOM   789  C  CB  . ARG A 1 275 ? -8.820  -0.355  6.722   1.00 24.81 ? 275 ARG A CB  1 
ATOM   790  C  CG  . ARG A 1 275 ? -10.144 -1.095  6.716   1.00 30.00 ? 275 ARG A CG  1 
ATOM   791  C  CD  . ARG A 1 275 ? -11.250 -0.267  6.075   1.00 31.50 ? 275 ARG A CD  1 
ATOM   792  N  NE  . ARG A 1 275 ? -11.247 -0.357  4.619   1.00 38.09 ? 275 ARG A NE  1 
ATOM   793  C  CZ  . ARG A 1 275 ? -10.568 0.448   3.812   1.00 33.66 ? 275 ARG A CZ  1 
ATOM   794  N  NH1 . ARG A 1 275 ? -9.835  1.444   4.281   1.00 27.97 ? 275 ARG A NH1 1 
ATOM   795  N  NH2 . ARG A 1 275 ? -10.635 0.255   2.497   1.00 25.39 ? 275 ARG A NH2 1 
ATOM   796  N  N   . LEU A 1 276 ? -7.121  -3.032  6.755   1.00 31.49 ? 276 LEU A N   1 
ATOM   797  C  CA  . LEU A 1 276 ? -7.059  -4.490  6.701   1.00 31.00 ? 276 LEU A CA  1 
ATOM   798  C  C   . LEU A 1 276 ? -6.291  -5.058  7.887   1.00 31.51 ? 276 LEU A C   1 
ATOM   799  O  O   . LEU A 1 276 ? -6.661  -6.104  8.431   1.00 37.67 ? 276 LEU A O   1 
ATOM   800  C  CB  . LEU A 1 276 ? -6.425  -4.945  5.386   1.00 26.64 ? 276 LEU A CB  1 
ATOM   801  C  CG  . LEU A 1 276 ? -7.182  -4.621  4.097   1.00 29.85 ? 276 LEU A CG  1 
ATOM   802  C  CD1 . LEU A 1 276 ? -6.266  -4.755  2.894   1.00 27.96 ? 276 LEU A CD1 1 
ATOM   803  C  CD2 . LEU A 1 276 ? -8.399  -5.515  3.947   1.00 26.20 ? 276 LEU A CD2 1 
ATOM   804  N  N   . ARG A 1 277 ? -5.208  -4.392  8.293   1.00 29.08 ? 277 ARG A N   1 
ATOM   805  C  CA  . ARG A 1 277 ? -4.460  -4.852  9.457   1.00 35.08 ? 277 ARG A CA  1 
ATOM   806  C  C   . ARG A 1 277 ? -5.270  -4.692  10.737  1.00 40.67 ? 277 ARG A C   1 
ATOM   807  O  O   . ARG A 1 277 ? -5.208  -5.548  11.628  1.00 45.38 ? 277 ARG A O   1 
ATOM   808  C  CB  . ARG A 1 277 ? -3.128  -4.111  9.554   1.00 37.11 ? 277 ARG A CB  1 
ATOM   809  C  CG  . ARG A 1 277 ? -2.136  -4.510  8.476   1.00 32.98 ? 277 ARG A CG  1 
ATOM   810  C  CD  . ARG A 1 277 ? -0.853  -3.708  8.567   1.00 33.21 ? 277 ARG A CD  1 
ATOM   811  N  NE  . ARG A 1 277 ? -0.160  -3.936  9.829   1.00 40.89 ? 277 ARG A NE  1 
ATOM   812  C  CZ  . ARG A 1 277 ? 0.668   -4.945  10.058  1.00 38.10 ? 277 ARG A CZ  1 
ATOM   813  N  NH1 . ARG A 1 277 ? 0.903   -5.869  9.142   1.00 34.78 ? 277 ARG A NH1 1 
ATOM   814  N  NH2 . ARG A 1 277 ? 1.268   -5.034  11.242  1.00 40.60 ? 277 ARG A NH2 1 
ATOM   815  N  N   . MET A 1 278 ? -6.029  -3.598  10.855  1.00 47.59 ? 278 MET A N   1 
ATOM   816  C  CA  . MET A 1 278 ? -6.905  -3.433  12.012  1.00 41.65 ? 278 MET A CA  1 
ATOM   817  C  C   . MET A 1 278 ? -7.977  -4.516  12.051  1.00 43.50 ? 278 MET A C   1 
ATOM   818  O  O   . MET A 1 278 ? -8.278  -5.062  13.119  1.00 51.01 ? 278 MET A O   1 
ATOM   819  C  CB  . MET A 1 278 ? -7.545  -2.046  12.001  1.00 39.57 ? 278 MET A CB  1 
ATOM   820  C  CG  . MET A 1 278 ? -6.564  -0.901  12.185  1.00 44.88 ? 278 MET A CG  1 
ATOM   821  S  SD  . MET A 1 278 ? -5.697  -0.986  13.762  1.00 66.93 ? 278 MET A SD  1 
ATOM   822  C  CE  . MET A 1 278 ? -7.033  -0.620  14.896  1.00 44.22 ? 278 MET A CE  1 
ATOM   823  N  N   . ASN A 1 279 ? -8.564  -4.840  10.898  1.00 40.38 ? 279 ASN A N   1 
ATOM   824  C  CA  . ASN A 1 279 ? -9.601  -5.863  10.859  1.00 40.28 ? 279 ASN A CA  1 
ATOM   825  C  C   . ASN A 1 279 ? -9.036  -7.273  10.979  1.00 45.77 ? 279 ASN A C   1 
ATOM   826  O  O   . ASN A 1 279 ? -9.808  -8.214  11.189  1.00 44.27 ? 279 ASN A O   1 
ATOM   827  C  CB  . ASN A 1 279 ? -10.417 -5.737  9.572   1.00 42.90 ? 279 ASN A CB  1 
ATOM   828  C  CG  . ASN A 1 279 ? -11.086 -4.384  9.436   1.00 44.96 ? 279 ASN A CG  1 
ATOM   829  O  OD1 . ASN A 1 279 ? -10.952 -3.523  10.305  1.00 42.38 ? 279 ASN A OD1 1 
ATOM   830  N  ND2 . ASN A 1 279 ? -11.812 -4.191  8.342   1.00 46.54 ? 279 ASN A ND2 1 
ATOM   831  N  N   . HIS A 1 280 ? -7.718  -7.435  10.852  1.00 47.63 ? 280 HIS A N   1 
ATOM   832  C  CA  . HIS A 1 280 ? -7.059  -8.740  10.930  1.00 42.30 ? 280 HIS A CA  1 
ATOM   833  C  C   . HIS A 1 280 ? -7.677  -9.728  9.943   1.00 45.44 ? 280 HIS A C   1 
ATOM   834  O  O   . HIS A 1 280 ? -7.993  -10.871 10.279  1.00 46.47 ? 280 HIS A O   1 
ATOM   835  C  CB  . HIS A 1 280 ? -7.101  -9.293  12.356  1.00 43.76 ? 280 HIS A CB  1 
ATOM   836  C  CG  . HIS A 1 280 ? -6.480  -8.388  13.374  1.00 44.83 ? 280 HIS A CG  1 
ATOM   837  N  ND1 . HIS A 1 280 ? -5.119  -8.195  13.467  1.00 45.95 ? 280 HIS A ND1 1 
ATOM   838  C  CD2 . HIS A 1 280 ? -7.035  -7.628  14.347  1.00 42.76 ? 280 HIS A CD2 1 
ATOM   839  C  CE1 . HIS A 1 280 ? -4.863  -7.352  14.452  1.00 43.24 ? 280 HIS A CE1 1 
ATOM   840  N  NE2 . HIS A 1 280 ? -6.008  -6.992  15.002  1.00 46.34 ? 280 HIS A NE2 1 
ATOM   841  N  N   . VAL A 1 281 ? -7.856  -9.269  8.704   1.00 44.18 ? 281 VAL A N   1 
ATOM   842  C  CA  . VAL A 1 281 ? -8.481  -10.097 7.682   1.00 43.70 ? 281 VAL A CA  1 
ATOM   843  C  C   . VAL A 1 281 ? -7.562  -11.254 7.317   1.00 46.17 ? 281 VAL A C   1 
ATOM   844  O  O   . VAL A 1 281 ? -6.332  -11.113 7.272   1.00 44.83 ? 281 VAL A O   1 
ATOM   845  C  CB  . VAL A 1 281 ? -8.834  -9.250  6.446   1.00 44.62 ? 281 VAL A CB  1 
ATOM   846  C  CG1 . VAL A 1 281 ? -9.837  -8.172  6.815   1.00 42.77 ? 281 VAL A CG1 1 
ATOM   847  C  CG2 . VAL A 1 281 ? -7.584  -8.624  5.852   1.00 42.82 ? 281 VAL A CG2 1 
ATOM   848  N  N   . THR A 1 282 ? -8.158  -12.418 7.073   1.00 45.70 ? 282 THR A N   1 
ATOM   849  C  CA  . THR A 1 282 ? -7.415  -13.597 6.651   1.00 42.10 ? 282 THR A CA  1 
ATOM   850  C  C   . THR A 1 282 ? -7.328  -13.724 5.139   1.00 42.44 ? 282 THR A C   1 
ATOM   851  O  O   . THR A 1 282 ? -6.613  -14.602 4.643   1.00 48.34 ? 282 THR A O   1 
ATOM   852  C  CB  . THR A 1 282 ? -8.053  -14.862 7.234   1.00 47.36 ? 282 THR A CB  1 
ATOM   853  O  OG1 . THR A 1 282 ? -9.421  -14.944 6.816   1.00 50.21 ? 282 THR A OG1 1 
ATOM   854  C  CG2 . THR A 1 282 ? -7.995  -14.833 8.752   1.00 44.32 ? 282 THR A CG2 1 
ATOM   855  N  N   . SER A 1 283 ? -8.030  -12.872 4.397   1.00 37.75 ? 283 SER A N   1 
ATOM   856  C  CA  . SER A 1 283 ? -7.982  -12.892 2.944   1.00 41.12 ? 283 SER A CA  1 
ATOM   857  C  C   . SER A 1 283 ? -8.265  -11.489 2.433   1.00 39.88 ? 283 SER A C   1 
ATOM   858  O  O   . SER A 1 283 ? -9.079  -10.766 3.011   1.00 44.19 ? 283 SER A O   1 
ATOM   859  C  CB  . SER A 1 283 ? -8.991  -13.886 2.360   1.00 40.77 ? 283 SER A CB  1 
ATOM   860  O  OG  . SER A 1 283 ? -10.322 -13.462 2.598   1.00 43.67 ? 283 SER A OG  1 
ATOM   861  N  N   . ILE A 1 284 ? -7.588  -11.113 1.349   1.00 30.29 ? 284 ILE A N   1 
ATOM   862  C  CA  . ILE A 1 284 ? -7.765  -9.808  0.733   1.00 19.96 ? 284 ILE A CA  1 
ATOM   863  C  C   . ILE A 1 284 ? -8.004  -9.994  -0.756  1.00 21.69 ? 284 ILE A C   1 
ATOM   864  O  O   . ILE A 1 284 ? -7.646  -11.014 -1.351  1.00 37.77 ? 284 ILE A O   1 
ATOM   865  C  CB  . ILE A 1 284 ? -6.558  -8.871  0.964   1.00 29.24 ? 284 ILE A CB  1 
ATOM   866  C  CG1 . ILE A 1 284 ? -5.288  -9.476  0.365   1.00 30.92 ? 284 ILE A CG1 1 
ATOM   867  C  CG2 . ILE A 1 284 ? -6.374  -8.586  2.441   1.00 28.24 ? 284 ILE A CG2 1 
ATOM   868  C  CD1 . ILE A 1 284 ? -4.109  -8.532  0.366   1.00 29.35 ? 284 ILE A CD1 1 
ATOM   869  N  N   . ILE A 1 285 ? -8.626  -8.984  -1.356  1.00 15.24 ? 285 ILE A N   1 
ATOM   870  C  CA  . ILE A 1 285 ? -8.846  -8.923  -2.794  1.00 17.31 ? 285 ILE A CA  1 
ATOM   871  C  C   . ILE A 1 285 ? -7.995  -7.791  -3.344  1.00 23.55 ? 285 ILE A C   1 
ATOM   872  O  O   . ILE A 1 285 ? -8.093  -6.650  -2.879  1.00 20.73 ? 285 ILE A O   1 
ATOM   873  C  CB  . ILE A 1 285 ? -10.330 -8.718  -3.138  1.00 17.87 ? 285 ILE A CB  1 
ATOM   874  C  CG1 . ILE A 1 285 ? -11.148 -9.938  -2.714  1.00 24.68 ? 285 ILE A CG1 1 
ATOM   875  C  CG2 . ILE A 1 285 ? -10.496 -8.460  -4.623  1.00 12.56 ? 285 ILE A CG2 1 
ATOM   876  C  CD1 . ILE A 1 285 ? -12.642 -9.747  -2.833  1.00 17.97 ? 285 ILE A CD1 1 
ATOM   877  N  N   . VAL A 1 286 ? -7.165  -8.108  -4.330  1.00 20.55 ? 286 VAL A N   1 
ATOM   878  C  CA  . VAL A 1 286 ? -6.206  -7.177  -4.905  1.00 13.43 ? 286 VAL A CA  1 
ATOM   879  C  C   . VAL A 1 286 ? -6.518  -7.026  -6.385  1.00 8.89  ? 286 VAL A C   1 
ATOM   880  O  O   . VAL A 1 286 ? -6.699  -8.024  -7.091  1.00 28.27 ? 286 VAL A O   1 
ATOM   881  C  CB  . VAL A 1 286 ? -4.761  -7.660  -4.688  1.00 21.09 ? 286 VAL A CB  1 
ATOM   882  C  CG1 . VAL A 1 286 ? -3.792  -6.780  -5.433  1.00 25.70 ? 286 VAL A CG1 1 
ATOM   883  C  CG2 . VAL A 1 286 ? -4.433  -7.680  -3.206  1.00 20.50 ? 286 VAL A CG2 1 
ATOM   884  N  N   . CYS A 1 287 ? -6.592  -5.782  -6.847  1.00 9.64  ? 287 CYS A N   1 
ATOM   885  C  CA  . CYS A 1 287 ? -6.887  -5.497  -8.241  1.00 22.90 ? 287 CYS A CA  1 
ATOM   886  C  C   . CYS A 1 287 ? -5.642  -5.702  -9.102  1.00 16.83 ? 287 CYS A C   1 
ATOM   887  O  O   . CYS A 1 287 ? -4.544  -5.971  -8.608  1.00 21.00 ? 287 CYS A O   1 
ATOM   888  C  CB  . CYS A 1 287 ? -7.416  -4.075  -8.388  1.00 20.50 ? 287 CYS A CB  1 
ATOM   889  S  SG  . CYS A 1 287 ? -6.120  -2.836  -8.295  1.00 27.31 ? 287 CYS A SG  1 
ATOM   890  N  N   . SER A 1 288 ? -5.817  -5.564  -10.417 1.00 25.18 ? 288 SER A N   1 
ATOM   891  C  CA  . SER A 1 288 ? -4.730  -5.770  -11.364 1.00 17.17 ? 288 SER A CA  1 
ATOM   892  C  C   . SER A 1 288 ? -3.769  -4.590  -11.439 1.00 19.37 ? 288 SER A C   1 
ATOM   893  O  O   . SER A 1 288 ? -2.682  -4.738  -12.005 1.00 29.71 ? 288 SER A O   1 
ATOM   894  C  CB  . SER A 1 288 ? -5.297  -6.061  -12.756 1.00 15.16 ? 288 SER A CB  1 
ATOM   895  O  OG  . SER A 1 288 ? -6.007  -4.946  -13.265 1.00 31.69 ? 288 SER A OG  1 
ATOM   896  N  N   . SER A 1 289 ? -4.136  -3.433  -10.886 1.00 28.96 ? 289 SER A N   1 
ATOM   897  C  CA  . SER A 1 289 ? -3.218  -2.302  -10.829 1.00 17.66 ? 289 SER A CA  1 
ATOM   898  C  C   . SER A 1 289 ? -2.122  -2.493  -9.790  1.00 22.39 ? 289 SER A C   1 
ATOM   899  O  O   . SER A 1 289 ? -1.199  -1.674  -9.729  1.00 34.30 ? 289 SER A O   1 
ATOM   900  C  CB  . SER A 1 289 ? -3.988  -1.013  -10.540 1.00 20.00 ? 289 SER A CB  1 
ATOM   901  O  OG  . SER A 1 289 ? -4.651  -0.546  -11.699 1.00 32.69 ? 289 SER A OG  1 
ATOM   902  N  N   . PHE A 1 290 ? -2.210  -3.541  -8.978  1.00 20.39 ? 290 PHE A N   1 
ATOM   903  C  CA  . PHE A 1 290 ? -1.225  -3.888  -7.965  1.00 15.11 ? 290 PHE A CA  1 
ATOM   904  C  C   . PHE A 1 290 ? -0.509  -5.156  -8.416  1.00 16.97 ? 290 PHE A C   1 
ATOM   905  O  O   . PHE A 1 290 ? -0.870  -6.258  -7.981  1.00 27.66 ? 290 PHE A O   1 
ATOM   906  C  CB  . PHE A 1 290 ? -1.911  -4.091  -6.614  1.00 13.31 ? 290 PHE A CB  1 
ATOM   907  C  CG  . PHE A 1 290 ? -0.989  -3.990  -5.433  1.00 17.47 ? 290 PHE A CG  1 
ATOM   908  C  CD1 . PHE A 1 290 ? -0.243  -2.847  -5.214  1.00 11.98 ? 290 PHE A CD1 1 
ATOM   909  C  CD2 . PHE A 1 290 ? -0.881  -5.036  -4.531  1.00 13.05 ? 290 PHE A CD2 1 
ATOM   910  C  CE1 . PHE A 1 290 ? 0.596   -2.751  -4.123  1.00 17.95 ? 290 PHE A CE1 1 
ATOM   911  C  CE2 . PHE A 1 290 ? -0.043  -4.945  -3.440  1.00 13.40 ? 290 PHE A CE2 1 
ATOM   912  C  CZ  . PHE A 1 290 ? 0.697   -3.802  -3.237  1.00 11.00 ? 290 PHE A CZ  1 
ATOM   913  N  N   . PRO A 1 291 ? 0.492   -5.044  -9.293  1.00 14.96 ? 291 PRO A N   1 
ATOM   914  C  CA  . PRO A 1 291 ? 1.078   -6.242  -9.910  1.00 11.93 ? 291 PRO A CA  1 
ATOM   915  C  C   . PRO A 1 291 ? 1.665   -7.193  -8.878  1.00 15.82 ? 291 PRO A C   1 
ATOM   916  O  O   . PRO A 1 291 ? 2.432   -6.799  -8.001  1.00 22.30 ? 291 PRO A O   1 
ATOM   917  C  CB  . PRO A 1 291 ? 2.167   -5.670  -10.826 1.00 20.25 ? 291 PRO A CB  1 
ATOM   918  C  CG  . PRO A 1 291 ? 1.783   -4.248  -11.043 1.00 25.33 ? 291 PRO A CG  1 
ATOM   919  C  CD  . PRO A 1 291 ? 1.126   -3.809  -9.777  1.00 17.57 ? 291 PRO A CD  1 
ATOM   920  N  N   . LEU A 1 292 ? 1.317   -8.466  -9.020  1.00 21.56 ? 292 LEU A N   1 
ATOM   921  C  CA  . LEU A 1 292 ? 1.710   -9.504  -8.079  1.00 17.53 ? 292 LEU A CA  1 
ATOM   922  C  C   . LEU A 1 292 ? 2.421   -10.638 -8.807  1.00 23.29 ? 292 LEU A C   1 
ATOM   923  O  O   . LEU A 1 292 ? 2.360   -10.714 -10.042 1.00 32.39 ? 292 LEU A O   1 
ATOM   924  C  CB  . LEU A 1 292 ? 0.482   -10.026 -7.328  1.00 23.88 ? 292 LEU A CB  1 
ATOM   925  C  CG  . LEU A 1 292 ? -0.101  -9.088  -6.277  1.00 20.71 ? 292 LEU A CG  1 
ATOM   926  C  CD1 . LEU A 1 292 ? -1.404  -9.648  -5.745  1.00 18.52 ? 292 LEU A CD1 1 
ATOM   927  C  CD2 . LEU A 1 292 ? 0.900   -8.888  -5.152  1.00 18.66 ? 292 LEU A CD2 1 
ATOM   928  N  N   . PRO A 1 293 ? 3.120   -11.520 -8.089  1.00 29.92 ? 293 PRO A N   1 
ATOM   929  C  CA  . PRO A 1 293 ? 3.751   -12.685 -8.731  1.00 26.57 ? 293 PRO A CA  1 
ATOM   930  C  C   . PRO A 1 293 ? 2.710   -13.602 -9.362  1.00 26.75 ? 293 PRO A C   1 
ATOM   931  O  O   . PRO A 1 293 ? 1.615   -13.779 -8.827  1.00 34.67 ? 293 PRO A O   1 
ATOM   932  C  CB  . PRO A 1 293 ? 4.483   -13.374 -7.574  1.00 30.09 ? 293 PRO A CB  1 
ATOM   933  C  CG  . PRO A 1 293 ? 4.690   -12.301 -6.566  1.00 27.10 ? 293 PRO A CG  1 
ATOM   934  C  CD  . PRO A 1 293 ? 3.500   -11.408 -6.669  1.00 26.46 ? 293 PRO A CD  1 
ATOM   935  N  N   . LYS A 1 294 ? 3.066   -14.184 -10.507 1.00 41.22 ? 294 LYS A N   1 
ATOM   936  C  CA  . LYS A 1 294 ? 2.150   -15.004 -11.292 1.00 38.89 ? 294 LYS A CA  1 
ATOM   937  C  C   . LYS A 1 294 ? 1.745   -16.288 -10.578 1.00 35.33 ? 294 LYS A C   1 
ATOM   938  O  O   . LYS A 1 294 ? 0.805   -16.963 -11.009 1.00 45.53 ? 294 LYS A O   1 
ATOM   939  C  CB  . LYS A 1 294 ? 2.776   -15.328 -12.651 1.00 41.12 ? 294 LYS A CB  1 
ATOM   940  C  CG  . LYS A 1 294 ? 2.862   -14.124 -13.579 1.00 43.53 ? 294 LYS A CG  1 
ATOM   941  C  CD  . LYS A 1 294 ? 3.513   -14.470 -14.908 1.00 43.47 ? 294 LYS A CD  1 
ATOM   942  C  CE  . LYS A 1 294 ? 3.524   -13.264 -15.838 1.00 43.27 ? 294 LYS A CE  1 
ATOM   943  N  NZ  . LYS A 1 294 ? 4.184   -13.552 -17.142 1.00 43.47 ? 294 LYS A NZ  1 
ATOM   944  N  N   . TYR A 1 295 ? 2.438   -16.649 -9.504  1.00 28.65 ? 295 TYR A N   1 
ATOM   945  C  CA  . TYR A 1 295 ? 2.057   -17.811 -8.716  1.00 34.28 ? 295 TYR A CA  1 
ATOM   946  C  C   . TYR A 1 295 ? 1.098   -17.411 -7.600  1.00 35.42 ? 295 TYR A C   1 
ATOM   947  O  O   . TYR A 1 295 ? 0.933   -16.234 -7.270  1.00 41.13 ? 295 TYR A O   1 
ATOM   948  C  CB  . TYR A 1 295 ? 3.288   -18.523 -8.144  1.00 34.48 ? 295 TYR A CB  1 
ATOM   949  C  CG  . TYR A 1 295 ? 4.284   -17.633 -7.435  1.00 37.29 ? 295 TYR A CG  1 
ATOM   950  C  CD1 . TYR A 1 295 ? 5.336   -17.046 -8.126  1.00 38.11 ? 295 TYR A CD1 1 
ATOM   951  C  CD2 . TYR A 1 295 ? 4.175   -17.383 -6.074  1.00 37.57 ? 295 TYR A CD2 1 
ATOM   952  C  CE1 . TYR A 1 295 ? 6.254   -16.243 -7.480  1.00 31.61 ? 295 TYR A CE1 1 
ATOM   953  C  CE2 . TYR A 1 295 ? 5.083   -16.574 -5.421  1.00 35.22 ? 295 TYR A CE2 1 
ATOM   954  C  CZ  . TYR A 1 295 ? 6.121   -16.005 -6.129  1.00 35.18 ? 295 TYR A CZ  1 
ATOM   955  O  OH  . TYR A 1 295 ? 7.028   -15.199 -5.482  1.00 34.57 ? 295 TYR A OH  1 
ATOM   956  N  N   . LYS A 1 296 ? 0.460   -18.421 -7.015  1.00 43.64 ? 296 LYS A N   1 
ATOM   957  C  CA  . LYS A 1 296 ? -0.551  -18.189 -5.994  1.00 34.74 ? 296 LYS A CA  1 
ATOM   958  C  C   . LYS A 1 296 ? 0.066   -17.620 -4.723  1.00 33.82 ? 296 LYS A C   1 
ATOM   959  O  O   . LYS A 1 296 ? 1.162   -18.012 -4.314  1.00 36.83 ? 296 LYS A O   1 
ATOM   960  C  CB  . LYS A 1 296 ? -1.290  -19.490 -5.675  1.00 38.62 ? 296 LYS A CB  1 
ATOM   961  C  CG  . LYS A 1 296 ? -2.580  -19.300 -4.893  1.00 42.01 ? 296 LYS A CG  1 
ATOM   962  C  CD  . LYS A 1 296 ? -3.720  -18.858 -5.792  1.00 40.36 ? 296 LYS A CD  1 
ATOM   963  C  CE  . LYS A 1 296 ? -4.941  -18.472 -4.975  1.00 38.54 ? 296 LYS A CE  1 
ATOM   964  N  NZ  . LYS A 1 296 ? -4.984  -17.012 -4.693  1.00 36.26 ? 296 LYS A NZ  1 
ATOM   965  N  N   . ILE A 1 297 ? -0.650  -16.688 -4.101  1.00 39.13 ? 297 ILE A N   1 
ATOM   966  C  CA  . ILE A 1 297 ? -0.295  -16.142 -2.799  1.00 37.60 ? 297 ILE A CA  1 
ATOM   967  C  C   . ILE A 1 297 ? -1.442  -16.438 -1.846  1.00 37.96 ? 297 ILE A C   1 
ATOM   968  O  O   . ILE A 1 297 ? -2.602  -16.146 -2.156  1.00 31.74 ? 297 ILE A O   1 
ATOM   969  C  CB  . ILE A 1 297 ? -0.016  -14.629 -2.866  1.00 33.25 ? 297 ILE A CB  1 
ATOM   970  C  CG1 . ILE A 1 297 ? 1.145   -14.340 -3.817  1.00 30.22 ? 297 ILE A CG1 1 
ATOM   971  C  CG2 . ILE A 1 297 ? 0.288   -14.084 -1.482  1.00 32.53 ? 297 ILE A CG2 1 
ATOM   972  C  CD1 . ILE A 1 297 ? 1.289   -12.881 -4.168  1.00 38.05 ? 297 ILE A CD1 1 
ATOM   973  N  N   . GLU A 1 298 ? -1.118  -17.025 -0.697  1.00 42.18 ? 298 GLU A N   1 
ATOM   974  C  CA  . GLU A 1 298 ? -2.148  -17.422 0.254   1.00 43.25 ? 298 GLU A CA  1 
ATOM   975  C  C   . GLU A 1 298 ? -2.850  -16.194 0.820   1.00 41.25 ? 298 GLU A C   1 
ATOM   976  O  O   . GLU A 1 298 ? -2.201  -15.251 1.280   1.00 41.41 ? 298 GLU A O   1 
ATOM   977  C  CB  . GLU A 1 298 ? -1.534  -18.249 1.383   1.00 43.62 ? 298 GLU A CB  1 
ATOM   978  C  CG  . GLU A 1 298 ? -2.540  -18.755 2.404   1.00 45.36 ? 298 GLU A CG  1 
ATOM   979  C  CD  . GLU A 1 298 ? -3.520  -19.753 1.815   1.00 46.72 ? 298 GLU A CD  1 
ATOM   980  O  OE1 . GLU A 1 298 ? -3.164  -20.427 0.826   1.00 46.52 ? 298 GLU A OE1 1 
ATOM   981  O  OE2 . GLU A 1 298 ? -4.647  -19.863 2.342   1.00 45.46 ? 298 GLU A OE2 1 
ATOM   982  N  N   . GLY A 1 299 ? -4.180  -16.211 0.787   1.00 39.19 ? 299 GLY A N   1 
ATOM   983  C  CA  . GLY A 1 299 ? -4.966  -15.112 1.308   1.00 38.20 ? 299 GLY A CA  1 
ATOM   984  C  C   . GLY A 1 299 ? -5.127  -13.932 0.378   1.00 38.83 ? 299 GLY A C   1 
ATOM   985  O  O   . GLY A 1 299 ? -5.600  -12.880 0.821   1.00 44.05 ? 299 GLY A O   1 
ATOM   986  N  N   . VAL A 1 300 ? -4.744  -14.063 -0.888  1.00 30.25 ? 300 VAL A N   1 
ATOM   987  C  CA  . VAL A 1 300 ? -4.833  -12.977 -1.856  1.00 29.76 ? 300 VAL A CA  1 
ATOM   988  C  C   . VAL A 1 300 ? -5.604  -13.474 -3.068  1.00 24.23 ? 300 VAL A C   1 
ATOM   989  O  O   . VAL A 1 300 ? -5.287  -14.535 -3.617  1.00 40.43 ? 300 VAL A O   1 
ATOM   990  C  CB  . VAL A 1 300 ? -3.439  -12.467 -2.273  1.00 29.47 ? 300 VAL A CB  1 
ATOM   991  C  CG1 . VAL A 1 300 ? -3.561  -11.440 -3.386  1.00 26.33 ? 300 VAL A CG1 1 
ATOM   992  C  CG2 . VAL A 1 300 ? -2.703  -11.886 -1.077  1.00 23.55 ? 300 VAL A CG2 1 
ATOM   993  N  N   . GLN A 1 301 ? -6.612  -12.711 -3.486  1.00 20.28 ? 301 GLN A N   1 
ATOM   994  C  CA  . GLN A 1 301 ? -7.407  -13.036 -4.665  1.00 20.67 ? 301 GLN A CA  1 
ATOM   995  C  C   . GLN A 1 301 ? -7.275  -11.899 -5.667  1.00 18.52 ? 301 GLN A C   1 
ATOM   996  O  O   . GLN A 1 301 ? -7.610  -10.753 -5.357  1.00 31.47 ? 301 GLN A O   1 
ATOM   997  C  CB  . GLN A 1 301 ? -8.871  -13.267 -4.291  1.00 29.05 ? 301 GLN A CB  1 
ATOM   998  C  CG  . GLN A 1 301 ? -9.693  -13.922 -5.383  1.00 25.52 ? 301 GLN A CG  1 
ATOM   999  C  CD  . GLN A 1 301 ? -10.784 -14.814 -4.828  1.00 33.79 ? 301 GLN A CD  1 
ATOM   1000 O  OE1 . GLN A 1 301 ? -11.294 -14.580 -3.733  1.00 33.86 ? 301 GLN A OE1 1 
ATOM   1001 N  NE2 . GLN A 1 301 ? -11.145 -15.847 -5.580  1.00 29.96 ? 301 GLN A NE2 1 
ATOM   1002 N  N   . LYS A 1 302 ? -6.798  -12.219 -6.867  1.00 20.51 ? 302 LYS A N   1 
ATOM   1003 C  CA  . LYS A 1 302 ? -6.514  -11.204 -7.871  1.00 20.32 ? 302 LYS A CA  1 
ATOM   1004 C  C   . LYS A 1 302 ? -7.723  -10.994 -8.774  1.00 20.26 ? 302 LYS A C   1 
ATOM   1005 O  O   . LYS A 1 302 ? -8.252  -11.949 -9.351  1.00 28.94 ? 302 LYS A O   1 
ATOM   1006 C  CB  . LYS A 1 302 ? -5.299  -11.616 -8.700  1.00 23.99 ? 302 LYS A CB  1 
ATOM   1007 C  CG  . LYS A 1 302 ? -4.055  -11.886 -7.874  1.00 26.89 ? 302 LYS A CG  1 
ATOM   1008 C  CD  . LYS A 1 302 ? -2.937  -12.453 -8.730  1.00 28.16 ? 302 LYS A CD  1 
ATOM   1009 C  CE  . LYS A 1 302 ? -1.743  -12.847 -7.879  1.00 30.71 ? 302 LYS A CE  1 
ATOM   1010 N  NZ  . LYS A 1 302 ? -0.648  -13.434 -8.696  1.00 31.36 ? 302 LYS A NZ  1 
ATOM   1011 N  N   . VAL A 1 303 ? -8.158  -9.741  -8.900  1.00 11.77 ? 303 VAL A N   1 
ATOM   1012 C  CA  . VAL A 1 303 ? -9.282  -9.375  -9.749  1.00 19.14 ? 303 VAL A CA  1 
ATOM   1013 C  C   . VAL A 1 303 ? -8.854  -8.233  -10.661 1.00 12.18 ? 303 VAL A C   1 
ATOM   1014 O  O   . VAL A 1 303 ? -7.853  -7.558  -10.425 1.00 25.39 ? 303 VAL A O   1 
ATOM   1015 C  CB  . VAL A 1 303 ? -10.535 -8.979  -8.939  1.00 20.65 ? 303 VAL A CB  1 
ATOM   1016 C  CG1 . VAL A 1 303 ? -10.939 -10.099 -7.993  1.00 5.37  ? 303 VAL A CG1 1 
ATOM   1017 C  CG2 . VAL A 1 303 ? -10.288 -7.686  -8.175  1.00 22.14 ? 303 VAL A CG2 1 
ATOM   1018 N  N   . LYS A 1 304 ? -9.624  -8.036  -11.727 1.00 16.63 ? 304 LYS A N   1 
ATOM   1019 C  CA  . LYS A 1 304 ? -9.360  -6.935  -12.641 1.00 18.91 ? 304 LYS A CA  1 
ATOM   1020 C  C   . LYS A 1 304 ? -9.665  -5.601  -11.971 1.00 27.25 ? 304 LYS A C   1 
ATOM   1021 O  O   . LYS A 1 304 ? -10.649 -5.465  -11.240 1.00 36.21 ? 304 LYS A O   1 
ATOM   1022 C  CB  . LYS A 1 304 ? -10.194 -7.096  -13.913 1.00 25.88 ? 304 LYS A CB  1 
ATOM   1023 C  CG  . LYS A 1 304 ? -10.399 -5.812  -14.698 1.00 26.10 ? 304 LYS A CG  1 
ATOM   1024 C  CD  . LYS A 1 304 ? -10.952 -6.088  -16.085 1.00 31.64 ? 304 LYS A CD  1 
ATOM   1025 C  CE  . LYS A 1 304 ? -11.477 -4.814  -16.730 1.00 30.82 ? 304 LYS A CE  1 
ATOM   1026 N  NZ  . LYS A 1 304 ? -12.307 -4.012  -15.787 1.00 31.39 ? 304 LYS A NZ  1 
ATOM   1027 N  N   . CYS A 1 305 ? -8.806  -4.614  -12.218 1.00 30.48 ? 305 CYS A N   1 
ATOM   1028 C  CA  . CYS A 1 305 ? -9.032  -3.266  -11.719 1.00 17.67 ? 305 CYS A CA  1 
ATOM   1029 C  C   . CYS A 1 305 ? -10.104 -2.585  -12.561 1.00 23.39 ? 305 CYS A C   1 
ATOM   1030 O  O   . CYS A 1 305 ? -9.941  -2.426  -13.775 1.00 31.12 ? 305 CYS A O   1 
ATOM   1031 C  CB  . CYS A 1 305 ? -7.731  -2.465  -11.754 1.00 26.98 ? 305 CYS A CB  1 
ATOM   1032 S  SG  . CYS A 1 305 ? -7.855  -0.771  -11.146 1.00 18.79 ? 305 CYS A SG  1 
ATOM   1033 N  N   . SER A 1 306 ? -11.199 -2.177  -11.913 1.00 24.72 ? 306 SER A N   1 
ATOM   1034 C  CA  . SER A 1 306 ? -12.329 -1.618  -12.651 1.00 30.76 ? 306 SER A CA  1 
ATOM   1035 C  C   . SER A 1 306 ? -11.950 -0.316  -13.344 1.00 35.47 ? 306 SER A C   1 
ATOM   1036 O  O   . SER A 1 306 ? -12.339 -0.081  -14.494 1.00 43.38 ? 306 SER A O   1 
ATOM   1037 C  CB  . SER A 1 306 ? -13.517 -1.398  -11.716 1.00 29.98 ? 306 SER A CB  1 
ATOM   1038 O  OG  . SER A 1 306 ? -13.188 -0.507  -10.668 1.00 33.31 ? 306 SER A OG  1 
ATOM   1039 N  N   . LYS A 1 307 ? -11.197 0.543   -12.664 1.00 29.45 ? 307 LYS A N   1 
ATOM   1040 C  CA  . LYS A 1 307 ? -10.777 1.807   -13.252 1.00 35.51 ? 307 LYS A CA  1 
ATOM   1041 C  C   . LYS A 1 307 ? -9.436  2.196   -12.653 1.00 35.19 ? 307 LYS A C   1 
ATOM   1042 O  O   . LYS A 1 307 ? -9.215  2.018   -11.451 1.00 36.80 ? 307 LYS A O   1 
ATOM   1043 C  CB  . LYS A 1 307 ? -11.841 2.891   -13.029 1.00 36.08 ? 307 LYS A CB  1 
ATOM   1044 C  CG  . LYS A 1 307 ? -12.033 3.351   -11.595 1.00 32.42 ? 307 LYS A CG  1 
ATOM   1045 C  CD  . LYS A 1 307 ? -13.256 4.255   -11.491 1.00 39.04 ? 307 LYS A CD  1 
ATOM   1046 C  CE  . LYS A 1 307 ? -13.129 5.524   -12.322 1.00 36.92 ? 307 LYS A CE  1 
ATOM   1047 N  NZ  . LYS A 1 307 ? -12.076 6.445   -11.841 1.00 36.02 ? 307 LYS A NZ  1 
ATOM   1048 N  N   . VAL A 1 308 ? -8.541  2.707   -13.495 1.00 31.84 ? 308 VAL A N   1 
ATOM   1049 C  CA  . VAL A 1 308 ? -7.151  2.919   -13.107 1.00 31.64 ? 308 VAL A CA  1 
ATOM   1050 C  C   . VAL A 1 308 ? -6.847  4.407   -13.026 1.00 37.02 ? 308 VAL A C   1 
ATOM   1051 O  O   . VAL A 1 308 ? -7.672  5.247   -13.398 1.00 41.20 ? 308 VAL A O   1 
ATOM   1052 C  CB  . VAL A 1 308 ? -6.193  2.220   -14.089 1.00 34.18 ? 308 VAL A CB  1 
ATOM   1053 C  CG1 . VAL A 1 308 ? -6.516  0.735   -14.185 1.00 31.24 ? 308 VAL A CG1 1 
ATOM   1054 C  CG2 . VAL A 1 308 ? -6.267  2.876   -15.457 1.00 35.48 ? 308 VAL A CG2 1 
ATOM   1055 N  N   . MET A 1 309 ? -5.655  4.737   -12.540 1.00 39.55 ? 309 MET A N   1 
ATOM   1056 C  CA  . MET A 1 309 ? -5.214  6.121   -12.433 1.00 41.93 ? 309 MET A CA  1 
ATOM   1057 C  C   . MET A 1 309 ? -4.709  6.635   -13.777 1.00 43.43 ? 309 MET A C   1 
ATOM   1058 O  O   . MET A 1 309 ? -3.660  6.209   -14.261 1.00 42.79 ? 309 MET A O   1 
ATOM   1059 C  CB  . MET A 1 309 ? -4.122  6.251   -11.371 1.00 39.88 ? 309 MET A CB  1 
ATOM   1060 C  CG  . MET A 1 309 ? -3.702  7.680   -11.074 1.00 42.50 ? 309 MET A CG  1 
ATOM   1061 S  SD  . MET A 1 309 ? -5.007  8.662   -10.317 1.00 55.32 ? 309 MET A SD  1 
ATOM   1062 C  CE  . MET A 1 309 ? -4.474  10.309  -10.772 1.00 40.48 ? 309 MET A CE  1 
HETATM 1063 ZN ZN  . ZN  B 2 .   ? -7.464  -1.036  -8.867  1.00 51.80 ? 600 ZN  A ZN  1 
# 
